data_8TC2
# 
_entry.id   8TC2 
# 
_audit_conform.dict_name       mmcif_pdbx.dic 
_audit_conform.dict_version    5.383 
_audit_conform.dict_location   http://mmcif.pdb.org/dictionaries/ascii/mmcif_pdbx.dic 
# 
loop_
_database_2.database_id 
_database_2.database_code 
_database_2.pdbx_database_accession 
_database_2.pdbx_DOI 
PDB   8TC2         pdb_00008tc2 10.2210/pdb8tc2/pdb 
WWPDB D_1000275290 ?            ?                   
# 
_pdbx_database_status.status_code                     REL 
_pdbx_database_status.status_code_sf                  REL 
_pdbx_database_status.status_code_mr                  ? 
_pdbx_database_status.entry_id                        8TC2 
_pdbx_database_status.recvd_initial_deposition_date   2023-06-29 
_pdbx_database_status.SG_entry                        N 
_pdbx_database_status.deposit_site                    RCSB 
_pdbx_database_status.process_site                    RCSB 
_pdbx_database_status.status_code_cs                  ? 
_pdbx_database_status.status_code_nmr_data            ? 
_pdbx_database_status.methods_development_category    ? 
_pdbx_database_status.pdb_format_compatible           Y 
# 
loop_
_audit_author.name 
_audit_author.pdbx_ordinal 
_audit_author.identifier_ORCID 
'Simmons, C.R.'      1 0000-0002-2290-6132 
'MacCulloch, T.'     2 0000-0001-5875-3361 
'Stephanopoulos, N.' 3 0000-0001-7859-410X 
'Yan, H.'            4 0000-0001-7397-9852 
# 
_citation.abstract                  ? 
_citation.abstract_id_CAS           ? 
_citation.book_id_ISBN              ? 
_citation.book_publisher            ? 
_citation.book_publisher_city       ? 
_citation.book_title                ? 
_citation.coordinate_linkage        ? 
_citation.country                   US 
_citation.database_id_Medline       ? 
_citation.details                   ? 
_citation.id                        primary 
_citation.journal_abbrev            J.Am.Chem.Soc. 
_citation.journal_id_ASTM           JACSAT 
_citation.journal_id_CSD            ? 
_citation.journal_id_ISSN           1520-5126 
_citation.journal_full              ? 
_citation.journal_issue             ? 
_citation.journal_volume            145 
_citation.language                  ? 
_citation.page_first                26075 
_citation.page_last                 26085 
_citation.title                     
;Site-Specific Arrangement and Structure Determination of Minor Groove Binding Molecules in Self-Assembled Three-Dimensional DNA Crystals.
;
_citation.year                      2023 
_citation.database_id_CSD           ? 
_citation.pdbx_database_id_DOI      10.1021/jacs.3c07802 
_citation.pdbx_database_id_PubMed   37987645 
_citation.pdbx_database_id_patent   ? 
_citation.unpublished_flag          ? 
# 
loop_
_citation_author.citation_id 
_citation_author.name 
_citation_author.ordinal 
_citation_author.identifier_ORCID 
primary 'Simmons, C.R.'      1 0000-0002-2290-6132 
primary 'Buchberger, A.'     2 ?                   
primary 'Henry, S.J.W.'      3 0000-0002-5132-3948 
primary 'Novacek, A.'        4 ?                   
primary 'Fahmi, N.E.'        5 ?                   
primary 'MacCulloch, T.'     6 ?                   
primary 'Stephanopoulos, N.' 7 0000-0001-7859-410X 
primary 'Yan, H.'            8 0000-0001-7397-9852 
# 
_cell.angle_alpha                  90.00 
_cell.angle_alpha_esd              ? 
_cell.angle_beta                   90.00 
_cell.angle_beta_esd               ? 
_cell.angle_gamma                  120.00 
_cell.angle_gamma_esd              ? 
_cell.entry_id                     8TC2 
_cell.details                      ? 
_cell.formula_units_Z              ? 
_cell.length_a                     68.752 
_cell.length_a_esd                 ? 
_cell.length_b                     68.752 
_cell.length_b_esd                 ? 
_cell.length_c                     59.870 
_cell.length_c_esd                 ? 
_cell.volume                       ? 
_cell.volume_esd                   ? 
_cell.Z_PDB                        3 
_cell.reciprocal_angle_alpha       ? 
_cell.reciprocal_angle_beta        ? 
_cell.reciprocal_angle_gamma       ? 
_cell.reciprocal_angle_alpha_esd   ? 
_cell.reciprocal_angle_beta_esd    ? 
_cell.reciprocal_angle_gamma_esd   ? 
_cell.reciprocal_length_a          ? 
_cell.reciprocal_length_b          ? 
_cell.reciprocal_length_c          ? 
_cell.reciprocal_length_a_esd      ? 
_cell.reciprocal_length_b_esd      ? 
_cell.reciprocal_length_c_esd      ? 
_cell.pdbx_unique_axis             ? 
_cell.pdbx_esd_method              ? 
# 
_symmetry.entry_id                         8TC2 
_symmetry.cell_setting                     ? 
_symmetry.Int_Tables_number                145 
_symmetry.space_group_name_Hall            ? 
_symmetry.space_group_name_H-M             'P 32' 
_symmetry.pdbx_full_space_group_name_H-M   ? 
# 
loop_
_entity.id 
_entity.type 
_entity.src_method 
_entity.pdbx_description 
_entity.formula_weight 
_entity.pdbx_number_of_molecules 
_entity.pdbx_ec 
_entity.pdbx_mutation 
_entity.pdbx_fragment 
_entity.details 
1 polymer     syn 
;DNA (5'-D(*GP*AP*GP*CP*AP*GP*AP*CP*CP*TP*GP*AP*CP*GP*AP*CP*AP*AP*TP*TP*A)-3')
;
6465.213 1 ? ? ? ? 
2 polymer     syn 
;DNA (5'-D(P*TP*CP*GP*TP*C)-3')
;
1470.998 1 ? ? ? ? 
3 polymer     syn 
;DNA (5'-D(*TP*CP*TP*AP*AP*TP*TP*G)-3')
;
2416.615 1 ? ? ? ? 
4 polymer     syn 
;DNA (5'-D(P*AP*GP*GP*TP*CP*TP*GP*C)-3')
;
2442.616 1 ? ? ? ? 
5 non-polymer syn NETROPSIN                                                                       430.464  1 ? ? ? ? 
# 
loop_
_entity_poly.entity_id 
_entity_poly.type 
_entity_poly.nstd_linkage 
_entity_poly.nstd_monomer 
_entity_poly.pdbx_seq_one_letter_code 
_entity_poly.pdbx_seq_one_letter_code_can 
_entity_poly.pdbx_strand_id 
_entity_poly.pdbx_target_identifier 
1 polydeoxyribonucleotide no no 
;(DG)(DA)(DG)(DC)(DA)(DG)(DA)(DC)(DC)(DT)(DG)(DA)(DC)(DG)(DA)(DC)(DA)(DA)(DT)(DT)
(DA)
;
GAGCAGACCTGACGACAATTA A ? 
2 polydeoxyribonucleotide no no '(DT)(DC)(DG)(DT)(DC)'                                                                  TCGTC B ? 
3 polydeoxyribonucleotide no no '(DT)(DC)(DT)(DA)(DA)(DT)(DT)(DG)'                                                      TCTAATTG C 
? 
4 polydeoxyribonucleotide no no '(DA)(DG)(DG)(DT)(DC)(DT)(DG)(DC)'                                                      AGGTCTGC D 
? 
# 
loop_
_entity_poly_seq.entity_id 
_entity_poly_seq.num 
_entity_poly_seq.mon_id 
_entity_poly_seq.hetero 
1 1  DG n 
1 2  DA n 
1 3  DG n 
1 4  DC n 
1 5  DA n 
1 6  DG n 
1 7  DA n 
1 8  DC n 
1 9  DC n 
1 10 DT n 
1 11 DG n 
1 12 DA n 
1 13 DC n 
1 14 DG n 
1 15 DA n 
1 16 DC n 
1 17 DA n 
1 18 DA n 
1 19 DT n 
1 20 DT n 
1 21 DA n 
2 1  DT n 
2 2  DC n 
2 3  DG n 
2 4  DT n 
2 5  DC n 
3 1  DT n 
3 2  DC n 
3 3  DT n 
3 4  DA n 
3 5  DA n 
3 6  DT n 
3 7  DT n 
3 8  DG n 
4 1  DA n 
4 2  DG n 
4 3  DG n 
4 4  DT n 
4 5  DC n 
4 6  DT n 
4 7  DG n 
4 8  DC n 
# 
loop_
_pdbx_entity_src_syn.entity_id 
_pdbx_entity_src_syn.pdbx_src_id 
_pdbx_entity_src_syn.pdbx_alt_source_flag 
_pdbx_entity_src_syn.pdbx_beg_seq_num 
_pdbx_entity_src_syn.pdbx_end_seq_num 
_pdbx_entity_src_syn.organism_scientific 
_pdbx_entity_src_syn.organism_common_name 
_pdbx_entity_src_syn.ncbi_taxonomy_id 
_pdbx_entity_src_syn.details 
1 1 sample 1 21 'synthetic construct' ? 32630 ? 
2 1 sample 1 5  'synthetic construct' ? 32630 ? 
3 1 sample 1 8  'synthetic construct' ? 32630 ? 
4 1 sample 1 8  'synthetic construct' ? 32630 ? 
# 
loop_
_struct_ref.id 
_struct_ref.db_name 
_struct_ref.db_code 
_struct_ref.pdbx_db_accession 
_struct_ref.pdbx_db_isoform 
_struct_ref.entity_id 
_struct_ref.pdbx_seq_one_letter_code 
_struct_ref.pdbx_align_begin 
1 PDB 8TC2 8TC2 ? 1 ? 1 
2 PDB 8TC2 8TC2 ? 2 ? 1 
3 PDB 8TC2 8TC2 ? 3 ? 1 
4 PDB 8TC2 8TC2 ? 4 ? 1 
# 
loop_
_struct_ref_seq.align_id 
_struct_ref_seq.ref_id 
_struct_ref_seq.pdbx_PDB_id_code 
_struct_ref_seq.pdbx_strand_id 
_struct_ref_seq.seq_align_beg 
_struct_ref_seq.pdbx_seq_align_beg_ins_code 
_struct_ref_seq.seq_align_end 
_struct_ref_seq.pdbx_seq_align_end_ins_code 
_struct_ref_seq.pdbx_db_accession 
_struct_ref_seq.db_align_beg 
_struct_ref_seq.pdbx_db_align_beg_ins_code 
_struct_ref_seq.db_align_end 
_struct_ref_seq.pdbx_db_align_end_ins_code 
_struct_ref_seq.pdbx_auth_seq_align_beg 
_struct_ref_seq.pdbx_auth_seq_align_end 
1 1 8TC2 A 1 ? 21 ? 8TC2 0  ? 20 ? 0  20 
2 2 8TC2 B 1 ? 5  ? 8TC2 1  ? 5  ? 1  5  
3 3 8TC2 C 1 ? 8  ? 8TC2 2  ? 9  ? 2  9  
4 4 8TC2 D 1 ? 8  ? 8TC2 10 ? 17 ? 10 17 
# 
loop_
_chem_comp.id 
_chem_comp.type 
_chem_comp.mon_nstd_flag 
_chem_comp.name 
_chem_comp.pdbx_synonyms 
_chem_comp.formula 
_chem_comp.formula_weight 
DA 'DNA linking' y "2'-DEOXYADENOSINE-5'-MONOPHOSPHATE" ? 'C10 H14 N5 O6 P' 331.222 
DC 'DNA linking' y "2'-DEOXYCYTIDINE-5'-MONOPHOSPHATE"  ? 'C9 H14 N3 O7 P'  307.197 
DG 'DNA linking' y "2'-DEOXYGUANOSINE-5'-MONOPHOSPHATE" ? 'C10 H14 N5 O7 P' 347.221 
DT 'DNA linking' y "THYMIDINE-5'-MONOPHOSPHATE"         ? 'C10 H15 N2 O8 P' 322.208 
NT non-polymer   . NETROPSIN                            ? 'C18 H26 N10 O3'  430.464 
# 
_exptl.absorpt_coefficient_mu     ? 
_exptl.absorpt_correction_T_max   ? 
_exptl.absorpt_correction_T_min   ? 
_exptl.absorpt_correction_type    ? 
_exptl.absorpt_process_details    ? 
_exptl.entry_id                   8TC2 
_exptl.crystals_number            1 
_exptl.details                    ? 
_exptl.method                     'X-RAY DIFFRACTION' 
_exptl.method_details             ? 
# 
_exptl_crystal.colour                       ? 
_exptl_crystal.density_diffrn               ? 
_exptl_crystal.density_Matthews             6.38 
_exptl_crystal.density_method               ? 
_exptl_crystal.density_percent_sol          80.73 
_exptl_crystal.description                  ? 
_exptl_crystal.F_000                        ? 
_exptl_crystal.id                           1 
_exptl_crystal.preparation                  ? 
_exptl_crystal.size_max                     ? 
_exptl_crystal.size_mid                     ? 
_exptl_crystal.size_min                     ? 
_exptl_crystal.size_rad                     ? 
_exptl_crystal.colour_lustre                ? 
_exptl_crystal.colour_modifier              ? 
_exptl_crystal.colour_primary               ? 
_exptl_crystal.density_meas                 ? 
_exptl_crystal.density_meas_esd             ? 
_exptl_crystal.density_meas_gt              ? 
_exptl_crystal.density_meas_lt              ? 
_exptl_crystal.density_meas_temp            ? 
_exptl_crystal.density_meas_temp_esd        ? 
_exptl_crystal.density_meas_temp_gt         ? 
_exptl_crystal.density_meas_temp_lt         ? 
_exptl_crystal.pdbx_crystal_image_url       ? 
_exptl_crystal.pdbx_crystal_image_format    ? 
_exptl_crystal.pdbx_mosaicity               ? 
_exptl_crystal.pdbx_mosaicity_esd           ? 
_exptl_crystal.pdbx_mosaic_method           ? 
_exptl_crystal.pdbx_mosaic_block_size       ? 
_exptl_crystal.pdbx_mosaic_block_size_esd   ? 
# 
_exptl_crystal_grow.apparatus       ? 
_exptl_crystal_grow.atmosphere      ? 
_exptl_crystal_grow.crystal_id      1 
_exptl_crystal_grow.details         ? 
_exptl_crystal_grow.method          'VAPOR DIFFUSION, SITTING DROP' 
_exptl_crystal_grow.method_ref      ? 
_exptl_crystal_grow.pH              ? 
_exptl_crystal_grow.pressure        ? 
_exptl_crystal_grow.pressure_esd    ? 
_exptl_crystal_grow.seeding         ? 
_exptl_crystal_grow.seeding_ref     ? 
_exptl_crystal_grow.temp_details    'temperature gradient generated from 60 to 25 C at 0.3 degrees per hour' 
_exptl_crystal_grow.temp_esd        ? 
_exptl_crystal_grow.time            ? 
_exptl_crystal_grow.pdbx_details    
;0.5 mL of 0.05 M Na Cacodylate pH 6.5 with 100 mM MgCl2, 2.0 mM CoH18N6, and 5% isopropanol) was added to the reservoir with 2 uL added to the drop containing 4 uL of DNA stock.
;
_exptl_crystal_grow.pdbx_pH_range   ? 
_exptl_crystal_grow.temp            298 
# 
_diffrn.ambient_environment              ? 
_diffrn.ambient_temp                     100 
_diffrn.ambient_temp_details             ? 
_diffrn.ambient_temp_esd                 ? 
_diffrn.crystal_id                       1 
_diffrn.crystal_support                  ? 
_diffrn.crystal_treatment                ? 
_diffrn.details                          ? 
_diffrn.id                               1 
_diffrn.ambient_pressure                 ? 
_diffrn.ambient_pressure_esd             ? 
_diffrn.ambient_pressure_gt              ? 
_diffrn.ambient_pressure_lt              ? 
_diffrn.ambient_temp_gt                  ? 
_diffrn.ambient_temp_lt                  ? 
_diffrn.pdbx_serial_crystal_experiment   N 
# 
_diffrn_detector.details                      ? 
_diffrn_detector.detector                     PIXEL 
_diffrn_detector.diffrn_id                    1 
_diffrn_detector.type                         'DECTRIS PILATUS3 6M' 
_diffrn_detector.area_resol_mean              ? 
_diffrn_detector.dtime                        ? 
_diffrn_detector.pdbx_frames_total            ? 
_diffrn_detector.pdbx_collection_time_total   ? 
_diffrn_detector.pdbx_collection_date         2018-12-15 
_diffrn_detector.pdbx_frequency               ? 
_diffrn_detector.id                           ? 
_diffrn_detector.number_of_axes               ? 
# 
_diffrn_radiation.collimation                      ? 
_diffrn_radiation.diffrn_id                        1 
_diffrn_radiation.filter_edge                      ? 
_diffrn_radiation.inhomogeneity                    ? 
_diffrn_radiation.monochromator                    ? 
_diffrn_radiation.polarisn_norm                    ? 
_diffrn_radiation.polarisn_ratio                   ? 
_diffrn_radiation.probe                            ? 
_diffrn_radiation.type                             ? 
_diffrn_radiation.xray_symbol                      ? 
_diffrn_radiation.wavelength_id                    1 
_diffrn_radiation.pdbx_monochromatic_or_laue_m_l   M 
_diffrn_radiation.pdbx_wavelength_list             ? 
_diffrn_radiation.pdbx_wavelength                  ? 
_diffrn_radiation.pdbx_diffrn_protocol             'SINGLE WAVELENGTH' 
_diffrn_radiation.pdbx_analyzer                    ? 
_diffrn_radiation.pdbx_scattering_type             x-ray 
# 
_diffrn_radiation_wavelength.id           1 
_diffrn_radiation_wavelength.wavelength   0.92 
_diffrn_radiation_wavelength.wt           1.0 
# 
_diffrn_source.current                     ? 
_diffrn_source.details                     ? 
_diffrn_source.diffrn_id                   1 
_diffrn_source.power                       ? 
_diffrn_source.size                        ? 
_diffrn_source.source                      SYNCHROTRON 
_diffrn_source.target                      ? 
_diffrn_source.type                        'ALS BEAMLINE 5.0.2' 
_diffrn_source.voltage                     ? 
_diffrn_source.take-off_angle              ? 
_diffrn_source.pdbx_wavelength_list        0.92 
_diffrn_source.pdbx_wavelength             ? 
_diffrn_source.pdbx_synchrotron_beamline   5.0.2 
_diffrn_source.pdbx_synchrotron_site       ALS 
# 
_reflns.B_iso_Wilson_estimate                          ? 
_reflns.entry_id                                       8TC2 
_reflns.data_reduction_details                         ? 
_reflns.data_reduction_method                          ? 
_reflns.d_resolution_high                              3.05 
_reflns.d_resolution_low                               59.54 
_reflns.details                                        ? 
_reflns.limit_h_max                                    ? 
_reflns.limit_h_min                                    ? 
_reflns.limit_k_max                                    ? 
_reflns.limit_k_min                                    ? 
_reflns.limit_l_max                                    ? 
_reflns.limit_l_min                                    ? 
_reflns.number_all                                     ? 
_reflns.number_obs                                     5931 
_reflns.observed_criterion                             ? 
_reflns.observed_criterion_F_max                       ? 
_reflns.observed_criterion_F_min                       ? 
_reflns.observed_criterion_I_max                       ? 
_reflns.observed_criterion_I_min                       ? 
_reflns.observed_criterion_sigma_F                     ? 
_reflns.observed_criterion_sigma_I                     ? 
_reflns.percent_possible_obs                           99.8 
_reflns.R_free_details                                 ? 
_reflns.Rmerge_F_all                                   ? 
_reflns.Rmerge_F_obs                                   ? 
_reflns.Friedel_coverage                               ? 
_reflns.number_gt                                      ? 
_reflns.threshold_expression                           ? 
_reflns.pdbx_redundancy                                10.1 
_reflns.pdbx_netI_over_av_sigmaI                       ? 
_reflns.pdbx_netI_over_sigmaI                          7.8 
_reflns.pdbx_res_netI_over_av_sigmaI_2                 ? 
_reflns.pdbx_res_netI_over_sigmaI_2                    ? 
_reflns.pdbx_chi_squared                               0.670 
_reflns.pdbx_scaling_rejects                           ? 
_reflns.pdbx_d_res_high_opt                            ? 
_reflns.pdbx_d_res_low_opt                             ? 
_reflns.pdbx_d_res_opt_method                          ? 
_reflns.phase_calculation_details                      ? 
_reflns.pdbx_Rrim_I_all                                0.082 
_reflns.pdbx_Rpim_I_all                                0.025 
_reflns.pdbx_d_opt                                     ? 
_reflns.pdbx_number_measured_all                       ? 
_reflns.pdbx_diffrn_id                                 1 
_reflns.pdbx_ordinal                                   1 
_reflns.pdbx_CC_half                                   0.954 
_reflns.pdbx_CC_star                                   0.988 
_reflns.pdbx_R_split                                   ? 
_reflns.pdbx_Rmerge_I_obs                              0.078 
_reflns.pdbx_Rmerge_I_all                              ? 
_reflns.pdbx_Rsym_value                                ? 
_reflns.pdbx_CC_split_method                           ? 
_reflns.pdbx_aniso_diffraction_limit_axis_1_ortho[1]   ? 
_reflns.pdbx_aniso_diffraction_limit_axis_1_ortho[2]   ? 
_reflns.pdbx_aniso_diffraction_limit_axis_1_ortho[3]   ? 
_reflns.pdbx_aniso_diffraction_limit_axis_2_ortho[1]   ? 
_reflns.pdbx_aniso_diffraction_limit_axis_2_ortho[2]   ? 
_reflns.pdbx_aniso_diffraction_limit_axis_2_ortho[3]   ? 
_reflns.pdbx_aniso_diffraction_limit_axis_3_ortho[1]   ? 
_reflns.pdbx_aniso_diffraction_limit_axis_3_ortho[2]   ? 
_reflns.pdbx_aniso_diffraction_limit_axis_3_ortho[3]   ? 
_reflns.pdbx_aniso_diffraction_limit_1                 ? 
_reflns.pdbx_aniso_diffraction_limit_2                 ? 
_reflns.pdbx_aniso_diffraction_limit_3                 ? 
_reflns.pdbx_aniso_B_tensor_eigenvector_1_ortho[1]     ? 
_reflns.pdbx_aniso_B_tensor_eigenvector_1_ortho[2]     ? 
_reflns.pdbx_aniso_B_tensor_eigenvector_1_ortho[3]     ? 
_reflns.pdbx_aniso_B_tensor_eigenvector_2_ortho[1]     ? 
_reflns.pdbx_aniso_B_tensor_eigenvector_2_ortho[2]     ? 
_reflns.pdbx_aniso_B_tensor_eigenvector_2_ortho[3]     ? 
_reflns.pdbx_aniso_B_tensor_eigenvector_3_ortho[1]     ? 
_reflns.pdbx_aniso_B_tensor_eigenvector_3_ortho[2]     ? 
_reflns.pdbx_aniso_B_tensor_eigenvector_3_ortho[3]     ? 
_reflns.pdbx_aniso_B_tensor_eigenvalue_1               ? 
_reflns.pdbx_aniso_B_tensor_eigenvalue_2               ? 
_reflns.pdbx_aniso_B_tensor_eigenvalue_3               ? 
_reflns.pdbx_orthogonalization_convention              ? 
_reflns.pdbx_percent_possible_ellipsoidal              ? 
_reflns.pdbx_percent_possible_spherical                ? 
_reflns.pdbx_percent_possible_ellipsoidal_anomalous    ? 
_reflns.pdbx_percent_possible_spherical_anomalous      ? 
_reflns.pdbx_redundancy_anomalous                      ? 
_reflns.pdbx_CC_half_anomalous                         ? 
_reflns.pdbx_absDiff_over_sigma_anomalous              ? 
_reflns.pdbx_percent_possible_anomalous                ? 
_reflns.pdbx_observed_signal_threshold                 ? 
_reflns.pdbx_signal_type                               ? 
_reflns.pdbx_signal_details                            ? 
_reflns.pdbx_signal_software_id                        ? 
# 
loop_
_reflns_shell.d_res_high 
_reflns_shell.d_res_low 
_reflns_shell.meanI_over_sigI_all 
_reflns_shell.meanI_over_sigI_obs 
_reflns_shell.number_measured_all 
_reflns_shell.number_measured_obs 
_reflns_shell.number_possible 
_reflns_shell.number_unique_all 
_reflns_shell.number_unique_obs 
_reflns_shell.percent_possible_obs 
_reflns_shell.Rmerge_F_all 
_reflns_shell.Rmerge_F_obs 
_reflns_shell.meanI_over_sigI_gt 
_reflns_shell.meanI_over_uI_all 
_reflns_shell.meanI_over_uI_gt 
_reflns_shell.number_measured_gt 
_reflns_shell.number_unique_gt 
_reflns_shell.percent_possible_gt 
_reflns_shell.Rmerge_F_gt 
_reflns_shell.Rmerge_I_gt 
_reflns_shell.pdbx_redundancy 
_reflns_shell.pdbx_chi_squared 
_reflns_shell.pdbx_netI_over_sigmaI_all 
_reflns_shell.pdbx_netI_over_sigmaI_obs 
_reflns_shell.pdbx_Rrim_I_all 
_reflns_shell.pdbx_Rpim_I_all 
_reflns_shell.pdbx_rejects 
_reflns_shell.pdbx_ordinal 
_reflns_shell.pdbx_diffrn_id 
_reflns_shell.pdbx_CC_half 
_reflns_shell.pdbx_CC_star 
_reflns_shell.pdbx_R_split 
_reflns_shell.percent_possible_all 
_reflns_shell.Rmerge_I_all 
_reflns_shell.Rmerge_I_obs 
_reflns_shell.pdbx_Rsym_value 
_reflns_shell.pdbx_percent_possible_ellipsoidal 
_reflns_shell.pdbx_percent_possible_spherical 
_reflns_shell.pdbx_percent_possible_ellipsoidal_anomalous 
_reflns_shell.pdbx_percent_possible_spherical_anomalous 
_reflns_shell.pdbx_redundancy_anomalous 
_reflns_shell.pdbx_CC_half_anomalous 
_reflns_shell.pdbx_absDiff_over_sigma_anomalous 
_reflns_shell.pdbx_percent_possible_anomalous 
3.05 3.10  ? ? ? ? ? ? 287 ? ? ? ? ? ? ? ? ? ? ? 8.6  0.660 ? ? 0.791 0.273 ? 1  1 0.854 0.960 ? 96.3  ? 0.739 ? ? ? ? ? ? ? ? ? 
3.10 3.16  ? ? ? ? ? ? 273 ? ? ? ? ? ? ? ? ? ? ? 8.7  0.578 ? ? 0.300 0.099 ? 2  1 0.991 0.998 ? 99.3  ? 0.283 ? ? ? ? ? ? ? ? ? 
3.16 3.22  ? ? ? ? ? ? 311 ? ? ? ? ? ? ? ? ? ? ? 9.5  0.904 ? ? 0.155 0.049 ? 3  1 0.996 0.999 ? 99.7  ? 0.147 ? ? ? ? ? ? ? ? ? 
3.22 3.29  ? ? ? ? ? ? 304 ? ? ? ? ? ? ? ? ? ? ? 9.9  0.949 ? ? 0.120 0.037 ? 4  1 0.998 1.000 ? 100.0 ? 0.114 ? ? ? ? ? ? ? ? ? 
3.29 3.36  ? ? ? ? ? ? 292 ? ? ? ? ? ? ? ? ? ? ? 10.0 0.517 ? ? 0.263 0.083 ? 5  1 0.992 0.998 ? 100.0 ? 0.249 ? ? ? ? ? ? ? ? ? 
3.36 3.43  ? ? ? ? ? ? 297 ? ? ? ? ? ? ? ? ? ? ? 10.0 0.613 ? ? 0.191 0.061 ? 6  1 0.996 0.999 ? 100.0 ? 0.181 ? ? ? ? ? ? ? ? ? 
3.43 3.52  ? ? ? ? ? ? 290 ? ? ? ? ? ? ? ? ? ? ? 9.4  0.675 ? ? 0.168 0.055 ? 7  1 0.997 0.999 ? 100.0 ? 0.159 ? ? ? ? ? ? ? ? ? 
3.52 3.62  ? ? ? ? ? ? 308 ? ? ? ? ? ? ? ? ? ? ? 10.1 0.637 ? ? 0.173 0.054 ? 8  1 0.997 0.999 ? 100.0 ? 0.164 ? ? ? ? ? ? ? ? ? 
3.62 3.72  ? ? ? ? ? ? 284 ? ? ? ? ? ? ? ? ? ? ? 10.0 0.549 ? ? 0.206 0.065 ? 9  1 0.992 0.998 ? 100.0 ? 0.195 ? ? ? ? ? ? ? ? ? 
3.72 3.84  ? ? ? ? ? ? 299 ? ? ? ? ? ? ? ? ? ? ? 10.6 0.600 ? ? 0.149 0.046 ? 10 1 0.995 0.999 ? 100.0 ? 0.142 ? ? ? ? ? ? ? ? ? 
3.84 3.98  ? ? ? ? ? ? 304 ? ? ? ? ? ? ? ? ? ? ? 10.7 0.629 ? ? 0.123 0.037 ? 11 1 0.996 0.999 ? 100.0 ? 0.117 ? ? ? ? ? ? ? ? ? 
3.98 4.14  ? ? ? ? ? ? 290 ? ? ? ? ? ? ? ? ? ? ? 10.6 0.618 ? ? 0.096 0.030 ? 12 1 0.997 0.999 ? 100.0 ? 0.091 ? ? ? ? ? ? ? ? ? 
4.14 4.33  ? ? ? ? ? ? 309 ? ? ? ? ? ? ? ? ? ? ? 10.7 0.567 ? ? 0.088 0.027 ? 13 1 0.998 0.999 ? 100.0 ? 0.084 ? ? ? ? ? ? ? ? ? 
4.33 4.56  ? ? ? ? ? ? 304 ? ? ? ? ? ? ? ? ? ? ? 9.9  0.541 ? ? 0.074 0.024 ? 14 1 0.998 1.000 ? 100.0 ? 0.071 ? ? ? ? ? ? ? ? ? 
4.56 4.84  ? ? ? ? ? ? 280 ? ? ? ? ? ? ? ? ? ? ? 10.0 0.543 ? ? 0.060 0.019 ? 15 1 0.998 1.000 ? 100.0 ? 0.057 ? ? ? ? ? ? ? ? ? 
4.84 5.21  ? ? ? ? ? ? 299 ? ? ? ? ? ? ? ? ? ? ? 10.7 0.577 ? ? 0.048 0.015 ? 16 1 0.999 1.000 ? 100.0 ? 0.046 ? ? ? ? ? ? ? ? ? 
5.21 5.74  ? ? ? ? ? ? 309 ? ? ? ? ? ? ? ? ? ? ? 10.8 0.582 ? ? 0.040 0.012 ? 17 1 0.999 1.000 ? 100.0 ? 0.038 ? ? ? ? ? ? ? ? ? 
5.74 6.57  ? ? ? ? ? ? 296 ? ? ? ? ? ? ? ? ? ? ? 10.4 0.524 ? ? 0.038 0.012 ? 18 1 0.999 1.000 ? 100.0 ? 0.036 ? ? ? ? ? ? ? ? ? 
6.57 8.27  ? ? ? ? ? ? 303 ? ? ? ? ? ? ? ? ? ? ? 9.9  0.539 ? ? 0.029 0.009 ? 19 1 1.000 1.000 ? 100.0 ? 0.028 ? ? ? ? ? ? ? ? ? 
8.27 50.00 ? ? ? ? ? ? 292 ? ? ? ? ? ? ? ? ? ? ? 10.3 1.604 ? ? 0.083 0.025 ? 20 1 0.998 0.999 ? 100.0 ? 0.079 ? ? ? ? ? ? ? ? ? 
# 
_refine.aniso_B[1][1]                            -0.23 
_refine.aniso_B[1][2]                            -0.12 
_refine.aniso_B[1][3]                            0.00 
_refine.aniso_B[2][2]                            -0.23 
_refine.aniso_B[2][3]                            0.00 
_refine.aniso_B[3][3]                            0.75 
_refine.B_iso_max                                ? 
_refine.B_iso_mean                               119.897 
_refine.B_iso_min                                ? 
_refine.correlation_coeff_Fo_to_Fc               0.974 
_refine.correlation_coeff_Fo_to_Fc_free          0.980 
_refine.details                                  'HYDROGENS HAVE BEEN ADDED IN THE RIDING POSITIONS' 
_refine.diff_density_max                         ? 
_refine.diff_density_max_esd                     ? 
_refine.diff_density_min                         ? 
_refine.diff_density_min_esd                     ? 
_refine.diff_density_rms                         ? 
_refine.diff_density_rms_esd                     ? 
_refine.entry_id                                 8TC2 
_refine.pdbx_refine_id                           'X-RAY DIFFRACTION' 
_refine.ls_abs_structure_details                 ? 
_refine.ls_abs_structure_Flack                   ? 
_refine.ls_abs_structure_Flack_esd               ? 
_refine.ls_abs_structure_Rogers                  ? 
_refine.ls_abs_structure_Rogers_esd              ? 
_refine.ls_d_res_high                            3.05 
_refine.ls_d_res_low                             59.54 
_refine.ls_extinction_coef                       ? 
_refine.ls_extinction_coef_esd                   ? 
_refine.ls_extinction_expression                 ? 
_refine.ls_extinction_method                     ? 
_refine.ls_goodness_of_fit_all                   ? 
_refine.ls_goodness_of_fit_all_esd               ? 
_refine.ls_goodness_of_fit_obs                   ? 
_refine.ls_goodness_of_fit_obs_esd               ? 
_refine.ls_hydrogen_treatment                    ? 
_refine.ls_matrix_type                           ? 
_refine.ls_number_constraints                    ? 
_refine.ls_number_parameters                     ? 
_refine.ls_number_reflns_all                     ? 
_refine.ls_number_reflns_obs                     5535 
_refine.ls_number_reflns_R_free                  270 
_refine.ls_number_reflns_R_work                  ? 
_refine.ls_number_restraints                     ? 
_refine.ls_percent_reflns_obs                    96.46 
_refine.ls_percent_reflns_R_free                 4.7 
_refine.ls_R_factor_all                          ? 
_refine.ls_R_factor_obs                          0.19260 
_refine.ls_R_factor_R_free                       0.21083 
_refine.ls_R_factor_R_free_error                 ? 
_refine.ls_R_factor_R_free_error_details         ? 
_refine.ls_R_factor_R_work                       0.19173 
_refine.ls_R_Fsqd_factor_obs                     ? 
_refine.ls_R_I_factor_obs                        ? 
_refine.ls_redundancy_reflns_all                 ? 
_refine.ls_redundancy_reflns_obs                 ? 
_refine.ls_restrained_S_all                      ? 
_refine.ls_restrained_S_obs                      ? 
_refine.ls_shift_over_esd_max                    ? 
_refine.ls_shift_over_esd_mean                   ? 
_refine.ls_structure_factor_coef                 ? 
_refine.ls_weighting_details                     ? 
_refine.ls_weighting_scheme                      ? 
_refine.ls_wR_factor_all                         ? 
_refine.ls_wR_factor_obs                         ? 
_refine.ls_wR_factor_R_free                      ? 
_refine.ls_wR_factor_R_work                      ? 
_refine.occupancy_max                            ? 
_refine.occupancy_min                            ? 
_refine.solvent_model_details                    MASK 
_refine.solvent_model_param_bsol                 ? 
_refine.solvent_model_param_ksol                 ? 
_refine.pdbx_R_complete                          ? 
_refine.ls_R_factor_gt                           ? 
_refine.ls_goodness_of_fit_gt                    ? 
_refine.ls_goodness_of_fit_ref                   ? 
_refine.ls_shift_over_su_max                     ? 
_refine.ls_shift_over_su_max_lt                  ? 
_refine.ls_shift_over_su_mean                    ? 
_refine.ls_shift_over_su_mean_lt                 ? 
_refine.pdbx_ls_sigma_I                          ? 
_refine.pdbx_ls_sigma_F                          ? 
_refine.pdbx_ls_sigma_Fsqd                       ? 
_refine.pdbx_data_cutoff_high_absF               ? 
_refine.pdbx_data_cutoff_high_rms_absF           ? 
_refine.pdbx_data_cutoff_low_absF                ? 
_refine.pdbx_isotropic_thermal_model             ? 
_refine.pdbx_ls_cross_valid_method               THROUGHOUT 
_refine.pdbx_method_to_determine_struct          'MOLECULAR REPLACEMENT' 
_refine.pdbx_starting_model                      ? 
_refine.pdbx_stereochemistry_target_values       'MAXIMUM LIKELIHOOD' 
_refine.pdbx_R_Free_selection_details            RANDOM 
_refine.pdbx_stereochem_target_val_spec_case     ? 
_refine.pdbx_overall_ESU_R                       0.402 
_refine.pdbx_overall_ESU_R_Free                  0.265 
_refine.pdbx_solvent_vdw_probe_radii             1.20 
_refine.pdbx_solvent_ion_probe_radii             0.80 
_refine.pdbx_solvent_shrinkage_radii             0.80 
_refine.pdbx_real_space_R                        ? 
_refine.pdbx_density_correlation                 ? 
_refine.pdbx_pd_number_of_powder_patterns        ? 
_refine.pdbx_pd_number_of_points                 ? 
_refine.pdbx_pd_meas_number_of_points            ? 
_refine.pdbx_pd_proc_ls_prof_R_factor            ? 
_refine.pdbx_pd_proc_ls_prof_wR_factor           ? 
_refine.pdbx_pd_Marquardt_correlation_coeff      ? 
_refine.pdbx_pd_Fsqrd_R_factor                   ? 
_refine.pdbx_pd_ls_matrix_band_width             ? 
_refine.pdbx_overall_phase_error                 ? 
_refine.pdbx_overall_SU_R_free_Cruickshank_DPI   ? 
_refine.pdbx_overall_SU_R_free_Blow_DPI          ? 
_refine.pdbx_overall_SU_R_Blow_DPI               ? 
_refine.pdbx_TLS_residual_ADP_flag               ? 
_refine.pdbx_diffrn_id                           1 
_refine.overall_SU_B                             11.630 
_refine.overall_SU_ML                            0.214 
_refine.overall_SU_R_Cruickshank_DPI             ? 
_refine.overall_SU_R_free                        ? 
_refine.overall_FOM_free_R_set                   ? 
_refine.overall_FOM_work_R_set                   ? 
_refine.pdbx_average_fsc_overall                 ? 
_refine.pdbx_average_fsc_work                    ? 
_refine.pdbx_average_fsc_free                    ? 
# 
_refine_hist.pdbx_refine_id                   'X-RAY DIFFRACTION' 
_refine_hist.cycle_id                         1 
_refine_hist.details                          ? 
_refine_hist.d_res_high                       3.05 
_refine_hist.d_res_low                        59.54 
_refine_hist.number_atoms_solvent             0 
_refine_hist.number_atoms_total               886 
_refine_hist.number_reflns_all                ? 
_refine_hist.number_reflns_obs                ? 
_refine_hist.number_reflns_R_free             ? 
_refine_hist.number_reflns_R_work             ? 
_refine_hist.R_factor_all                     ? 
_refine_hist.R_factor_obs                     ? 
_refine_hist.R_factor_R_free                  ? 
_refine_hist.R_factor_R_work                  ? 
_refine_hist.pdbx_number_residues_total       ? 
_refine_hist.pdbx_B_iso_mean_ligand           ? 
_refine_hist.pdbx_B_iso_mean_solvent          ? 
_refine_hist.pdbx_number_atoms_protein        0 
_refine_hist.pdbx_number_atoms_nucleic_acid   855 
_refine_hist.pdbx_number_atoms_ligand         31 
_refine_hist.pdbx_number_atoms_lipid          ? 
_refine_hist.pdbx_number_atoms_carb           ? 
_refine_hist.pdbx_pseudo_atom_details         ? 
# 
loop_
_refine_ls_restr.pdbx_refine_id 
_refine_ls_restr.criterion 
_refine_ls_restr.dev_ideal 
_refine_ls_restr.dev_ideal_target 
_refine_ls_restr.number 
_refine_ls_restr.rejects 
_refine_ls_restr.type 
_refine_ls_restr.weight 
_refine_ls_restr.pdbx_restraint_function 
'X-RAY DIFFRACTION' ? 0.011  0.011  988  ? r_bond_refined_d             ? ? 
'X-RAY DIFFRACTION' ? 0.007  0.020  501  ? r_bond_other_d               ? ? 
'X-RAY DIFFRACTION' ? 1.959  1.228  1511 ? r_angle_refined_deg          ? ? 
'X-RAY DIFFRACTION' ? 2.124  3.000  1178 ? r_angle_other_deg            ? ? 
'X-RAY DIFFRACTION' ? ?      ?      ?    ? r_dihedral_angle_1_deg       ? ? 
'X-RAY DIFFRACTION' ? ?      ?      ?    ? r_dihedral_angle_2_deg       ? ? 
'X-RAY DIFFRACTION' ? ?      ?      ?    ? r_dihedral_angle_3_deg       ? ? 
'X-RAY DIFFRACTION' ? ?      ?      ?    ? r_dihedral_angle_4_deg       ? ? 
'X-RAY DIFFRACTION' ? 0.100  0.200  126  ? r_chiral_restr               ? ? 
'X-RAY DIFFRACTION' ? 0.017  0.020  553  ? r_gen_planes_refined         ? ? 
'X-RAY DIFFRACTION' ? 0.008  0.020  230  ? r_gen_planes_other           ? ? 
'X-RAY DIFFRACTION' ? ?      ?      ?    ? r_nbd_refined                ? ? 
'X-RAY DIFFRACTION' ? ?      ?      ?    ? r_nbd_other                  ? ? 
'X-RAY DIFFRACTION' ? ?      ?      ?    ? r_nbtor_refined              ? ? 
'X-RAY DIFFRACTION' ? ?      ?      ?    ? r_nbtor_other                ? ? 
'X-RAY DIFFRACTION' ? ?      ?      ?    ? r_xyhbond_nbd_refined        ? ? 
'X-RAY DIFFRACTION' ? ?      ?      ?    ? r_xyhbond_nbd_other          ? ? 
'X-RAY DIFFRACTION' ? ?      ?      ?    ? r_metal_ion_refined          ? ? 
'X-RAY DIFFRACTION' ? ?      ?      ?    ? r_metal_ion_other            ? ? 
'X-RAY DIFFRACTION' ? ?      ?      ?    ? r_symmetry_vdw_refined       ? ? 
'X-RAY DIFFRACTION' ? ?      ?      ?    ? r_symmetry_vdw_other         ? ? 
'X-RAY DIFFRACTION' ? ?      ?      ?    ? r_symmetry_hbond_refined     ? ? 
'X-RAY DIFFRACTION' ? ?      ?      ?    ? r_symmetry_hbond_other       ? ? 
'X-RAY DIFFRACTION' ? ?      ?      ?    ? r_symmetry_metal_ion_refined ? ? 
'X-RAY DIFFRACTION' ? ?      ?      ?    ? r_symmetry_metal_ion_other   ? ? 
'X-RAY DIFFRACTION' ? ?      ?      ?    ? r_mcbond_it                  ? ? 
'X-RAY DIFFRACTION' ? ?      ?      ?    ? r_mcbond_other               ? ? 
'X-RAY DIFFRACTION' ? ?      ?      ?    ? r_mcangle_it                 ? ? 
'X-RAY DIFFRACTION' ? ?      ?      ?    ? r_mcangle_other              ? ? 
'X-RAY DIFFRACTION' ? 15.934 12.321 988  ? r_scbond_it                  ? ? 
'X-RAY DIFFRACTION' ? 15.926 12.325 989  ? r_scbond_other               ? ? 
'X-RAY DIFFRACTION' ? ?      ?      ?    ? r_scangle_it                 ? ? 
'X-RAY DIFFRACTION' ? 21.435 18.435 1512 ? r_scangle_other              ? ? 
'X-RAY DIFFRACTION' ? 22.815 ?      1450 ? r_long_range_B_refined       ? ? 
'X-RAY DIFFRACTION' ? 22.808 ?      1451 ? r_long_range_B_other         ? ? 
'X-RAY DIFFRACTION' ? ?      ?      ?    ? r_rigid_bond_restr           ? ? 
'X-RAY DIFFRACTION' ? ?      ?      ?    ? r_sphericity_free            ? ? 
'X-RAY DIFFRACTION' ? ?      ?      ?    ? r_sphericity_bonded          ? ? 
# 
_refine_ls_shell.pdbx_refine_id                   'X-RAY DIFFRACTION' 
_refine_ls_shell.d_res_high                       3.054 
_refine_ls_shell.d_res_low                        3.134 
_refine_ls_shell.number_reflns_all                ? 
_refine_ls_shell.number_reflns_obs                ? 
_refine_ls_shell.number_reflns_R_free             20 
_refine_ls_shell.number_reflns_R_work             382 
_refine_ls_shell.percent_reflns_obs               84.63 
_refine_ls_shell.percent_reflns_R_free            ? 
_refine_ls_shell.R_factor_all                     ? 
_refine_ls_shell.R_factor_obs                     ? 
_refine_ls_shell.R_factor_R_free_error            ? 
_refine_ls_shell.R_factor_R_work                  0.306 
_refine_ls_shell.redundancy_reflns_all            ? 
_refine_ls_shell.redundancy_reflns_obs            ? 
_refine_ls_shell.wR_factor_all                    ? 
_refine_ls_shell.wR_factor_obs                    ? 
_refine_ls_shell.wR_factor_R_free                 ? 
_refine_ls_shell.wR_factor_R_work                 ? 
_refine_ls_shell.pdbx_R_complete                  ? 
_refine_ls_shell.pdbx_total_number_of_bins_used   20 
_refine_ls_shell.pdbx_phase_error                 ? 
_refine_ls_shell.pdbx_fsc_work                    ? 
_refine_ls_shell.pdbx_fsc_free                    ? 
_refine_ls_shell.R_factor_R_free                  0.369 
# 
_struct.entry_id                     8TC2 
_struct.title                        
;Sequence specific (AATT) orientation of netropsin molecules at two unique minor groove binding sites within a self-assembled 3D DNA lattice (4x5)
;
_struct.pdbx_model_details           ? 
_struct.pdbx_formula_weight          ? 
_struct.pdbx_formula_weight_method   ? 
_struct.pdbx_model_type_details      ? 
_struct.pdbx_CASP_flag               N 
# 
_struct_keywords.entry_id        8TC2 
_struct_keywords.text            
;Self-Assembly, DNA Nanotechnology, DNA Scaffold, Crystal Lattice, DNA, Minor Groove Binders, Netropsin, DAPI, Hoechst, ImPyPy, polyamide, host-guest
;
_struct_keywords.pdbx_keywords   DNA 
# 
loop_
_struct_asym.id 
_struct_asym.pdbx_blank_PDB_chainid_flag 
_struct_asym.pdbx_modified 
_struct_asym.entity_id 
_struct_asym.details 
A N N 1 ? 
B N N 2 ? 
C N N 3 ? 
D N N 4 ? 
E N N 5 ? 
# 
loop_
_struct_conn.id 
_struct_conn.conn_type_id 
_struct_conn.pdbx_leaving_atom_flag 
_struct_conn.pdbx_PDB_id 
_struct_conn.ptnr1_label_asym_id 
_struct_conn.ptnr1_label_comp_id 
_struct_conn.ptnr1_label_seq_id 
_struct_conn.ptnr1_label_atom_id 
_struct_conn.pdbx_ptnr1_label_alt_id 
_struct_conn.pdbx_ptnr1_PDB_ins_code 
_struct_conn.pdbx_ptnr1_standard_comp_id 
_struct_conn.ptnr1_symmetry 
_struct_conn.ptnr2_label_asym_id 
_struct_conn.ptnr2_label_comp_id 
_struct_conn.ptnr2_label_seq_id 
_struct_conn.ptnr2_label_atom_id 
_struct_conn.pdbx_ptnr2_label_alt_id 
_struct_conn.pdbx_ptnr2_PDB_ins_code 
_struct_conn.ptnr1_auth_asym_id 
_struct_conn.ptnr1_auth_comp_id 
_struct_conn.ptnr1_auth_seq_id 
_struct_conn.ptnr2_auth_asym_id 
_struct_conn.ptnr2_auth_comp_id 
_struct_conn.ptnr2_auth_seq_id 
_struct_conn.ptnr2_symmetry 
_struct_conn.pdbx_ptnr3_label_atom_id 
_struct_conn.pdbx_ptnr3_label_seq_id 
_struct_conn.pdbx_ptnr3_label_comp_id 
_struct_conn.pdbx_ptnr3_label_asym_id 
_struct_conn.pdbx_ptnr3_label_alt_id 
_struct_conn.pdbx_ptnr3_PDB_ins_code 
_struct_conn.details 
_struct_conn.pdbx_dist_value 
_struct_conn.pdbx_value_order 
_struct_conn.pdbx_role 
hydrog1  hydrog ? ? A DG 3  N1 ? ? ? 1_555 D DC 8 N3 ? ? A DG 2  D DC 17 1_555 ? ? ? ? ? ? WATSON-CRICK ? ? ? 
hydrog2  hydrog ? ? A DG 3  N2 ? ? ? 1_555 D DC 8 O2 ? ? A DG 2  D DC 17 1_555 ? ? ? ? ? ? WATSON-CRICK ? ? ? 
hydrog3  hydrog ? ? A DG 3  O6 ? ? ? 1_555 D DC 8 N4 ? ? A DG 2  D DC 17 1_555 ? ? ? ? ? ? WATSON-CRICK ? ? ? 
hydrog4  hydrog ? ? A DC 4  N3 ? ? ? 1_555 D DG 7 N1 ? ? A DC 3  D DG 16 1_555 ? ? ? ? ? ? WATSON-CRICK ? ? ? 
hydrog5  hydrog ? ? A DC 4  N4 ? ? ? 1_555 D DG 7 O6 ? ? A DC 3  D DG 16 1_555 ? ? ? ? ? ? WATSON-CRICK ? ? ? 
hydrog6  hydrog ? ? A DC 4  O2 ? ? ? 1_555 D DG 7 N2 ? ? A DC 3  D DG 16 1_555 ? ? ? ? ? ? WATSON-CRICK ? ? ? 
hydrog7  hydrog ? ? A DA 5  N1 ? ? ? 1_555 D DT 6 N3 ? ? A DA 4  D DT 15 1_555 ? ? ? ? ? ? WATSON-CRICK ? ? ? 
hydrog8  hydrog ? ? A DA 5  N6 ? ? ? 1_555 D DT 6 O4 ? ? A DA 4  D DT 15 1_555 ? ? ? ? ? ? WATSON-CRICK ? ? ? 
hydrog9  hydrog ? ? A DG 6  N1 ? ? ? 1_555 D DC 5 N3 ? ? A DG 5  D DC 14 1_555 ? ? ? ? ? ? WATSON-CRICK ? ? ? 
hydrog10 hydrog ? ? A DG 6  N2 ? ? ? 1_555 D DC 5 O2 ? ? A DG 5  D DC 14 1_555 ? ? ? ? ? ? WATSON-CRICK ? ? ? 
hydrog11 hydrog ? ? A DG 6  O6 ? ? ? 1_555 D DC 5 N4 ? ? A DG 5  D DC 14 1_555 ? ? ? ? ? ? WATSON-CRICK ? ? ? 
hydrog12 hydrog ? ? A DA 7  N1 ? ? ? 1_555 D DT 4 N3 ? ? A DA 6  D DT 13 1_555 ? ? ? ? ? ? WATSON-CRICK ? ? ? 
hydrog13 hydrog ? ? A DA 7  N6 ? ? ? 1_555 D DT 4 O4 ? ? A DA 6  D DT 13 1_555 ? ? ? ? ? ? WATSON-CRICK ? ? ? 
hydrog14 hydrog ? ? A DC 8  N3 ? ? ? 1_555 D DG 3 N1 ? ? A DC 7  D DG 12 1_555 ? ? ? ? ? ? WATSON-CRICK ? ? ? 
hydrog15 hydrog ? ? A DC 8  N4 ? ? ? 1_555 D DG 3 O6 ? ? A DC 7  D DG 12 1_555 ? ? ? ? ? ? WATSON-CRICK ? ? ? 
hydrog16 hydrog ? ? A DC 8  O2 ? ? ? 1_555 D DG 3 N2 ? ? A DC 7  D DG 12 1_555 ? ? ? ? ? ? WATSON-CRICK ? ? ? 
hydrog17 hydrog ? ? A DC 9  N3 ? ? ? 1_555 D DG 2 N1 ? ? A DC 8  D DG 11 1_555 ? ? ? ? ? ? WATSON-CRICK ? ? ? 
hydrog18 hydrog ? ? A DC 9  N4 ? ? ? 1_555 D DG 2 O6 ? ? A DC 8  D DG 11 1_555 ? ? ? ? ? ? WATSON-CRICK ? ? ? 
hydrog19 hydrog ? ? A DC 9  O2 ? ? ? 1_555 D DG 2 N2 ? ? A DC 8  D DG 11 1_555 ? ? ? ? ? ? WATSON-CRICK ? ? ? 
hydrog20 hydrog ? ? A DT 10 N3 ? ? ? 1_555 D DA 1 N1 ? ? A DT 9  D DA 10 1_555 ? ? ? ? ? ? WATSON-CRICK ? ? ? 
hydrog21 hydrog ? ? A DT 10 O4 ? ? ? 1_555 D DA 1 N6 ? ? A DT 9  D DA 10 1_555 ? ? ? ? ? ? WATSON-CRICK ? ? ? 
hydrog22 hydrog ? ? A DG 11 N1 ? ? ? 1_555 B DC 5 N3 ? ? A DG 10 B DC 5  1_555 ? ? ? ? ? ? WATSON-CRICK ? ? ? 
hydrog23 hydrog ? ? A DG 11 N2 ? ? ? 1_555 B DC 5 O2 ? ? A DG 10 B DC 5  1_555 ? ? ? ? ? ? WATSON-CRICK ? ? ? 
hydrog24 hydrog ? ? A DG 11 O6 ? ? ? 1_555 B DC 5 N4 ? ? A DG 10 B DC 5  1_555 ? ? ? ? ? ? WATSON-CRICK ? ? ? 
hydrog25 hydrog ? ? A DA 12 N1 ? ? ? 1_555 B DT 4 N3 ? ? A DA 11 B DT 4  1_555 ? ? ? ? ? ? WATSON-CRICK ? ? ? 
hydrog26 hydrog ? ? A DA 12 N6 ? ? ? 1_555 B DT 4 O4 ? ? A DA 11 B DT 4  1_555 ? ? ? ? ? ? WATSON-CRICK ? ? ? 
hydrog27 hydrog ? ? A DC 13 N3 ? ? ? 1_555 B DG 3 N1 ? ? A DC 12 B DG 3  1_555 ? ? ? ? ? ? WATSON-CRICK ? ? ? 
hydrog28 hydrog ? ? A DC 13 N4 ? ? ? 1_555 B DG 3 O6 ? ? A DC 12 B DG 3  1_555 ? ? ? ? ? ? WATSON-CRICK ? ? ? 
hydrog29 hydrog ? ? A DC 13 O2 ? ? ? 1_555 B DG 3 N2 ? ? A DC 12 B DG 3  1_555 ? ? ? ? ? ? WATSON-CRICK ? ? ? 
hydrog30 hydrog ? ? A DG 14 N1 ? ? ? 1_555 B DC 2 N3 ? ? A DG 13 B DC 2  1_555 ? ? ? ? ? ? WATSON-CRICK ? ? ? 
hydrog31 hydrog ? ? A DG 14 N2 ? ? ? 1_555 B DC 2 O2 ? ? A DG 13 B DC 2  1_555 ? ? ? ? ? ? WATSON-CRICK ? ? ? 
hydrog32 hydrog ? ? A DG 14 O6 ? ? ? 1_555 B DC 2 N4 ? ? A DG 13 B DC 2  1_555 ? ? ? ? ? ? WATSON-CRICK ? ? ? 
hydrog33 hydrog ? ? A DA 15 N1 ? ? ? 1_555 B DT 1 N3 ? ? A DA 14 B DT 1  1_555 ? ? ? ? ? ? WATSON-CRICK ? ? ? 
hydrog34 hydrog ? ? A DA 15 N6 ? ? ? 1_555 B DT 1 O4 ? ? A DA 14 B DT 1  1_555 ? ? ? ? ? ? WATSON-CRICK ? ? ? 
hydrog35 hydrog ? ? A DC 16 N3 ? ? ? 1_555 C DG 8 N1 ? ? A DC 15 C DG 9  1_555 ? ? ? ? ? ? WATSON-CRICK ? ? ? 
hydrog36 hydrog ? ? A DC 16 N4 ? ? ? 1_555 C DG 8 O6 ? ? A DC 15 C DG 9  1_555 ? ? ? ? ? ? WATSON-CRICK ? ? ? 
hydrog37 hydrog ? ? A DC 16 O2 ? ? ? 1_555 C DG 8 N2 ? ? A DC 15 C DG 9  1_555 ? ? ? ? ? ? WATSON-CRICK ? ? ? 
hydrog38 hydrog ? ? A DA 17 N1 ? ? ? 1_555 C DT 7 N3 ? ? A DA 16 C DT 8  1_555 ? ? ? ? ? ? WATSON-CRICK ? ? ? 
hydrog39 hydrog ? ? A DA 17 N6 ? ? ? 1_555 C DT 7 O4 ? ? A DA 16 C DT 8  1_555 ? ? ? ? ? ? WATSON-CRICK ? ? ? 
hydrog40 hydrog ? ? A DA 18 N1 ? ? ? 1_555 C DT 6 N3 ? ? A DA 17 C DT 7  1_555 ? ? ? ? ? ? WATSON-CRICK ? ? ? 
hydrog41 hydrog ? ? A DA 18 N6 ? ? ? 1_555 C DT 6 O4 ? ? A DA 17 C DT 7  1_555 ? ? ? ? ? ? WATSON-CRICK ? ? ? 
hydrog42 hydrog ? ? A DT 19 N3 ? ? ? 1_555 C DA 5 N1 ? ? A DT 18 C DA 6  1_555 ? ? ? ? ? ? WATSON-CRICK ? ? ? 
hydrog43 hydrog ? ? A DT 19 O4 ? ? ? 1_555 C DA 5 N6 ? ? A DT 18 C DA 6  1_555 ? ? ? ? ? ? WATSON-CRICK ? ? ? 
hydrog44 hydrog ? ? A DT 20 N3 ? ? ? 1_555 C DA 4 N1 ? ? A DT 19 C DA 5  1_555 ? ? ? ? ? ? WATSON-CRICK ? ? ? 
hydrog45 hydrog ? ? A DT 20 O4 ? ? ? 1_555 C DA 4 N6 ? ? A DT 19 C DA 5  1_555 ? ? ? ? ? ? WATSON-CRICK ? ? ? 
hydrog46 hydrog ? ? A DA 21 N1 ? ? ? 1_555 C DT 3 N3 ? ? A DA 20 C DT 4  1_555 ? ? ? ? ? ? WATSON-CRICK ? ? ? 
hydrog47 hydrog ? ? A DA 21 N6 ? ? ? 1_555 C DT 3 O4 ? ? A DA 20 C DT 4  1_555 ? ? ? ? ? ? WATSON-CRICK ? ? ? 
# 
_struct_conn_type.id          hydrog 
_struct_conn_type.criteria    ? 
_struct_conn_type.reference   ? 
# 
_atom_sites.entry_id                    8TC2 
_atom_sites.Cartn_transf_matrix[1][1]   ? 
_atom_sites.Cartn_transf_matrix[1][2]   ? 
_atom_sites.Cartn_transf_matrix[1][3]   ? 
_atom_sites.Cartn_transf_matrix[2][1]   ? 
_atom_sites.Cartn_transf_matrix[2][2]   ? 
_atom_sites.Cartn_transf_matrix[2][3]   ? 
_atom_sites.Cartn_transf_matrix[3][1]   ? 
_atom_sites.Cartn_transf_matrix[3][2]   ? 
_atom_sites.Cartn_transf_matrix[3][3]   ? 
_atom_sites.Cartn_transf_vector[1]      ? 
_atom_sites.Cartn_transf_vector[2]      ? 
_atom_sites.Cartn_transf_vector[3]      ? 
_atom_sites.fract_transf_matrix[1][1]   0.00587510 
_atom_sites.fract_transf_matrix[1][2]   -0.00768607 
_atom_sites.fract_transf_matrix[1][3]   -0.01372920 
_atom_sites.fract_transf_matrix[2][1]   0.00131053 
_atom_sites.fract_transf_matrix[2][2]   -0.01674032 
_atom_sites.fract_transf_matrix[2][3]   -0.00034071 
_atom_sites.fract_transf_matrix[3][1]   -0.01553578 
_atom_sites.fract_transf_matrix[3][2]   -0.00109338 
_atom_sites.fract_transf_matrix[3][3]   -0.00603608 
_atom_sites.fract_transf_vector[1]      0.072463 
_atom_sites.fract_transf_vector[2]      -0.015753 
_atom_sites.fract_transf_vector[3]      0.051933 
_atom_sites.solution_primary            ? 
_atom_sites.solution_secondary          ? 
_atom_sites.solution_hydrogens          ? 
_atom_sites.special_details             ? 
# 
loop_
_atom_type.symbol 
C 
N 
O 
P 
# 
loop_
_atom_site.group_PDB 
_atom_site.id 
_atom_site.type_symbol 
_atom_site.label_atom_id 
_atom_site.label_alt_id 
_atom_site.label_comp_id 
_atom_site.label_asym_id 
_atom_site.label_entity_id 
_atom_site.label_seq_id 
_atom_site.pdbx_PDB_ins_code 
_atom_site.Cartn_x 
_atom_site.Cartn_y 
_atom_site.Cartn_z 
_atom_site.occupancy 
_atom_site.B_iso_or_equiv 
_atom_site.pdbx_formal_charge 
_atom_site.auth_seq_id 
_atom_site.auth_comp_id 
_atom_site.auth_asym_id 
_atom_site.auth_atom_id 
_atom_site.pdbx_PDB_model_num 
ATOM   1   O "O5'" . DG A 1 1  ? 7.939   34.430  -9.122  1.00 201.30 ?  0   DG A "O5'" 1 
ATOM   2   C "C5'" . DG A 1 1  ? 7.316   35.716  -8.964  1.00 196.75 ?  0   DG A "C5'" 1 
ATOM   3   C "C4'" . DG A 1 1  ? 6.120   35.842  -9.879  1.00 181.61 ?  0   DG A "C4'" 1 
ATOM   4   O "O4'" . DG A 1 1  ? 6.524   35.783  -11.255 1.00 164.53 ?  0   DG A "O4'" 1 
ATOM   5   C "C3'" . DG A 1 1  ? 5.089   34.732  -9.767  1.00 177.39 ?  0   DG A "C3'" 1 
ATOM   6   O "O3'" . DG A 1 1  ? 4.167   35.009  -8.728  1.00 182.24 ?  0   DG A "O3'" 1 
ATOM   7   C "C2'" . DG A 1 1  ? 4.357   34.823  -11.090 1.00 165.70 ?  0   DG A "C2'" 1 
ATOM   8   C "C1'" . DG A 1 1  ? 5.405   35.374  -12.027 1.00 153.26 ?  0   DG A "C1'" 1 
ATOM   9   N N9    . DG A 1 1  ? 5.865   34.425  -13.022 1.00 135.73 ?  0   DG A N9    1 
ATOM   10  C C8    . DG A 1 1  ? 7.133   33.931  -13.218 1.00 141.01 ?  0   DG A C8    1 
ATOM   11  N N7    . DG A 1 1  ? 7.219   33.137  -14.250 1.00 122.23 ?  0   DG A N7    1 
ATOM   12  C C5    . DG A 1 1  ? 5.937   33.127  -14.780 1.00 134.64 ?  0   DG A C5    1 
ATOM   13  C C6    . DG A 1 1  ? 5.416   32.448  -15.913 1.00 131.69 ?  0   DG A C6    1 
ATOM   14  O O6    . DG A 1 1  ? 6.012   31.707  -16.706 1.00 133.97 ?  0   DG A O6    1 
ATOM   15  N N1    . DG A 1 1  ? 4.056   32.701  -16.082 1.00 105.34 ?  0   DG A N1    1 
ATOM   16  C C2    . DG A 1 1  ? 3.293   33.506  -15.262 1.00 129.73 ?  0   DG A C2    1 
ATOM   17  N N2    . DG A 1 1  ? 1.993   33.611  -15.573 1.00 128.75 ?  0   DG A N2    1 
ATOM   18  N N3    . DG A 1 1  ? 3.771   34.150  -14.206 1.00 119.79 ?  0   DG A N3    1 
ATOM   19  C C4    . DG A 1 1  ? 5.089   33.914  -14.027 1.00 134.09 ?  0   DG A C4    1 
ATOM   20  P P     . DA A 1 2  ? 3.300   33.840  -8.175  1.00 180.54 ?  1   DA A P     1 
ATOM   21  O OP1   . DA A 1 2  ? 3.799   33.540  -6.807  1.00 196.95 ?  1   DA A OP1   1 
ATOM   22  O OP2   . DA A 1 2  ? 3.291   32.775  -9.196  1.00 165.92 -1 1   DA A OP2   1 
ATOM   23  O "O5'" . DA A 1 2  ? 1.831   34.461  -8.089  1.00 176.65 ?  1   DA A "O5'" 1 
ATOM   24  C "C5'" . DA A 1 2  ? 1.123   34.988  -9.235  1.00 167.70 ?  1   DA A "C5'" 1 
ATOM   25  C "C4'" . DA A 1 2  ? 0.446   33.911  -10.057 1.00 162.04 ?  1   DA A "C4'" 1 
ATOM   26  O "O4'" . DA A 1 2  ? 1.341   33.453  -11.090 1.00 137.80 ?  1   DA A "O4'" 1 
ATOM   27  C "C3'" . DA A 1 2  ? -0.029  32.655  -9.312  1.00 181.93 ?  1   DA A "C3'" 1 
ATOM   28  O "O3'" . DA A 1 2  ? -1.460  32.642  -9.189  1.00 203.65 ?  1   DA A "O3'" 1 
ATOM   29  C "C2'" . DA A 1 2  ? 0.492   31.494  -10.152 1.00 169.62 ?  1   DA A "C2'" 1 
ATOM   30  C "C1'" . DA A 1 2  ? 0.965   32.140  -11.438 1.00 143.27 ?  1   DA A "C1'" 1 
ATOM   31  N N9    . DA A 1 2  ? 2.129   31.495  -12.033 1.00 130.66 ?  1   DA A N9    1 
ATOM   32  C C8    . DA A 1 2  ? 3.413   31.414  -11.545 1.00 128.20 ?  1   DA A C8    1 
ATOM   33  N N7    . DA A 1 2  ? 4.242   30.783  -12.339 1.00 122.48 ?  1   DA A N7    1 
ATOM   34  C C5    . DA A 1 2  ? 3.455   30.428  -13.426 1.00 108.81 ?  1   DA A C5    1 
ATOM   35  C C6    . DA A 1 2  ? 3.745   29.733  -14.614 1.00 113.06 ?  1   DA A C6    1 
ATOM   36  N N6    . DA A 1 2  ? 4.955   29.251  -14.904 1.00 120.63 ?  1   DA A N6    1 
ATOM   37  N N1    . DA A 1 2  ? 2.730   29.522  -15.488 1.00 105.45 ?  1   DA A N1    1 
ATOM   38  C C2    . DA A 1 2  ? 1.511   30.005  -15.182 1.00 134.20 ?  1   DA A C2    1 
ATOM   39  N N3    . DA A 1 2  ? 1.117   30.679  -14.094 1.00 127.45 ?  1   DA A N3    1 
ATOM   40  C C4    . DA A 1 2  ? 2.148   30.852  -13.245 1.00 115.90 ?  1   DA A C4    1 
ATOM   41  P P     . DG A 1 3  ? -2.201  31.458  -8.393  1.00 203.30 ?  2   DG A P     1 
ATOM   42  O OP1   . DG A 1 3  ? -3.554  31.933  -7.986  1.00 182.04 ?  2   DG A OP1   1 
ATOM   43  O OP2   . DG A 1 3  ? -1.258  30.946  -7.364  1.00 185.54 -1 2   DG A OP2   1 
ATOM   44  O "O5'" . DG A 1 3  ? -2.412  30.353  -9.519  1.00 178.64 ?  2   DG A "O5'" 1 
ATOM   45  C "C5'" . DG A 1 3  ? -3.154  30.654  -10.709 1.00 149.83 ?  2   DG A "C5'" 1 
ATOM   46  C "C4'" . DG A 1 3  ? -3.014  29.516  -11.690 1.00 171.56 ?  2   DG A "C4'" 1 
ATOM   47  O "O4'" . DG A 1 3  ? -1.643  29.408  -12.150 1.00 165.69 ?  2   DG A "O4'" 1 
ATOM   48  C "C3'" . DG A 1 3  ? -3.384  28.137  -11.127 1.00 191.47 ?  2   DG A "C3'" 1 
ATOM   49  O "O3'" . DG A 1 3  ? -4.439  27.557  -11.901 1.00 212.02 ?  2   DG A "O3'" 1 
ATOM   50  C "C2'" . DG A 1 3  ? -2.103  27.331  -11.262 1.00 178.23 ?  2   DG A "C2'" 1 
ATOM   51  C "C1'" . DG A 1 3  ? -1.403  28.036  -12.396 1.00 152.99 ?  2   DG A "C1'" 1 
ATOM   52  N N9    . DG A 1 3  ? 0.040   27.812  -12.430 1.00 147.95 ?  2   DG A N9    1 
ATOM   53  C C8    . DG A 1 3  ? 0.962   28.161  -11.468 1.00 152.03 ?  2   DG A C8    1 
ATOM   54  N N7    . DG A 1 3  ? 2.180   27.785  -11.764 1.00 115.87 ?  2   DG A N7    1 
ATOM   55  C C5    . DG A 1 3  ? 2.054   27.136  -12.985 1.00 94.37  ?  2   DG A C5    1 
ATOM   56  C C6    . DG A 1 3  ? 3.040   26.524  -13.811 1.00 111.07 ?  2   DG A C6    1 
ATOM   57  O O6    . DG A 1 3  ? 4.262   26.445  -13.624 1.00 119.29 ?  2   DG A O6    1 
ATOM   58  N N1    . DG A 1 3  ? 2.479   25.982  -14.967 1.00 107.37 ?  2   DG A N1    1 
ATOM   59  C C2    . DG A 1 3  ? 1.141   26.021  -15.288 1.00 127.62 ?  2   DG A C2    1 
ATOM   60  N N2    . DG A 1 3  ? 0.793   25.437  -16.447 1.00 128.48 ?  2   DG A N2    1 
ATOM   61  N N3    . DG A 1 3  ? 0.212   26.595  -14.530 1.00 119.40 ?  2   DG A N3    1 
ATOM   62  C C4    . DG A 1 3  ? 0.737   27.132  -13.405 1.00 109.56 ?  2   DG A C4    1 
ATOM   63  P P     . DC A 1 4  ? -5.197  26.228  -11.414 1.00 189.97 ?  3   DC A P     1 
ATOM   64  O OP1   . DC A 1 4  ? -6.535  26.641  -10.923 1.00 185.09 ?  3   DC A OP1   1 
ATOM   65  O OP2   . DC A 1 4  ? -4.301  25.463  -10.506 1.00 180.05 -1 3   DC A OP2   1 
ATOM   66  O "O5'" . DC A 1 4  ? -5.332  25.391  -12.766 1.00 174.74 ?  3   DC A "O5'" 1 
ATOM   67  C "C5'" . DC A 1 4  ? -4.311  25.426  -13.795 1.00 164.12 ?  3   DC A "C5'" 1 
ATOM   68  C "C4'" . DC A 1 4  ? -3.798  24.041  -14.124 1.00 178.86 ?  3   DC A "C4'" 1 
ATOM   69  O "O4'" . DC A 1 4  ? -2.348  24.018  -14.031 1.00 169.90 ?  3   DC A "O4'" 1 
ATOM   70  C "C3'" . DC A 1 4  ? -4.281  22.903  -13.220 1.00 187.80 ?  3   DC A "C3'" 1 
ATOM   71  O "O3'" . DC A 1 4  ? -4.364  21.691  -13.973 1.00 195.28 ?  3   DC A "O3'" 1 
ATOM   72  C "C2'" . DC A 1 4  ? -3.150  22.769  -12.220 1.00 174.43 ?  3   DC A "C2'" 1 
ATOM   73  C "C1'" . DC A 1 4  ? -1.957  22.967  -13.149 1.00 161.61 ?  3   DC A "C1'" 1 
ATOM   74  N N1    . DC A 1 4  ? -0.651  23.323  -12.534 1.00 127.22 ?  3   DC A N1    1 
ATOM   75  C C2    . DC A 1 4  ? 0.545   22.978  -13.209 1.00 123.26 ?  3   DC A C2    1 
ATOM   76  O O2    . DC A 1 4  ? 0.476   22.397  -14.312 1.00 108.15 ?  3   DC A O2    1 
ATOM   77  N N3    . DC A 1 4  ? 1.740   23.286  -12.639 1.00 98.17  ?  3   DC A N3    1 
ATOM   78  C C4    . DC A 1 4  ? 1.774   23.896  -11.447 1.00 117.53 ?  3   DC A C4    1 
ATOM   79  N N4    . DC A 1 4  ? 2.972   24.190  -10.927 1.00 113.55 ?  3   DC A N4    1 
ATOM   80  C C5    . DC A 1 4  ? 0.576   24.247  -10.740 1.00 107.29 ?  3   DC A C5    1 
ATOM   81  C C6    . DC A 1 4  ? -0.600  23.937  -11.310 1.00 104.98 ?  3   DC A C6    1 
ATOM   82  P P     . DA A 1 5  ? -5.534  20.670  -13.688 1.00 176.44 ?  4   DA A P     1 
ATOM   83  O OP1   . DA A 1 5  ? -6.791  21.275  -14.186 1.00 201.84 ?  4   DA A OP1   1 
ATOM   84  O OP2   . DA A 1 5  ? -5.447  20.286  -12.263 1.00 189.98 -1 4   DA A OP2   1 
ATOM   85  O "O5'" . DA A 1 5  ? -5.162  19.442  -14.626 1.00 152.84 ?  4   DA A "O5'" 1 
ATOM   86  C "C5'" . DA A 1 5  ? -4.822  19.634  -16.009 1.00 145.04 ?  4   DA A "C5'" 1 
ATOM   87  C "C4'" . DA A 1 5  ? -3.626  18.777  -16.354 1.00 170.10 ?  4   DA A "C4'" 1 
ATOM   88  O "O4'" . DA A 1 5  ? -2.479  19.164  -15.566 1.00 165.52 ?  4   DA A "O4'" 1 
ATOM   89  C "C3'" . DA A 1 5  ? -3.796  17.286  -16.082 1.00 173.19 ?  4   DA A "C3'" 1 
ATOM   90  O "O3'" . DA A 1 5  ? -2.880  16.625  -16.947 1.00 180.31 ?  4   DA A "O3'" 1 
ATOM   91  C "C2'" . DA A 1 5  ? -3.262  17.126  -14.674 1.00 156.00 ?  4   DA A "C2'" 1 
ATOM   92  C "C1'" . DA A 1 5  ? -2.082  18.082  -14.718 1.00 153.89 ?  4   DA A "C1'" 1 
ATOM   93  N N9    . DA A 1 5  ? -1.675  18.671  -13.452 1.00 138.02 ?  4   DA A N9    1 
ATOM   94  C C8    . DA A 1 5  ? -2.459  19.222  -12.466 1.00 136.78 ?  4   DA A C8    1 
ATOM   95  N N7    . DA A 1 5  ? -1.776  19.763  -11.486 1.00 122.13 ?  4   DA A N7    1 
ATOM   96  C C5    . DA A 1 5  ? -0.454  19.594  -11.873 1.00 119.55 ?  4   DA A C5    1 
ATOM   97  C C6    . DA A 1 5  ? 0.760   19.977  -11.277 1.00 115.18 ?  4   DA A C6    1 
ATOM   98  N N6    . DA A 1 5  ? 0.836   20.605  -10.100 1.00 119.14 ?  4   DA A N6    1 
ATOM   99  N N1    . DA A 1 5  ? 1.907   19.670  -11.929 1.00 119.29 ?  4   DA A N1    1 
ATOM   100 C C2    . DA A 1 5  ? 1.825   19.007  -13.098 1.00 118.92 ?  4   DA A C2    1 
ATOM   101 N N3    . DA A 1 5  ? 0.740   18.588  -13.755 1.00 107.74 ?  4   DA A N3    1 
ATOM   102 C C4    . DA A 1 5  ? -0.377  18.936  -13.090 1.00 118.13 ?  4   DA A C4    1 
ATOM   103 P P     . DG A 1 6  ? -3.168  15.159  -17.419 1.00 194.17 ?  5   DG A P     1 
ATOM   104 O OP1   . DG A 1 6  ? -3.253  15.163  -18.896 1.00 196.99 ?  5   DG A OP1   1 
ATOM   105 O OP2   . DG A 1 6  ? -4.304  14.645  -16.616 1.00 205.76 -1 5   DG A OP2   1 
ATOM   106 O "O5'" . DG A 1 6  ? -1.845  14.382  -16.993 1.00 192.02 ?  5   DG A "O5'" 1 
ATOM   107 C "C5'" . DG A 1 6  ? -0.553  14.733  -17.516 1.00 169.27 ?  5   DG A "C5'" 1 
ATOM   108 C "C4'" . DG A 1 6  ? 0.530   14.154  -16.635 1.00 180.62 ?  5   DG A "C4'" 1 
ATOM   109 O "O4'" . DG A 1 6  ? 0.646   14.915  -15.408 1.00 179.94 ?  5   DG A "O4'" 1 
ATOM   110 C "C3'" . DG A 1 6  ? 0.299   12.711  -16.183 1.00 169.00 ?  5   DG A "C3'" 1 
ATOM   111 O "O3'" . DG A 1 6  ? 1.552   12.046  -16.058 1.00 157.76 ?  5   DG A "O3'" 1 
ATOM   112 C "C2'" . DG A 1 6  ? -0.256  12.873  -14.786 1.00 154.74 ?  5   DG A "C2'" 1 
ATOM   113 C "C1'" . DG A 1 6  ? 0.629   13.998  -14.325 1.00 136.02 ?  5   DG A "C1'" 1 
ATOM   114 N N9    . DG A 1 6  ? 0.183   14.715  -13.148 1.00 117.61 ?  5   DG A N9    1 
ATOM   115 C C8    . DG A 1 6  ? -1.099  14.895  -12.678 1.00 131.71 ?  5   DG A C8    1 
ATOM   116 N N7    . DG A 1 6  ? -1.150  15.620  -11.592 1.00 113.48 ?  5   DG A N7    1 
ATOM   117 C C5    . DG A 1 6  ? 0.175   15.936  -11.332 1.00 126.41 ?  5   DG A C5    1 
ATOM   118 C C6    . DG A 1 6  ? 0.745   16.706  -10.285 1.00 125.23 ?  5   DG A C6    1 
ATOM   119 O O6    . DG A 1 6  ? 0.164   17.283  -9.353  1.00 118.23 ?  5   DG A O6    1 
ATOM   120 N N1    . DG A 1 6  ? 2.136   16.775  -10.398 1.00 117.00 ?  5   DG A N1    1 
ATOM   121 C C2    . DG A 1 6  ? 2.881   16.189  -11.406 1.00 128.53 ?  5   DG A C2    1 
ATOM   122 N N2    . DG A 1 6  ? 4.212   16.374  -11.354 1.00 124.59 ?  5   DG A N2    1 
ATOM   123 N N3    . DG A 1 6  ? 2.355   15.472  -12.391 1.00 102.26 ?  5   DG A N3    1 
ATOM   124 C C4    . DG A 1 6  ? 1.009   15.393  -12.293 1.00 122.99 ?  5   DG A C4    1 
ATOM   125 P P     . DA A 1 7  ? 1.857   10.819  -17.014 1.00 202.05 ?  6   DA A P     1 
ATOM   126 O OP1   . DA A 1 7  ? 2.115   11.368  -18.364 1.00 212.98 ?  6   DA A OP1   1 
ATOM   127 O OP2   . DA A 1 7  ? 0.764   9.833   -16.847 1.00 234.70 -1 6   DA A OP2   1 
ATOM   128 O "O5'" . DA A 1 7  ? 3.173   10.180  -16.379 1.00 169.36 ?  6   DA A "O5'" 1 
ATOM   129 C "C5'" . DA A 1 7  ? 4.384   10.941  -16.273 1.00 169.77 ?  6   DA A "C5'" 1 
ATOM   130 C "C4'" . DA A 1 7  ? 4.864   11.023  -14.842 1.00 165.55 ?  6   DA A "C4'" 1 
ATOM   131 O "O4'" . DA A 1 7  ? 3.996   11.834  -14.021 1.00 154.49 ?  6   DA A "O4'" 1 
ATOM   132 C "C3'" . DA A 1 7  ? 4.978   9.681   -14.120 1.00 165.54 ?  6   DA A "C3'" 1 
ATOM   133 O "O3'" . DA A 1 7  ? 6.359   9.326   -14.061 1.00 190.76 ?  6   DA A "O3'" 1 
ATOM   134 C "C2'" . DA A 1 7  ? 4.312   9.928   -12.771 1.00 152.72 ?  6   DA A "C2'" 1 
ATOM   135 C "C1'" . DA A 1 7  ? 4.234   11.428  -12.698 1.00 131.03 ?  6   DA A "C1'" 1 
ATOM   136 N N9    . DA A 1 7  ? 3.131   11.912  -11.893 1.00 131.35 ?  6   DA A N9    1 
ATOM   137 C C8    . DA A 1 7  ? 1.785   11.777  -12.137 1.00 127.01 ?  6   DA A C8    1 
ATOM   138 N N7    . DA A 1 7  ? 1.025   12.336  -11.225 1.00 116.24 ?  6   DA A N7    1 
ATOM   139 C C5    . DA A 1 7  ? 1.930   12.883  -10.326 1.00 115.98 ?  6   DA A C5    1 
ATOM   140 C C6    . DA A 1 7  ? 1.760   13.630  -9.144  1.00 111.63 ?  6   DA A C6    1 
ATOM   141 N N6    . DA A 1 7  ? 0.566   13.948  -8.640  1.00 119.98 ?  6   DA A N6    1 
ATOM   142 N N1    . DA A 1 7  ? 2.873   14.034  -8.487  1.00 108.34 ?  6   DA A N1    1 
ATOM   143 C C2    . DA A 1 7  ? 4.075   13.688  -8.984  1.00 124.23 ?  6   DA A C2    1 
ATOM   144 N N3    . DA A 1 7  ? 4.363   12.982  -10.082 1.00 124.73 ?  6   DA A N3    1 
ATOM   145 C C4    . DA A 1 7  ? 3.234   12.622  -10.723 1.00 137.67 ?  6   DA A C4    1 
ATOM   146 P P     . DC A 1 8  ? 6.789   8.057   -13.224 1.00 201.80 ?  7   DC A P     1 
ATOM   147 O OP1   . DC A 1 8  ? 8.225   7.776   -13.482 1.00 186.90 ?  7   DC A OP1   1 
ATOM   148 O OP2   . DC A 1 8  ? 5.768   7.001   -13.480 1.00 167.27 -1 7   DC A OP2   1 
ATOM   149 O "O5'" . DC A 1 8  ? 6.741   8.633   -11.744 1.00 183.75 ?  7   DC A "O5'" 1 
ATOM   150 C "C5'" . DC A 1 8  ? 7.413   9.865   -11.407 1.00 172.16 ?  7   DC A "C5'" 1 
ATOM   151 C "C4'" . DC A 1 8  ? 7.555   9.914   -9.908  1.00 179.86 ?  7   DC A "C4'" 1 
ATOM   152 O "O4'" . DC A 1 8  ? 6.411   10.588  -9.332  1.00 173.69 ?  7   DC A "O4'" 1 
ATOM   153 C "C3'" . DC A 1 8  ? 7.576   8.510   -9.303  1.00 175.85 ?  7   DC A "C3'" 1 
ATOM   154 O "O3'" . DC A 1 8  ? 8.659   8.315   -8.411  1.00 186.72 ?  7   DC A "O3'" 1 
ATOM   155 C "C2'" . DC A 1 8  ? 6.241   8.388   -8.596  1.00 160.81 ?  7   DC A "C2'" 1 
ATOM   156 C "C1'" . DC A 1 8  ? 5.921   9.820   -8.245  1.00 147.23 ?  7   DC A "C1'" 1 
ATOM   157 N N1    . DC A 1 8  ? 4.483   10.083  -8.124  1.00 121.36 ?  7   DC A N1    1 
ATOM   158 C C2    . DC A 1 8  ? 4.009   10.830  -7.027  1.00 119.05 ?  7   DC A C2    1 
ATOM   159 O O2    . DC A 1 8  ? 4.819   11.242  -6.179  1.00 115.19 ?  7   DC A O2    1 
ATOM   160 N N3    . DC A 1 8  ? 2.681   11.088  -6.928  1.00 94.76  ?  7   DC A N3    1 
ATOM   161 C C4    . DC A 1 8  ? 1.837   10.599  -7.845  1.00 105.63 ?  7   DC A C4    1 
ATOM   162 N N4    . DC A 1 8  ? 0.537   10.864  -7.700  1.00 100.78 ?  7   DC A N4    1 
ATOM   163 C C5    . DC A 1 8  ? 2.290   9.806   -8.948  1.00 93.61  ?  7   DC A C5    1 
ATOM   164 C C6    . DC A 1 8  ? 3.608   9.593   -9.056  1.00 108.27 ?  7   DC A C6    1 
ATOM   165 P P     . DC A 1 9  ? 8.793   6.919   -7.678  1.00 199.46 ?  8   DC A P     1 
ATOM   166 O OP1   . DC A 1 9  ? 10.237  6.591   -7.613  1.00 181.32 ?  8   DC A OP1   1 
ATOM   167 O OP2   . DC A 1 9  ? 7.887   5.958   -8.378  1.00 164.37 -1 8   DC A OP2   1 
ATOM   168 O "O5'" . DC A 1 9  ? 8.330   7.295   -6.196  1.00 159.95 ?  8   DC A "O5'" 1 
ATOM   169 C "C5'" . DC A 1 9  ? 9.037   8.351   -5.512  1.00 169.93 ?  8   DC A "C5'" 1 
ATOM   170 C "C4'" . DC A 1 9  ? 8.285   8.832   -4.294  1.00 167.74 ?  8   DC A "C4'" 1 
ATOM   171 O "O4'" . DC A 1 9  ? 6.951   9.282   -4.663  1.00 164.16 ?  8   DC A "O4'" 1 
ATOM   172 C "C3'" . DC A 1 9  ? 8.098   7.764   -3.214  1.00 138.72 ?  8   DC A "C3'" 1 
ATOM   173 O "O3'" . DC A 1 9  ? 8.359   8.275   -1.905  1.00 143.12 ?  8   DC A "O3'" 1 
ATOM   174 C "C2'" . DC A 1 9  ? 6.633   7.420   -3.345  1.00 137.93 ?  8   DC A "C2'" 1 
ATOM   175 C "C1'" . DC A 1 9  ? 6.040   8.757   -3.720  1.00 132.04 ?  8   DC A "C1'" 1 
ATOM   176 N N1    . DC A 1 9  ? 4.736   8.584   -4.371  1.00 126.04 ?  8   DC A N1    1 
ATOM   177 C C2    . DC A 1 9  ? 3.567   9.036   -3.733  1.00 121.13 ?  8   DC A C2    1 
ATOM   178 O O2    . DC A 1 9  ? 3.666   9.679   -2.677  1.00 126.57 ?  8   DC A O2    1 
ATOM   179 N N3    . DC A 1 9  ? 2.365   8.804   -4.315  1.00 88.50  ?  8   DC A N3    1 
ATOM   180 C C4    . DC A 1 9  ? 2.302   8.122   -5.460  1.00 96.35  ?  8   DC A C4    1 
ATOM   181 N N4    . DC A 1 9  ? 1.100   7.907   -5.994  1.00 102.25 ?  8   DC A N4    1 
ATOM   182 C C5    . DC A 1 9  ? 3.470   7.626   -6.112  1.00 122.31 ?  8   DC A C5    1 
ATOM   183 C C6    . DC A 1 9  ? 4.654   7.876   -5.538  1.00 125.82 ?  8   DC A C6    1 
ATOM   184 P P     . DT A 1 10 ? 7.810   7.483   -0.603  1.00 178.13 ?  9   DT A P     1 
ATOM   185 O OP1   . DT A 1 10 ? 8.405   8.090   0.624   1.00 147.82 ?  9   DT A OP1   1 
ATOM   186 O OP2   . DT A 1 10 ? 7.964   6.006   -0.883  1.00 127.77 -1 9   DT A OP2   1 
ATOM   187 O "O5'" . DT A 1 10 ? 6.316   8.020   -0.455  1.00 132.92 ?  9   DT A "O5'" 1 
ATOM   188 C "C5'" . DT A 1 10 ? 6.046   9.401   -0.129  1.00 150.58 ?  9   DT A "C5'" 1 
ATOM   189 C "C4'" . DT A 1 10 ? 5.141   9.484   1.074   1.00 141.70 ?  9   DT A "C4'" 1 
ATOM   190 O "O4'" . DT A 1 10 ? 3.755   9.317   0.671   1.00 151.11 ?  9   DT A "O4'" 1 
ATOM   191 C "C3'" . DT A 1 10 ? 5.400   8.389   2.089   1.00 146.36 ?  9   DT A "C3'" 1 
ATOM   192 O "O3'" . DT A 1 10 ? 5.137   8.906   3.389   1.00 151.68 ?  9   DT A "O3'" 1 
ATOM   193 C "C2'" . DT A 1 10 ? 4.463   7.279   1.631   1.00 146.04 ?  9   DT A "C2'" 1 
ATOM   194 C "C1'" . DT A 1 10 ? 3.260   8.036   1.059   1.00 137.16 ?  9   DT A "C1'" 1 
ATOM   195 N N1    . DT A 1 10 ? 2.578   7.406   -0.129  1.00 129.65 ?  9   DT A N1    1 
ATOM   196 C C2    . DT A 1 10 ? 1.198   7.496   -0.283  1.00 95.91  ?  9   DT A C2    1 
ATOM   197 O O2    . DT A 1 10 ? 0.470   8.065   0.507   1.00 88.25  ?  9   DT A O2    1 
ATOM   198 N N3    . DT A 1 10 ? 0.703   6.868   -1.395  1.00 79.71  ?  9   DT A N3    1 
ATOM   199 C C4    . DT A 1 10 ? 1.421   6.167   -2.344  1.00 105.58 ?  9   DT A C4    1 
ATOM   200 O O4    . DT A 1 10 ? 0.837   5.650   -3.291  1.00 111.00 ?  9   DT A O4    1 
ATOM   201 C C5    . DT A 1 10 ? 2.849   6.100   -2.120  1.00 121.23 ?  9   DT A C5    1 
ATOM   202 C C7    . DT A 1 10 ? 3.698   5.335   -3.085  1.00 129.34 ?  9   DT A C7    1 
ATOM   203 C C6    . DT A 1 10 ? 3.350   6.714   -1.040  1.00 108.50 ?  9   DT A C6    1 
ATOM   204 P P     . DG A 1 11 ? 4.973   7.867   4.570   1.00 165.44 ?  10  DG A P     1 
ATOM   205 O OP1   . DG A 1 11 ? 5.079   8.591   5.886   1.00 121.90 ?  10  DG A OP1   1 
ATOM   206 O OP2   . DG A 1 11 ? 5.878   6.682   4.236   1.00 101.44 -1 10  DG A OP2   1 
ATOM   207 O "O5'" . DG A 1 11 ? 3.420   7.542   4.473   1.00 134.91 ?  10  DG A "O5'" 1 
ATOM   208 C "C5'" . DG A 1 11 ? 2.456   8.597   4.635   1.00 138.16 ?  10  DG A "C5'" 1 
ATOM   209 C "C4'" . DG A 1 11 ? 1.261   8.125   5.432   1.00 147.03 ?  10  DG A "C4'" 1 
ATOM   210 O "O4'" . DG A 1 11 ? 0.297   7.491   4.559   1.00 165.70 ?  10  DG A "O4'" 1 
ATOM   211 C "C3'" . DG A 1 11 ? 1.546   7.097   6.517   1.00 131.60 ?  10  DG A "C3'" 1 
ATOM   212 O "O3'" . DG A 1 11 ? 0.569   7.243   7.538   1.00 131.21 ?  10  DG A "O3'" 1 
ATOM   213 C "C2'" . DG A 1 11 ? 1.386   5.773   5.787   1.00 126.86 ?  10  DG A "C2'" 1 
ATOM   214 C "C1'" . DG A 1 11 ? 0.294   6.082   4.763   1.00 134.41 ?  10  DG A "C1'" 1 
ATOM   215 N N9    . DG A 1 11 ? 0.493   5.445   3.466   1.00 119.35 ?  10  DG A N9    1 
ATOM   216 C C8    . DG A 1 11 ? 1.681   5.020   2.914   1.00 111.39 ?  10  DG A C8    1 
ATOM   217 N N7    . DG A 1 11 ? 1.530   4.449   1.749   1.00 95.68  ?  10  DG A N7    1 
ATOM   218 C C5    . DG A 1 11 ? 0.167   4.524   1.507   1.00 95.88  ?  10  DG A C5    1 
ATOM   219 C C6    . DG A 1 11 ? -0.579  4.081   0.398   1.00 109.55 ?  10  DG A C6    1 
ATOM   220 O O6    . DG A 1 11 ? -0.169  3.507   -0.615  1.00 99.16  ?  10  DG A O6    1 
ATOM   221 N N1    . DG A 1 11 ? -1.947  4.317   0.568   1.00 118.10 ?  10  DG A N1    1 
ATOM   222 C C2    . DG A 1 11 ? -2.513  4.922   1.669   1.00 131.27 ?  10  DG A C2    1 
ATOM   223 N N2    . DG A 1 11 ? -3.855  5.073   1.645   1.00 118.05 ?  10  DG A N2    1 
ATOM   224 N N3    . DG A 1 11 ? -1.812  5.361   2.711   1.00 108.87 ?  10  DG A N3    1 
ATOM   225 C C4    . DG A 1 11 ? -0.489  5.129   2.561   1.00 95.10  ?  10  DG A C4    1 
ATOM   226 P P     . DA A 1 12 ? 0.321   6.013   8.515   1.00 151.52 ?  11  DA A P     1 
ATOM   227 O OP1   . DA A 1 12 ? -0.199  6.537   9.816   1.00 102.32 ?  11  DA A OP1   1 
ATOM   228 O OP2   . DA A 1 12 ? 1.543   5.138   8.442   1.00 114.77 -1 11  DA A OP2   1 
ATOM   229 O "O5'" . DA A 1 12 ? -0.986  5.357   7.900   1.00 141.31 ?  11  DA A "O5'" 1 
ATOM   230 C "C5'" . DA A 1 12 ? -2.145  6.197   7.817   1.00 144.09 ?  11  DA A "C5'" 1 
ATOM   231 C "C4'" . DA A 1 12 ? -3.392  5.397   8.089   1.00 132.79 ?  11  DA A "C4'" 1 
ATOM   232 O "O4'" . DA A 1 12 ? -3.728  4.631   6.910   1.00 152.24 ?  11  DA A "O4'" 1 
ATOM   233 C "C3'" . DA A 1 12 ? -3.304  4.390   9.226   1.00 122.37 ?  11  DA A "C3'" 1 
ATOM   234 O "O3'" . DA A 1 12 ? -4.608  4.488   9.773   1.00 124.67 ?  11  DA A "O3'" 1 
ATOM   235 C "C2'" . DA A 1 12 ? -2.926  3.095   8.525   1.00 122.93 ?  11  DA A "C2'" 1 
ATOM   236 C "C1'" . DA A 1 12 ? -3.476  3.256   7.105   1.00 105.36 ?  11  DA A "C1'" 1 
ATOM   237 N N9    . DA A 1 12 ? -2.585  2.816   6.038   1.00 80.75  ?  11  DA A N9    1 
ATOM   238 C C8    . DA A 1 12 ? -1.213  2.705   6.080   1.00 85.96  ?  11  DA A C8    1 
ATOM   239 N N7    . DA A 1 12 ? -0.683  2.206   4.981   1.00 79.72  ?  11  DA A N7    1 
ATOM   240 C C5    . DA A 1 12 ? -1.776  1.997   4.156   1.00 70.77  ?  11  DA A C5    1 
ATOM   241 C C6    . DA A 1 12 ? -1.869  1.552   2.846   1.00 75.60  ?  11  DA A C6    1 
ATOM   242 N N6    . DA A 1 12 ? -0.806  1.177   2.139   1.00 94.14  ?  11  DA A N6    1 
ATOM   243 N N1    . DA A 1 12 ? -3.106  1.468   2.288   1.00 79.20  ?  11  DA A N1    1 
ATOM   244 C C2    . DA A 1 12 ? -4.171  1.831   3.029   1.00 70.45  ?  11  DA A C2    1 
ATOM   245 N N3    . DA A 1 12 ? -4.205  2.287   4.283   1.00 66.77  ?  11  DA A N3    1 
ATOM   246 C C4    . DA A 1 12 ? -2.959  2.349   4.798   1.00 80.52  ?  11  DA A C4    1 
ATOM   247 P P     . DC A 1 13 ? -5.217  3.333   10.588  1.00 127.79 ?  12  DC A P     1 
ATOM   248 O OP1   . DC A 1 13 ? -6.502  3.836   11.141  1.00 114.02 ?  12  DC A OP1   1 
ATOM   249 O OP2   . DC A 1 13 ? -4.147  2.804   11.465  1.00 132.17 -1 12  DC A OP2   1 
ATOM   250 O "O5'" . DC A 1 13 ? -5.524  2.247   9.473   1.00 119.81 ?  12  DC A "O5'" 1 
ATOM   251 C "C5'" . DC A 1 13 ? -6.758  2.298   8.753   1.00 108.85 ?  12  DC A "C5'" 1 
ATOM   252 C "C4'" . DC A 1 13 ? -6.840  1.125   7.809   1.00 102.08 ?  12  DC A "C4'" 1 
ATOM   253 O "O4'" . DC A 1 13 ? -5.597  0.986   7.108   1.00 111.23 ?  12  DC A "O4'" 1 
ATOM   254 C "C3'" . DC A 1 13 ? -7.048  -0.227  8.484   1.00 99.59  ?  12  DC A "C3'" 1 
ATOM   255 O "O3'" . DC A 1 13 ? -8.386  -0.627  8.244   1.00 105.57 ?  12  DC A "O3'" 1 
ATOM   256 C "C2'" . DC A 1 13 ? -6.089  -1.155  7.758   1.00 90.90  ?  12  DC A "C2'" 1 
ATOM   257 C "C1'" . DC A 1 13 ? -5.598  -0.316  6.602   1.00 76.09  ?  12  DC A "C1'" 1 
ATOM   258 N N1    . DC A 1 13 ? -4.242  -0.620  6.145   1.00 64.74  ?  12  DC A N1    1 
ATOM   259 C C2    . DC A 1 13 ? -4.106  -1.163  4.879   1.00 76.78  ?  12  DC A C2    1 
ATOM   260 O O2    . DC A 1 13 ? -5.129  -1.354  4.213   1.00 85.21  ?  12  DC A O2    1 
ATOM   261 N N3    . DC A 1 13 ? -2.873  -1.506  4.428   1.00 77.34  ?  12  DC A N3    1 
ATOM   262 C C4    . DC A 1 13 ? -1.801  -1.302  5.205   1.00 70.04  ?  12  DC A C4    1 
ATOM   263 N N4    . DC A 1 13 ? -0.610  -1.659  4.733   1.00 77.19  ?  12  DC A N4    1 
ATOM   264 C C5    . DC A 1 13 ? -1.912  -0.734  6.507   1.00 47.24  ?  12  DC A C5    1 
ATOM   265 C C6    . DC A 1 13 ? -3.140  -0.406  6.932   1.00 60.28  ?  12  DC A C6    1 
ATOM   266 P P     . DG A 1 14 ? -9.071  -1.753  9.136   1.00 114.24 ?  13  DG A P     1 
ATOM   267 O OP1   . DG A 1 14 ? -10.477 -1.366  9.314   1.00 110.99 ?  13  DG A OP1   1 
ATOM   268 O OP2   . DG A 1 14 ? -8.225  -2.041  10.315  1.00 107.56 -1 13  DG A OP2   1 
ATOM   269 O "O5'" . DG A 1 14 ? -9.024  -3.012  8.176   1.00 111.59 ?  13  DG A "O5'" 1 
ATOM   270 C "C5'" . DG A 1 14 ? -9.598  -2.888  6.878   1.00 103.00 ?  13  DG A "C5'" 1 
ATOM   271 C "C4'" . DG A 1 14 ? -8.849  -3.791  5.935   1.00 100.28 ?  13  DG A "C4'" 1 
ATOM   272 O "O4'" . DG A 1 14 ? -7.446  -3.512  6.041   1.00 107.37 ?  13  DG A "O4'" 1 
ATOM   273 C "C3'" . DG A 1 14 ? -8.962  -5.286  6.232   1.00 88.71  ?  13  DG A "C3'" 1 
ATOM   274 O "O3'" . DG A 1 14 ? -9.807  -5.959  5.289   1.00 86.75  ?  13  DG A "O3'" 1 
ATOM   275 C "C2'" . DG A 1 14 ? -7.525  -5.768  6.140   1.00 89.95  ?  13  DG A "C2'" 1 
ATOM   276 C "C1'" . DG A 1 14 ? -6.854  -4.627  5.451   1.00 79.58  ?  13  DG A "C1'" 1 
ATOM   277 N N9    . DG A 1 14 ? -5.419  -4.533  5.646   1.00 73.24  ?  13  DG A N9    1 
ATOM   278 C C8    . DG A 1 14 ? -4.754  -4.088  6.764   1.00 64.85  ?  13  DG A C8    1 
ATOM   279 N N7    . DG A 1 14 ? -3.453  -4.098  6.622   1.00 65.71  ?  13  DG A N7    1 
ATOM   280 C C5    . DG A 1 14 ? -3.255  -4.576  5.330   1.00 70.68  ?  13  DG A C5    1 
ATOM   281 C C6    . DG A 1 14 ? -2.057  -4.807  4.614   1.00 74.09  ?  13  DG A C6    1 
ATOM   282 O O6    . DG A 1 14 ? -0.899  -4.655  4.991   1.00 99.93  ?  13  DG A O6    1 
ATOM   283 N N1    . DG A 1 14 ? -2.307  -5.255  3.327   1.00 81.27  ?  13  DG A N1    1 
ATOM   284 C C2    . DG A 1 14 ? -3.556  -5.478  2.801   1.00 94.55  ?  13  DG A C2    1 
ATOM   285 N N2    . DG A 1 14 ? -3.592  -5.907  1.530   1.00 96.88  ?  13  DG A N2    1 
ATOM   286 N N3    . DG A 1 14 ? -4.686  -5.258  3.456   1.00 73.96  ?  13  DG A N3    1 
ATOM   287 C C4    . DG A 1 14 ? -4.459  -4.801  4.702   1.00 64.23  ?  13  DG A C4    1 
ATOM   288 P P     . DA A 1 15 ? -10.046 -7.568  5.405   1.00 122.25 ?  14  DA A P     1 
ATOM   289 O OP1   . DA A 1 15 ? -11.464 -7.818  5.084   1.00 114.99 ?  14  DA A OP1   1 
ATOM   290 O OP2   . DA A 1 15 ? -9.512  -8.021  6.717   1.00 102.13 -1 14  DA A OP2   1 
ATOM   291 O "O5'" . DA A 1 15 ? -9.204  -8.177  4.187   1.00 83.74  ?  14  DA A "O5'" 1 
ATOM   292 C "C5'" . DA A 1 15 ? -9.107  -7.340  3.036   1.00 87.34  ?  14  DA A "C5'" 1 
ATOM   293 C "C4'" . DA A 1 15 ? -8.588  -8.118  1.863   1.00 95.44  ?  14  DA A "C4'" 1 
ATOM   294 O "O4'" . DA A 1 15 ? -7.153  -8.006  1.842   1.00 110.93 ?  14  DA A "O4'" 1 
ATOM   295 C "C3'" . DA A 1 15 ? -8.860  -9.606  1.898   1.00 106.11 ?  14  DA A "C3'" 1 
ATOM   296 O "O3'" . DA A 1 15 ? -8.700  -10.138 0.580   1.00 108.73 ?  14  DA A "O3'" 1 
ATOM   297 C "C2'" . DA A 1 15 ? -7.723  -10.098 2.758   1.00 118.87 ?  14  DA A "C2'" 1 
ATOM   298 C "C1'" . DA A 1 15 ? -6.578  -9.201  2.317   1.00 100.70 ?  14  DA A "C1'" 1 
ATOM   299 N N9    . DA A 1 15 ? -5.692  -8.832  3.397   1.00 80.64  ?  14  DA A N9    1 
ATOM   300 C C8    . DA A 1 15 ? -6.021  -8.517  4.690   1.00 72.54  ?  14  DA A C8    1 
ATOM   301 N N7    . DA A 1 15 ? -4.991  -8.205  5.436   1.00 75.64  ?  14  DA A N7    1 
ATOM   302 C C5    . DA A 1 15 ? -3.911  -8.331  4.573   1.00 81.28  ?  14  DA A C5    1 
ATOM   303 C C6    . DA A 1 15 ? -2.547  -8.104  4.744   1.00 82.25  ?  14  DA A C6    1 
ATOM   304 N N6    . DA A 1 15 ? -2.013  -7.721  5.901   1.00 92.27  ?  14  DA A N6    1 
ATOM   305 N N1    . DA A 1 15 ? -1.734  -8.302  3.682   1.00 77.68  ?  14  DA A N1    1 
ATOM   306 C C2    . DA A 1 15 ? -2.282  -8.687  2.524   1.00 84.43  ?  14  DA A C2    1 
ATOM   307 N N3    . DA A 1 15 ? -3.557  -8.929  2.237   1.00 88.47  ?  14  DA A N3    1 
ATOM   308 C C4    . DA A 1 15 ? -4.331  -8.704  3.312   1.00 78.67  ?  14  DA A C4    1 
ATOM   309 P P     . DC A 1 16 ? -8.939  -11.680 0.311   1.00 114.38 ?  15  DC A P     1 
ATOM   310 O OP1   . DC A 1 16 ? -9.590  -11.816 -1.018  1.00 113.29 ?  15  DC A OP1   1 
ATOM   311 O OP2   . DC A 1 16 ? -9.538  -12.279 1.547   1.00 117.30 -1 15  DC A OP2   1 
ATOM   312 O "O5'" . DC A 1 16 ? -7.467  -12.224 0.143   1.00 102.21 ?  15  DC A "O5'" 1 
ATOM   313 C "C5'" . DC A 1 16 ? -6.738  -11.816 -1.003  1.00 114.14 ?  15  DC A "C5'" 1 
ATOM   314 C "C4'" . DC A 1 16 ? -5.422  -12.544 -0.977  1.00 118.32 ?  15  DC A "C4'" 1 
ATOM   315 O "O4'" . DC A 1 16 ? -4.585  -12.014 0.077   1.00 126.67 ?  15  DC A "O4'" 1 
ATOM   316 C "C3'" . DC A 1 16 ? -5.590  -14.024 -0.672  1.00 121.43 ?  15  DC A "C3'" 1 
ATOM   317 O "O3'" . DC A 1 16 ? -4.734  -14.687 -1.570  1.00 132.57 ?  15  DC A "O3'" 1 
ATOM   318 C "C2'" . DC A 1 16 ? -5.071  -14.171 0.745   1.00 129.15 ?  15  DC A "C2'" 1 
ATOM   319 C "C1'" . DC A 1 16 ? -4.030  -13.077 0.814   1.00 112.28 ?  15  DC A "C1'" 1 
ATOM   320 N N1    . DC A 1 16 ? -3.742  -12.567 2.156   1.00 103.51 ?  15  DC A N1    1 
ATOM   321 C C2    . DC A 1 16 ? -2.411  -12.414 2.575   1.00 94.13  ?  15  DC A C2    1 
ATOM   322 O O2    . DC A 1 16 ? -1.499  -12.741 1.811   1.00 102.01 ?  15  DC A O2    1 
ATOM   323 N N3    . DC A 1 16 ? -2.157  -11.916 3.801   1.00 88.26  ?  15  DC A N3    1 
ATOM   324 C C4    . DC A 1 16 ? -3.167  -11.529 4.581   1.00 85.27  ?  15  DC A C4    1 
ATOM   325 N N4    . DC A 1 16 ? -2.871  -11.026 5.770   1.00 77.71  ?  15  DC A N4    1 
ATOM   326 C C5    . DC A 1 16 ? -4.528  -11.686 4.191   1.00 94.73  ?  15  DC A C5    1 
ATOM   327 C C6    . DC A 1 16 ? -4.767  -12.170 2.965   1.00 95.64  ?  15  DC A C6    1 
ATOM   328 P P     . DA A 1 17 ? -4.873  -16.212 -1.797  1.00 128.36 ?  16  DA A P     1 
ATOM   329 O OP1   . DA A 1 17 ? -4.842  -16.430 -3.268  1.00 125.08 ?  16  DA A OP1   1 
ATOM   330 O OP2   . DA A 1 17 ? -5.954  -16.733 -0.919  1.00 123.30 -1 16  DA A OP2   1 
ATOM   331 O "O5'" . DA A 1 17 ? -3.533  -16.776 -1.168  1.00 130.59 ?  16  DA A "O5'" 1 
ATOM   332 C "C5'" . DA A 1 17 ? -2.279  -16.564 -1.827  1.00 105.24 ?  16  DA A "C5'" 1 
ATOM   333 C "C4'" . DA A 1 17 ? -1.200  -17.082 -0.913  1.00 122.26 ?  16  DA A "C4'" 1 
ATOM   334 O "O4'" . DA A 1 17 ? -1.223  -16.332 0.331   1.00 133.12 ?  16  DA A "O4'" 1 
ATOM   335 C "C3'" . DA A 1 17 ? -1.364  -18.543 -0.494  1.00 116.19 ?  16  DA A "C3'" 1 
ATOM   336 O "O3'" . DA A 1 17 ? -0.058  -19.052 -0.220  1.00 131.78 ?  16  DA A "O3'" 1 
ATOM   337 C "C2'" . DA A 1 17 ? -2.043  -18.434 0.854   1.00 97.84  ?  16  DA A "C2'" 1 
ATOM   338 C "C1'" . DA A 1 17 ? -1.271  -17.264 1.404   1.00 102.06 ?  16  DA A "C1'" 1 
ATOM   339 N N9    . DA A 1 17 ? -1.866  -16.596 2.544   1.00 94.17  ?  16  DA A N9    1 
ATOM   340 C C8    . DA A 1 17 ? -3.189  -16.345 2.794   1.00 98.15  ?  16  DA A C8    1 
ATOM   341 N N7    . DA A 1 17 ? -3.403  -15.729 3.929   1.00 86.03  ?  16  DA A N7    1 
ATOM   342 C C5    . DA A 1 17 ? -2.133  -15.555 4.454   1.00 83.44  ?  16  DA A C5    1 
ATOM   343 C C6    . DA A 1 17 ? -1.676  -14.925 5.620   1.00 100.83 ?  16  DA A C6    1 
ATOM   344 N N6    . DA A 1 17 ? -2.485  -14.363 6.519   1.00 89.41  ?  16  DA A N6    1 
ATOM   345 N N1    . DA A 1 17 ? -0.343  -14.912 5.847   1.00 89.05  ?  16  DA A N1    1 
ATOM   346 C C2    . DA A 1 17 ? 0.464   -15.487 4.947   1.00 88.39  ?  16  DA A C2    1 
ATOM   347 N N3    . DA A 1 17 ? 0.152   -16.090 3.800   1.00 81.18  ?  16  DA A N3    1 
ATOM   348 C C4    . DA A 1 17 ? -1.179  -16.085 3.612   1.00 78.82  ?  16  DA A C4    1 
ATOM   349 P P     . DA A 1 18 ? 0.525   -20.236 -1.064  1.00 141.59 ?  17  DA A P     1 
ATOM   350 O OP1   . DA A 1 18 ? 1.958   -19.946 -1.322  1.00 115.26 ?  17  DA A OP1   1 
ATOM   351 O OP2   . DA A 1 18 ? -0.456  -20.565 -2.137  1.00 114.71 -1 17  DA A OP2   1 
ATOM   352 O "O5'" . DA A 1 18 ? 0.575   -21.432 -0.022  1.00 159.37 ?  17  DA A "O5'" 1 
ATOM   353 C "C5'" . DA A 1 18 ? 0.849   -21.150 1.342   1.00 143.25 ?  17  DA A "C5'" 1 
ATOM   354 C "C4'" . DA A 1 18 ? 2.204   -20.501 1.511   1.00 122.24 ?  17  DA A "C4'" 1 
ATOM   355 O "O4'" . DA A 1 18 ? 2.030   -19.334 2.307   1.00 108.47 ?  17  DA A "O4'" 1 
ATOM   356 C "C3'" . DA A 1 18 ? 3.153   -21.346 2.332   1.00 129.12 ?  17  DA A "C3'" 1 
ATOM   357 O "O3'" . DA A 1 18 ? 4.508   -20.998 2.095   1.00 127.31 ?  17  DA A "O3'" 1 
ATOM   358 C "C2'" . DA A 1 18 ? 2.693   -21.078 3.752   1.00 102.68 ?  17  DA A "C2'" 1 
ATOM   359 C "C1'" . DA A 1 18 ? 2.132   -19.691 3.680   1.00 85.05  ?  17  DA A "C1'" 1 
ATOM   360 N N9    . DA A 1 18 ? 0.833   -19.451 4.268   1.00 89.15  ?  17  DA A N9    1 
ATOM   361 C C8    . DA A 1 18 ? -0.403  -19.534 3.677   1.00 94.57  ?  17  DA A C8    1 
ATOM   362 N N7    . DA A 1 18 ? -1.379  -19.088 4.432   1.00 100.13 ?  17  DA A N7    1 
ATOM   363 C C5    . DA A 1 18 ? -0.735  -18.624 5.567   1.00 74.97  ?  17  DA A C5    1 
ATOM   364 C C6    . DA A 1 18 ? -1.209  -18.012 6.736   1.00 93.35  ?  17  DA A C6    1 
ATOM   365 N N6    . DA A 1 18 ? -2.498  -17.775 6.967   1.00 103.31 ?  17  DA A N6    1 
ATOM   366 N N1    . DA A 1 18 ? -0.307  -17.674 7.686   1.00 84.00  ?  17  DA A N1    1 
ATOM   367 C C2    . DA A 1 18 ? 0.988   -17.918 7.446   1.00 83.60  ?  17  DA A C2    1 
ATOM   368 N N3    . DA A 1 18 ? 1.556   -18.501 6.385   1.00 77.79  ?  17  DA A N3    1 
ATOM   369 C C4    . DA A 1 18 ? 0.630   -18.824 5.472   1.00 73.67  ?  17  DA A C4    1 
ATOM   370 P P     . DT A 1 19 ? 5.624   -21.994 2.643   1.00 142.19 ?  18  DT A P     1 
ATOM   371 O OP1   . DT A 1 19 ? 6.790   -21.968 1.706   1.00 119.15 ?  18  DT A OP1   1 
ATOM   372 O OP2   . DT A 1 19 ? 4.967   -23.289 2.953   1.00 114.04 -1 18  DT A OP2   1 
ATOM   373 O "O5'" . DT A 1 19 ? 5.901   -21.416 4.093   1.00 108.91 ?  18  DT A "O5'" 1 
ATOM   374 C "C5'" . DT A 1 19 ? 5.303   -22.055 5.185   1.00 95.48  ?  18  DT A "C5'" 1 
ATOM   375 C "C4'" . DT A 1 19 ? 5.410   -21.180 6.395   1.00 89.86  ?  18  DT A "C4'" 1 
ATOM   376 O "O4'" . DT A 1 19 ? 4.139   -20.586 6.692   1.00 99.80  ?  18  DT A "O4'" 1 
ATOM   377 C "C3'" . DT A 1 19 ? 5.760   -22.019 7.601   1.00 111.10 ?  18  DT A "C3'" 1 
ATOM   378 O "O3'" . DT A 1 19 ? 6.589   -21.314 8.467   1.00 115.82 ?  18  DT A "O3'" 1 
ATOM   379 C "C2'" . DT A 1 19 ? 4.463   -22.183 8.349   1.00 108.52 ?  18  DT A "C2'" 1 
ATOM   380 C "C1'" . DT A 1 19 ? 3.751   -20.923 8.023   1.00 89.97  ?  18  DT A "C1'" 1 
ATOM   381 N N1    . DT A 1 19 ? 2.301   -21.069 8.019   1.00 90.75  ?  18  DT A N1    1 
ATOM   382 C C2    . DT A 1 19 ? 1.580   -20.616 9.104   1.00 102.44 ?  18  DT A C2    1 
ATOM   383 O O2    . DT A 1 19 ? 2.101   -20.140 10.102  1.00 132.24 ?  18  DT A O2    1 
ATOM   384 N N3    . DT A 1 19 ? 0.218   -20.729 8.970   1.00 89.50  ?  18  DT A N3    1 
ATOM   385 C C4    . DT A 1 19 ? -0.475  -21.200 7.873   1.00 92.51  ?  18  DT A C4    1 
ATOM   386 O O4    . DT A 1 19 ? -1.700  -21.231 7.896   1.00 112.33 ?  18  DT A O4    1 
ATOM   387 C C5    . DT A 1 19 ? 0.342   -21.668 6.777   1.00 86.02  ?  18  DT A C5    1 
ATOM   388 C C7    . DT A 1 19 ? -0.326  -22.261 5.578   1.00 97.51  ?  18  DT A C7    1 
ATOM   389 C C6    . DT A 1 19 ? 1.673   -21.585 6.904   1.00 83.95  ?  18  DT A C6    1 
ATOM   390 P P     . DT A 1 20 ? 7.684   -22.111 9.192   1.00 139.91 ?  19  DT A P     1 
ATOM   391 O OP1   . DT A 1 20 ? 8.972   -21.519 8.811   1.00 122.06 ?  19  DT A OP1   1 
ATOM   392 O OP2   . DT A 1 20 ? 7.464   -23.575 8.918   1.00 133.26 -1 19  DT A OP2   1 
ATOM   393 O "O5'" . DT A 1 20 ? 7.379   -21.731 10.701  1.00 109.42 ?  19  DT A "O5'" 1 
ATOM   394 C "C5'" . DT A 1 20 ? 6.863   -22.730 11.554  1.00 121.65 ?  19  DT A "C5'" 1 
ATOM   395 C "C4'" . DT A 1 20 ? 5.702   -22.139 12.297  1.00 119.44 ?  19  DT A "C4'" 1 
ATOM   396 O "O4'" . DT A 1 20 ? 4.547   -22.189 11.444  1.00 98.56  ?  19  DT A "O4'" 1 
ATOM   397 C "C3'" . DT A 1 20 ? 5.352   -22.937 13.552  1.00 126.51 ?  19  DT A "C3'" 1 
ATOM   398 O "O3'" . DT A 1 20 ? 5.543   -22.199 14.742  1.00 141.53 ?  19  DT A "O3'" 1 
ATOM   399 C "C2'" . DT A 1 20 ? 3.860   -23.168 13.453  1.00 129.91 ?  19  DT A "C2'" 1 
ATOM   400 C "C1'" . DT A 1 20 ? 3.439   -22.274 12.323  1.00 108.84 ?  19  DT A "C1'" 1 
ATOM   401 N N1    . DT A 1 20 ? 2.319   -22.816 11.581  1.00 101.84 ?  19  DT A N1    1 
ATOM   402 C C2    . DT A 1 20 ? 1.054   -22.575 12.065  1.00 113.73 ?  19  DT A C2    1 
ATOM   403 O O2    . DT A 1 20 ? 0.840   -21.929 13.085  1.00 115.74 ?  19  DT A O2    1 
ATOM   404 N N3    . DT A 1 20 ? 0.041   -23.104 11.298  1.00 104.02 ?  19  DT A N3    1 
ATOM   405 C C4    . DT A 1 20 ? 0.176   -23.839 10.128  1.00 99.60  ?  19  DT A C4    1 
ATOM   406 O O4    . DT A 1 20 ? -0.820  -24.235 9.528   1.00 103.27 ?  19  DT A O4    1 
ATOM   407 C C5    . DT A 1 20 ? 1.529   -24.094 9.714   1.00 93.08  ?  19  DT A C5    1 
ATOM   408 C C7    . DT A 1 20 ? 1.764   -24.897 8.472   1.00 92.78  ?  19  DT A C7    1 
ATOM   409 C C6    . DT A 1 20 ? 2.522   -23.581 10.454  1.00 92.41  ?  19  DT A C6    1 
ATOM   410 P P     . DA A 1 21 ? 5.727   -22.977 16.114  1.00 164.99 ?  20  DA A P     1 
ATOM   411 O OP1   . DA A 1 21 ? 7.168   -23.331 16.212  1.00 149.78 ?  20  DA A OP1   1 
ATOM   412 O OP2   . DA A 1 21 ? 4.731   -24.064 16.168  1.00 113.81 -1 20  DA A OP2   1 
ATOM   413 O "O5'" . DA A 1 21 ? 5.272   -21.884 17.189  1.00 140.08 ?  20  DA A "O5'" 1 
ATOM   414 C "C5'" . DA A 1 21 ? 4.707   -22.252 18.463  1.00 148.04 ?  20  DA A "C5'" 1 
ATOM   415 C "C4'" . DA A 1 21 ? 3.233   -21.913 18.521  1.00 157.51 ?  20  DA A "C4'" 1 
ATOM   416 O "O4'" . DA A 1 21 ? 2.558   -22.306 17.300  1.00 144.02 ?  20  DA A "O4'" 1 
ATOM   417 C "C3'" . DA A 1 21 ? 2.473   -22.591 19.665  1.00 169.55 ?  20  DA A "C3'" 1 
ATOM   418 O "O3'" . DA A 1 21 ? 1.708   -21.618 20.391  1.00 180.27 ?  20  DA A "O3'" 1 
ATOM   419 C "C2'" . DA A 1 21 ? 1.625   -23.644 18.963  1.00 166.83 ?  20  DA A "C2'" 1 
ATOM   420 C "C1'" . DA A 1 21 ? 1.354   -22.997 17.621  1.00 151.09 ?  20  DA A "C1'" 1 
ATOM   421 N N9    . DA A 1 21 ? 1.035   -23.874 16.490  1.00 140.45 ?  20  DA A N9    1 
ATOM   422 C C8    . DA A 1 21 ? 1.946   -24.550 15.716  1.00 124.01 ?  20  DA A C8    1 
ATOM   423 N N7    . DA A 1 21 ? 1.414   -25.176 14.694  1.00 117.46 ?  20  DA A N7    1 
ATOM   424 C C5    . DA A 1 21 ? 0.060   -24.898 14.803  1.00 136.01 ?  20  DA A C5    1 
ATOM   425 C C6    . DA A 1 21 ? -1.044  -25.275 14.022  1.00 125.25 ?  20  DA A C6    1 
ATOM   426 N N6    . DA A 1 21 ? -0.947  -26.056 12.944  1.00 114.53 ?  20  DA A N6    1 
ATOM   427 N N1    . DA A 1 21 ? -2.264  -24.822 14.393  1.00 137.51 ?  20  DA A N1    1 
ATOM   428 C C2    . DA A 1 21 ? -2.353  -24.026 15.470  1.00 159.95 ?  20  DA A C2    1 
ATOM   429 N N3    . DA A 1 21 ? -1.383  -23.590 16.278  1.00 173.95 ?  20  DA A N3    1 
ATOM   430 C C4    . DA A 1 21 ? -0.187  -24.074 15.891  1.00 159.98 ?  20  DA A C4    1 
ATOM   431 P P     . DT B 2 1  ? 8.005   -6.273  3.479   1.00 85.80  ?  1   DT B P     1 
ATOM   432 O OP1   . DT B 2 1  ? 7.350   -5.970  4.785   1.00 78.82  ?  1   DT B OP1   1 
ATOM   433 O OP2   . DT B 2 1  ? 8.098   -5.276  2.355   1.00 87.93  -1 1   DT B OP2   1 
ATOM   434 O "O5'" . DT B 2 1  ? 7.130   -7.492  2.968   1.00 86.08  ?  1   DT B "O5'" 1 
ATOM   435 C "C5'" . DT B 2 1  ? 7.417   -8.095  1.702   1.00 68.95  ?  1   DT B "C5'" 1 
ATOM   436 C "C4'" . DT B 2 1  ? 6.206   -8.871  1.264   1.00 76.75  ?  1   DT B "C4'" 1 
ATOM   437 O "O4'" . DT B 2 1  ? 5.374   -9.178  2.398   1.00 82.49  ?  1   DT B "O4'" 1 
ATOM   438 C "C3'" . DT B 2 1  ? 5.286   -8.124  0.318   1.00 70.26  ?  1   DT B "C3'" 1 
ATOM   439 O "O3'" . DT B 2 1  ? 5.847   -8.108  -0.993  1.00 81.30  ?  1   DT B "O3'" 1 
ATOM   440 C "C2'" . DT B 2 1  ? 3.951   -8.814  0.522   1.00 63.61  ?  1   DT B "C2'" 1 
ATOM   441 C "C1'" . DT B 2 1  ? 4.036   -9.366  1.951   1.00 70.59  ?  1   DT B "C1'" 1 
ATOM   442 N N1    . DT B 2 1  ? 3.168   -8.747  2.934   1.00 73.06  ?  1   DT B N1    1 
ATOM   443 C C2    . DT B 2 1  ? 1.817   -8.695  2.716   1.00 71.31  ?  1   DT B C2    1 
ATOM   444 O O2    . DT B 2 1  ? 1.291   -9.129  1.711   1.00 91.14  ?  1   DT B O2    1 
ATOM   445 N N3    . DT B 2 1  ? 1.099   -8.101  3.719   1.00 72.91  ?  1   DT B N3    1 
ATOM   446 C C4    . DT B 2 1  ? 1.602   -7.532  4.873   1.00 73.48  ?  1   DT B C4    1 
ATOM   447 O O4    . DT B 2 1  ? 0.849   -6.986  5.676   1.00 66.18  ?  1   DT B O4    1 
ATOM   448 C C5    . DT B 2 1  ? 3.022   -7.609  5.020   1.00 69.40  ?  1   DT B C5    1 
ATOM   449 C C7    . DT B 2 1  ? 3.646   -7.040  6.250   1.00 69.37  ?  1   DT B C7    1 
ATOM   450 C C6    . DT B 2 1  ? 3.727   -8.212  4.063   1.00 77.72  ?  1   DT B C6    1 
ATOM   451 P P     . DC B 2 2  ? 5.717   -6.749  -1.850  1.00 113.46 ?  2   DC B P     1 
ATOM   452 O OP1   . DC B 2 2  ? 6.525   -6.912  -3.110  1.00 94.76  ?  2   DC B OP1   1 
ATOM   453 O OP2   . DC B 2 2  ? 5.970   -5.583  -0.938  1.00 93.10  -1 2   DC B OP2   1 
ATOM   454 O "O5'" . DC B 2 2  ? 4.182   -6.792  -2.238  1.00 83.96  ?  2   DC B "O5'" 1 
ATOM   455 C "C5'" . DC B 2 2  ? 3.777   -8.024  -2.833  1.00 105.21 ?  2   DC B "C5'" 1 
ATOM   456 C "C4'" . DC B 2 2  ? 2.294   -7.998  -3.063  1.00 109.04 ?  2   DC B "C4'" 1 
ATOM   457 O "O4'" . DC B 2 2  ? 1.651   -7.872  -1.777  1.00 103.96 ?  2   DC B "O4'" 1 
ATOM   458 C "C3'" . DC B 2 2  ? 1.845   -6.798  -3.889  1.00 101.88 ?  2   DC B "C3'" 1 
ATOM   459 O "O3'" . DC B 2 2  ? 0.749   -7.213  -4.708  1.00 100.92 ?  2   DC B "O3'" 1 
ATOM   460 C "C2'" . DC B 2 2  ? 1.491   -5.786  -2.816  1.00 107.30 ?  2   DC B "C2'" 1 
ATOM   461 C "C1'" . DC B 2 2  ? 0.907   -6.670  -1.727  1.00 85.57  ?  2   DC B "C1'" 1 
ATOM   462 N N1    . DC B 2 2  ? 1.046   -6.123  -0.374  1.00 73.56  ?  2   DC B N1    1 
ATOM   463 C C2    . DC B 2 2  ? -0.089  -5.902  0.441   1.00 79.52  ?  2   DC B C2    1 
ATOM   464 O O2    . DC B 2 2  ? -1.218  -6.137  -0.011  1.00 105.44 ?  2   DC B O2    1 
ATOM   465 N N3    . DC B 2 2  ? 0.082   -5.419  1.688   1.00 68.74  ?  2   DC B N3    1 
ATOM   466 C C4    . DC B 2 2  ? 1.311   -5.185  2.147   1.00 73.21  ?  2   DC B C4    1 
ATOM   467 N N4    . DC B 2 2  ? 1.436   -4.700  3.379   1.00 90.62  ?  2   DC B N4    1 
ATOM   468 C C5    . DC B 2 2  ? 2.474   -5.431  1.359   1.00 70.71  ?  2   DC B C5    1 
ATOM   469 C C6    . DC B 2 2  ? 2.296   -5.864  0.106   1.00 61.90  ?  2   DC B C6    1 
ATOM   470 P P     . DG B 2 3  ? -0.068  -6.146  -5.540  1.00 127.19 ?  3   DG B P     1 
ATOM   471 O OP1   . DG B 2 3  ? -1.045  -6.874  -6.391  1.00 105.91 ?  3   DG B OP1   1 
ATOM   472 O OP2   . DG B 2 3  ? 0.885   -5.110  -6.022  1.00 106.78 -1 3   DG B OP2   1 
ATOM   473 O "O5'" . DG B 2 3  ? -1.010  -5.423  -4.487  1.00 108.74 ?  3   DG B "O5'" 1 
ATOM   474 C "C5'" . DG B 2 3  ? -1.900  -6.200  -3.701  1.00 110.49 ?  3   DG B "C5'" 1 
ATOM   475 C "C4'" . DG B 2 3  ? -3.332  -5.838  -4.000  1.00 106.11 ?  3   DG B "C4'" 1 
ATOM   476 O "O4'" . DG B 2 3  ? -3.882  -5.130  -2.874  1.00 112.89 ?  3   DG B "O4'" 1 
ATOM   477 C "C3'" . DG B 2 3  ? -3.540  -4.888  -5.154  1.00 108.91 ?  3   DG B "C3'" 1 
ATOM   478 O "O3'" . DG B 2 3  ? -4.890  -5.120  -5.557  1.00 120.68 ?  3   DG B "O3'" 1 
ATOM   479 C "C2'" . DG B 2 3  ? -3.252  -3.546  -4.493  1.00 122.80 ?  3   DG B "C2'" 1 
ATOM   480 C "C1'" . DG B 2 3  ? -3.609  -3.755  -3.019  1.00 95.40  ?  3   DG B "C1'" 1 
ATOM   481 N N9    . DG B 2 3  ? -2.576  -3.388  -2.047  1.00 93.23  ?  3   DG B N9    1 
ATOM   482 C C8    . DG B 2 3  ? -1.214  -3.388  -2.236  1.00 85.88  ?  3   DG B C8    1 
ATOM   483 N N7    . DG B 2 3  ? -0.551  -2.969  -1.193  1.00 74.86  ?  3   DG B N7    1 
ATOM   484 C C5    . DG B 2 3  ? -1.530  -2.709  -0.248  1.00 77.50  ?  3   DG B C5    1 
ATOM   485 C C6    . DG B 2 3  ? -1.410  -2.247  1.077   1.00 95.21  ?  3   DG B C6    1 
ATOM   486 O O6    . DG B 2 3  ? -0.388  -1.975  1.694   1.00 118.34 ?  3   DG B O6    1 
ATOM   487 N N1    . DG B 2 3  ? -2.652  -2.087  1.684   1.00 88.87  ?  3   DG B N1    1 
ATOM   488 C C2    . DG B 2 3  ? -3.854  -2.346  1.081   1.00 108.56 ?  3   DG B C2    1 
ATOM   489 N N2    . DG B 2 3  ? -4.937  -2.158  1.837   1.00 139.57 ?  3   DG B N2    1 
ATOM   490 N N3    . DG B 2 3  ? -3.981  -2.808  -0.156  1.00 94.48  ?  3   DG B N3    1 
ATOM   491 C C4    . DG B 2 3  ? -2.786  -2.960  -0.759  1.00 88.99  ?  3   DG B C4    1 
ATOM   492 P P     . DT B 2 4  ? -5.767  -3.952  -6.204  1.00 134.58 ?  4   DT B P     1 
ATOM   493 O OP1   . DT B 2 4  ? -6.982  -4.580  -6.784  1.00 108.58 ?  4   DT B OP1   1 
ATOM   494 O OP2   . DT B 2 4  ? -4.876  -3.032  -7.008  1.00 105.78 -1 4   DT B OP2   1 
ATOM   495 O "O5'" . DT B 2 4  ? -6.204  -3.110  -4.936  1.00 124.32 ?  4   DT B "O5'" 1 
ATOM   496 C "C5'" . DT B 2 4  ? -7.187  -3.629  -4.060  1.00 99.37  ?  4   DT B "C5'" 1 
ATOM   497 C "C4'" . DT B 2 4  ? -7.651  -2.483  -3.207  1.00 109.14 ?  4   DT B "C4'" 1 
ATOM   498 O "O4'" . DT B 2 4  ? -6.528  -1.998  -2.432  1.00 117.43 ?  4   DT B "O4'" 1 
ATOM   499 C "C3'" . DT B 2 4  ? -8.173  -1.271  -3.987  1.00 85.78  ?  4   DT B "C3'" 1 
ATOM   500 O "O3'" . DT B 2 4  ? -9.264  -0.796  -3.216  1.00 90.10  ?  4   DT B "O3'" 1 
ATOM   501 C "C2'" . DT B 2 4  ? -7.051  -0.265  -3.847  1.00 86.52  ?  4   DT B "C2'" 1 
ATOM   502 C "C1'" . DT B 2 4  ? -6.598  -0.580  -2.441  1.00 93.05  ?  4   DT B "C1'" 1 
ATOM   503 N N1    . DT B 2 4  ? -5.300  -0.079  -1.994  1.00 79.63  ?  4   DT B N1    1 
ATOM   504 C C2    . DT B 2 4  ? -5.170  0.468   -0.732  1.00 92.43  ?  4   DT B C2    1 
ATOM   505 O O2    . DT B 2 4  ? -6.114  0.677   0.015   1.00 87.00  ?  4   DT B O2    1 
ATOM   506 N N3    . DT B 2 4  ? -3.887  0.777   -0.376  1.00 82.53  ?  4   DT B N3    1 
ATOM   507 C C4    . DT B 2 4  ? -2.754  0.575   -1.121  1.00 83.88  ?  4   DT B C4    1 
ATOM   508 O O4    . DT B 2 4  ? -1.670  0.937   -0.682  1.00 103.34 ?  4   DT B O4    1 
ATOM   509 C C5    . DT B 2 4  ? -2.958  -0.055  -2.405  1.00 96.52  ?  4   DT B C5    1 
ATOM   510 C C7    . DT B 2 4  ? -1.776  -0.300  -3.291  1.00 124.91 ?  4   DT B C7    1 
ATOM   511 C C6    . DT B 2 4  ? -4.203  -0.378  -2.755  1.00 68.77  ?  4   DT B C6    1 
ATOM   512 P P     . DC B 2 5  ? -10.445 -0.044  -3.867  1.00 94.42  ?  5   DC B P     1 
ATOM   513 O OP1   . DC B 2 5  ? -11.697 -0.768  -3.538  1.00 94.07  ?  5   DC B OP1   1 
ATOM   514 O OP2   . DC B 2 5  ? -10.065 0.155   -5.291  1.00 95.11  -1 5   DC B OP2   1 
ATOM   515 O "O5'" . DC B 2 5  ? -10.589 1.265   -2.953  1.00 80.92  ?  5   DC B "O5'" 1 
ATOM   516 C "C5'" . DC B 2 5  ? -9.580  1.469   -1.953  1.00 97.67  ?  5   DC B "C5'" 1 
ATOM   517 C "C4'" . DC B 2 5  ? -9.497  2.889   -1.448  1.00 98.98  ?  5   DC B "C4'" 1 
ATOM   518 O "O4'" . DC B 2 5  ? -8.112  3.203   -1.097  1.00 114.31 ?  5   DC B "O4'" 1 
ATOM   519 C "C3'" . DC B 2 5  ? -9.845  3.932   -2.474  1.00 78.04  ?  5   DC B "C3'" 1 
ATOM   520 O "O3'" . DC B 2 5  ? -10.143 5.066   -1.634  1.00 67.13  ?  5   DC B "O3'" 1 
ATOM   521 C "C2'" . DC B 2 5  ? -8.523  4.000   -3.215  1.00 83.30  ?  5   DC B "C2'" 1 
ATOM   522 C "C1'" . DC B 2 5  ? -7.605  4.142   -2.025  1.00 76.00  ?  5   DC B "C1'" 1 
ATOM   523 N N1    . DC B 2 5  ? -6.175  3.880   -2.254  1.00 73.31  ?  5   DC B N1    1 
ATOM   524 C C2    . DC B 2 5  ? -5.220  4.227   -1.261  1.00 70.75  ?  5   DC B C2    1 
ATOM   525 O O2    . DC B 2 5  ? -5.611  4.646   -0.157  1.00 69.65  ?  5   DC B O2    1 
ATOM   526 N N3    . DC B 2 5  ? -3.908  4.019   -1.507  1.00 57.99  ?  5   DC B N3    1 
ATOM   527 C C4    . DC B 2 5  ? -3.531  3.493   -2.674  1.00 91.21  ?  5   DC B C4    1 
ATOM   528 N N4    . DC B 2 5  ? -2.232  3.310   -2.883  1.00 111.84 ?  5   DC B N4    1 
ATOM   529 C C5    . DC B 2 5  ? -4.473  3.142   -3.695  1.00 90.90  ?  5   DC B C5    1 
ATOM   530 C C6    . DC B 2 5  ? -5.769  3.358   -3.446  1.00 69.07  ?  5   DC B C6    1 
ATOM   531 O "O5'" . DT C 3 1  ? -4.379  -36.067 6.252   1.00 167.59 ?  2   DT C "O5'" 1 
ATOM   532 C "C5'" . DT C 3 1  ? -4.734  -34.772 6.770   1.00 165.36 ?  2   DT C "C5'" 1 
ATOM   533 C "C4'" . DT C 3 1  ? -5.873  -34.923 7.748   1.00 169.32 ?  2   DT C "C4'" 1 
ATOM   534 O "O4'" . DT C 3 1  ? -5.372  -35.374 9.026   1.00 149.65 ?  2   DT C "O4'" 1 
ATOM   535 C "C3'" . DT C 3 1  ? -6.649  -33.651 8.060   1.00 172.18 ?  2   DT C "C3'" 1 
ATOM   536 O "O3'" . DT C 3 1  ? -7.673  -33.428 7.086   1.00 175.46 ?  2   DT C "O3'" 1 
ATOM   537 C "C2'" . DT C 3 1  ? -7.253  -33.974 9.412   1.00 171.13 ?  2   DT C "C2'" 1 
ATOM   538 C "C1'" . DT C 3 1  ? -6.176  -34.826 10.073  1.00 159.62 ?  2   DT C "C1'" 1 
ATOM   539 N N1    . DT C 3 1  ? -5.290  -34.098 10.998  1.00 149.91 ?  2   DT C N1    1 
ATOM   540 C C2    . DT C 3 1  ? -5.857  -33.424 12.064  1.00 150.50 ?  2   DT C C2    1 
ATOM   541 O O2    . DT C 3 1  ? -7.062  -33.370 12.257  1.00 143.45 ?  2   DT C O2    1 
ATOM   542 N N3    . DT C 3 1  ? -4.952  -32.797 12.891  1.00 122.71 ?  2   DT C N3    1 
ATOM   543 C C4    . DT C 3 1  ? -3.573  -32.779 12.758  1.00 126.62 ?  2   DT C C4    1 
ATOM   544 O O4    . DT C 3 1  ? -2.888  -32.174 13.577  1.00 113.45 ?  2   DT C O4    1 
ATOM   545 C C5    . DT C 3 1  ? -3.049  -33.516 11.623  1.00 125.11 ?  2   DT C C5    1 
ATOM   546 C C7    . DT C 3 1  ? -1.569  -33.554 11.400  1.00 107.79 ?  2   DT C C7    1 
ATOM   547 C C6    . DT C 3 1  ? -3.923  -34.131 10.815  1.00 134.37 ?  2   DT C C6    1 
ATOM   548 P P     . DC C 3 2  ? -8.857  -32.393 7.390   1.00 196.95 ?  3   DC C P     1 
ATOM   549 O OP1   . DC C 3 2  ? -9.753  -32.970 8.423   1.00 196.38 ?  3   DC C OP1   1 
ATOM   550 O OP2   . DC C 3 2  ? -9.419  -31.944 6.085   1.00 245.18 -1 3   DC C OP2   1 
ATOM   551 O "O5'" . DC C 3 2  ? -8.096  -31.196 8.102   1.00 181.00 ?  3   DC C "O5'" 1 
ATOM   552 C "C5'" . DC C 3 2  ? -8.797  -29.996 8.430   1.00 167.89 ?  3   DC C "C5'" 1 
ATOM   553 C "C4'" . DC C 3 2  ? -9.688  -30.235 9.624   1.00 155.09 ?  3   DC C "C4'" 1 
ATOM   554 O "O4'" . DC C 3 2  ? -9.004  -31.011 10.629  1.00 148.47 ?  3   DC C "O4'" 1 
ATOM   555 C "C3'" . DC C 3 2  ? -10.147 -28.950 10.300  1.00 156.11 ?  3   DC C "C3'" 1 
ATOM   556 O "O3'" . DC C 3 2  ? -11.556 -29.022 10.403  1.00 171.72 ?  3   DC C "O3'" 1 
ATOM   557 C "C2'" . DC C 3 2  ? -9.456  -28.919 11.654  1.00 146.48 ?  3   DC C "C2'" 1 
ATOM   558 C "C1'" . DC C 3 2  ? -8.615  -30.187 11.724  1.00 156.25 ?  3   DC C "C1'" 1 
ATOM   559 N N1    . DC C 3 2  ? -7.141  -29.995 11.666  1.00 160.69 ?  3   DC C N1    1 
ATOM   560 C C2    . DC C 3 2  ? -6.498  -29.278 12.701  1.00 133.91 ?  3   DC C C2    1 
ATOM   561 O O2    . DC C 3 2  ? -7.184  -28.799 13.623  1.00 117.04 ?  3   DC C O2    1 
ATOM   562 N N3    . DC C 3 2  ? -5.150  -29.117 12.656  1.00 103.21 ?  3   DC C N3    1 
ATOM   563 C C4    . DC C 3 2  ? -4.447  -29.654 11.646  1.00 139.32 ?  3   DC C C4    1 
ATOM   564 N N4    . DC C 3 2  ? -3.120  -29.483 11.642  1.00 129.59 ?  3   DC C N4    1 
ATOM   565 C C5    . DC C 3 2  ? -5.073  -30.398 10.596  1.00 127.60 ?  3   DC C C5    1 
ATOM   566 C C6    . DC C 3 2  ? -6.407  -30.542 10.647  1.00 139.46 ?  3   DC C C6    1 
ATOM   567 P P     . DT C 3 3  ? -12.386 -27.699 10.301  1.00 235.53 ?  4   DT C P     1 
ATOM   568 O OP1   . DT C 3 3  ? -13.824 -28.045 10.402  1.00 275.95 ?  4   DT C OP1   1 
ATOM   569 O OP2   . DT C 3 3  ? -11.892 -26.934 9.123   1.00 236.15 -1 4   DT C OP2   1 
ATOM   570 O "O5'" . DT C 3 3  ? -11.952 -26.943 11.624  1.00 185.84 ?  4   DT C "O5'" 1 
ATOM   571 C "C5'" . DT C 3 3  ? -11.189 -25.768 11.500  1.00 154.75 ?  4   DT C "C5'" 1 
ATOM   572 C "C4'" . DT C 3 3  ? -10.720 -25.370 12.869  1.00 157.42 ?  4   DT C "C4'" 1 
ATOM   573 O "O4'" . DT C 3 3  ? -9.387  -25.901 13.089  1.00 154.21 ?  4   DT C "O4'" 1 
ATOM   574 C "C3'" . DT C 3 3  ? -10.600 -23.861 12.988  1.00 154.07 ?  4   DT C "C3'" 1 
ATOM   575 O "O3'" . DT C 3 3  ? -10.887 -23.437 14.312  1.00 152.84 ?  4   DT C "O3'" 1 
ATOM   576 C "C2'" . DT C 3 3  ? -9.147  -23.615 12.644  1.00 162.23 ?  4   DT C "C2'" 1 
ATOM   577 C "C1'" . DT C 3 3  ? -8.481  -24.814 13.290  1.00 158.96 ?  4   DT C "C1'" 1 
ATOM   578 N N1    . DT C 3 3  ? -7.147  -25.185 12.723  1.00 136.87 ?  4   DT C N1    1 
ATOM   579 C C2    . DT C 3 3  ? -6.003  -24.909 13.456  1.00 124.25 ?  4   DT C C2    1 
ATOM   580 O O2    . DT C 3 3  ? -6.022  -24.382 14.560  1.00 132.63 ?  4   DT C O2    1 
ATOM   581 N N3    . DT C 3 3  ? -4.827  -25.292 12.848  1.00 99.73  ?  4   DT C N3    1 
ATOM   582 C C4    . DT C 3 3  ? -4.682  -25.889 11.606  1.00 115.83 ?  4   DT C C4    1 
ATOM   583 O O4    . DT C 3 3  ? -3.556  -26.185 11.190  1.00 105.90 ?  4   DT C O4    1 
ATOM   584 C C5    . DT C 3 3  ? -5.921  -26.119 10.882  1.00 112.35 ?  4   DT C C5    1 
ATOM   585 C C7    . DT C 3 3  ? -5.863  -26.754 9.527   1.00 110.88 ?  4   DT C C7    1 
ATOM   586 C C6    . DT C 3 3  ? -7.072  -25.753 11.466  1.00 109.90 ?  4   DT C C6    1 
ATOM   587 P P     . DA C 3 4  ? -11.236 -21.917 14.548  1.00 204.91 ?  5   DA C P     1 
ATOM   588 O OP1   . DA C 3 4  ? -12.616 -21.854 15.078  1.00 208.24 ?  5   DA C OP1   1 
ATOM   589 O OP2   . DA C 3 4  ? -10.949 -21.196 13.282  1.00 221.41 -1 5   DA C OP2   1 
ATOM   590 O "O5'" . DA C 3 4  ? -10.238 -21.452 15.717  1.00 193.92 ?  5   DA C "O5'" 1 
ATOM   591 C "C5'" . DA C 3 4  ? -8.889  -21.969 15.931  1.00 171.10 ?  5   DA C "C5'" 1 
ATOM   592 C "C4'" . DA C 3 4  ? -7.843  -20.871 15.921  1.00 160.19 ?  5   DA C "C4'" 1 
ATOM   593 O "O4'" . DA C 3 4  ? -6.699  -21.320 15.146  1.00 144.89 ?  5   DA C "O4'" 1 
ATOM   594 C "C3'" . DA C 3 4  ? -8.269  -19.556 15.258  1.00 146.54 ?  5   DA C "C3'" 1 
ATOM   595 O "O3'" . DA C 3 4  ? -7.386  -18.462 15.486  1.00 142.04 ?  5   DA C "O3'" 1 
ATOM   596 C "C2'" . DA C 3 4  ? -7.927  -19.824 13.816  1.00 122.79 ?  5   DA C "C2'" 1 
ATOM   597 C "C1'" . DA C 3 4  ? -6.567  -20.449 14.032  1.00 118.68 ?  5   DA C "C1'" 1 
ATOM   598 N N9    . DA C 3 4  ? -6.074  -21.208 12.901  1.00 106.77 ?  5   DA C N9    1 
ATOM   599 C C8    . DA C 3 4  ? -6.715  -21.558 11.736  1.00 110.38 ?  5   DA C C8    1 
ATOM   600 N N7    . DA C 3 4  ? -5.937  -22.156 10.866  1.00 88.61  ?  5   DA C N7    1 
ATOM   601 C C5    . DA C 3 4  ? -4.693  -22.153 11.481  1.00 94.90  ?  5   DA C C5    1 
ATOM   602 C C6    . DA C 3 4  ? -3.439  -22.632 11.072  1.00 110.20 ?  5   DA C C6    1 
ATOM   603 N N6    . DA C 3 4  ? -3.230  -23.234 9.900   1.00 116.06 ?  5   DA C N6    1 
ATOM   604 N N1    . DA C 3 4  ? -2.399  -22.488 11.928  1.00 106.66 ?  5   DA C N1    1 
ATOM   605 C C2    . DA C 3 4  ? -2.615  -21.873 13.102  1.00 114.63 ?  5   DA C C2    1 
ATOM   606 N N3    . DA C 3 4  ? -3.748  -21.367 13.591  1.00 108.31 ?  5   DA C N3    1 
ATOM   607 C C4    . DA C 3 4  ? -4.758  -21.542 12.722  1.00 95.20  ?  5   DA C C4    1 
ATOM   608 P P     . DA C 3 5  ? -7.502  -17.606 16.790  1.00 171.16 ?  6   DA C P     1 
ATOM   609 O OP1   . DA C 3 5  ? -8.250  -18.414 17.785  1.00 186.24 ?  6   DA C OP1   1 
ATOM   610 O OP2   . DA C 3 5  ? -7.988  -16.253 16.411  1.00 147.25 -1 6   DA C OP2   1 
ATOM   611 O "O5'" . DA C 3 5  ? -5.991  -17.483 17.278  1.00 150.72 ?  6   DA C "O5'" 1 
ATOM   612 C "C5'" . DA C 3 5  ? -4.967  -18.343 16.750  1.00 133.56 ?  6   DA C "C5'" 1 
ATOM   613 C "C4'" . DA C 3 5  ? -3.607  -17.736 16.990  1.00 144.98 ?  6   DA C "C4'" 1 
ATOM   614 O "O4'" . DA C 3 5  ? -2.781  -18.124 15.879  1.00 143.87 ?  6   DA C "O4'" 1 
ATOM   615 C "C3'" . DA C 3 5  ? -3.545  -16.209 16.989  1.00 144.07 ?  6   DA C "C3'" 1 
ATOM   616 O "O3'" . DA C 3 5  ? -2.362  -15.751 17.669  1.00 155.09 ?  6   DA C "O3'" 1 
ATOM   617 C "C2'" . DA C 3 5  ? -3.560  -15.907 15.503  1.00 121.02 ?  6   DA C "C2'" 1 
ATOM   618 C "C1'" . DA C 3 5  ? -2.749  -17.066 14.931  1.00 133.43 ?  6   DA C "C1'" 1 
ATOM   619 N N9    . DA C 3 5  ? -3.251  -17.592 13.671  1.00 127.47 ?  6   DA C N9    1 
ATOM   620 C C8    . DA C 3 5  ? -4.504  -17.517 13.114  1.00 116.89 ?  6   DA C C8    1 
ATOM   621 N N7    . DA C 3 5  ? -4.588  -18.076 11.930  1.00 101.70 ?  6   DA C N7    1 
ATOM   622 C C5    . DA C 3 5  ? -3.316  -18.584 11.712  1.00 91.92  ?  6   DA C C5    1 
ATOM   623 C C6    . DA C 3 5  ? -2.761  -19.301 10.644  1.00 97.03  ?  6   DA C C6    1 
ATOM   624 N N6    . DA C 3 5  ? -3.448  -19.649 9.559   1.00 105.74 ?  6   DA C N6    1 
ATOM   625 N N1    . DA C 3 5  ? -1.451  -19.633 10.721  1.00 97.68  ?  6   DA C N1    1 
ATOM   626 C C2    . DA C 3 5  ? -0.762  -19.270 11.813  1.00 119.97 ?  6   DA C C2    1 
ATOM   627 N N3    . DA C 3 5  ? -1.184  -18.618 12.897  1.00 114.75 ?  6   DA C N3    1 
ATOM   628 C C4    . DA C 3 5  ? -2.484  -18.293 12.775  1.00 109.08 ?  6   DA C C4    1 
ATOM   629 P P     . DT C 3 6  ? -1.725  -14.335 17.282  1.00 128.36 ?  7   DT C P     1 
ATOM   630 O OP1   . DT C 3 6  ? -0.785  -13.867 18.353  1.00 127.88 ?  7   DT C OP1   1 
ATOM   631 O OP2   . DT C 3 6  ? -2.852  -13.453 16.907  1.00 134.10 -1 7   DT C OP2   1 
ATOM   632 O "O5'" . DT C 3 6  ? -0.724  -14.752 16.117  1.00 127.45 ?  7   DT C "O5'" 1 
ATOM   633 C "C5'" . DT C 3 6  ? 0.629   -15.095 16.471  1.00 123.52 ?  7   DT C "C5'" 1 
ATOM   634 C "C4'" . DT C 3 6  ? 1.458   -15.353 15.236  1.00 124.16 ?  7   DT C "C4'" 1 
ATOM   635 O "O4'" . DT C 3 6  ? 0.614   -15.790 14.148  1.00 110.91 ?  7   DT C "O4'" 1 
ATOM   636 C "C3'" . DT C 3 6  ? 2.185   -14.115 14.733  1.00 118.51 ?  7   DT C "C3'" 1 
ATOM   637 O "O3'" . DT C 3 6  ? 3.600   -14.269 14.795  1.00 104.12 ?  7   DT C "O3'" 1 
ATOM   638 C "C2'" . DT C 3 6  ? 1.655   -13.907 13.320  1.00 130.60 ?  7   DT C "C2'" 1 
ATOM   639 C "C1'" . DT C 3 6  ? 1.158   -15.283 12.946  1.00 115.32 ?  7   DT C "C1'" 1 
ATOM   640 N N1    . DT C 3 6  ? 0.105   -15.389 11.922  1.00 98.67  ?  7   DT C N1    1 
ATOM   641 C C2    . DT C 3 6  ? 0.327   -16.186 10.823  1.00 103.16 ?  7   DT C C2    1 
ATOM   642 O O2    . DT C 3 6  ? 1.390   -16.726 10.599  1.00 115.59 ?  7   DT C O2    1 
ATOM   643 N N3    . DT C 3 6  ? -0.750  -16.328 9.990   1.00 94.93  ?  7   DT C N3    1 
ATOM   644 C C4    . DT C 3 6  ? -2.001  -15.779 10.151  1.00 95.77  ?  7   DT C C4    1 
ATOM   645 O O4    . DT C 3 6  ? -2.864  -15.976 9.305   1.00 107.07 ?  7   DT C O4    1 
ATOM   646 C C5    . DT C 3 6  ? -2.169  -14.964 11.329  1.00 94.12  ?  7   DT C C5    1 
ATOM   647 C C7    . DT C 3 6  ? -3.487  -14.299 11.568  1.00 101.82 ?  7   DT C C7    1 
ATOM   648 C C6    . DT C 3 6  ? -1.133  -14.843 12.166  1.00 93.59  ?  7   DT C C6    1 
ATOM   649 P P     . DT C 3 7  ? 4.444   -12.951 14.542  1.00 125.60 ?  8   DT C P     1 
ATOM   650 O OP1   . DT C 3 7  ? 5.814   -13.074 15.113  1.00 99.89  ?  8   DT C OP1   1 
ATOM   651 O OP2   . DT C 3 7  ? 3.554   -11.791 14.906  1.00 84.69  -1 8   DT C OP2   1 
ATOM   652 O "O5'" . DT C 3 7  ? 4.772   -13.041 12.989  1.00 111.71 ?  8   DT C "O5'" 1 
ATOM   653 C "C5'" . DT C 3 7  ? 5.683   -14.030 12.524  1.00 104.27 ?  8   DT C "C5'" 1 
ATOM   654 C "C4'" . DT C 3 7  ? 5.426   -14.267 11.061  1.00 98.26  ?  8   DT C "C4'" 1 
ATOM   655 O "O4'" . DT C 3 7  ? 4.035   -14.073 10.753  1.00 104.20 ?  8   DT C "O4'" 1 
ATOM   656 C "C3'" . DT C 3 7  ? 6.149   -13.284 10.170  1.00 86.16  ?  8   DT C "C3'" 1 
ATOM   657 O "O3'" . DT C 3 7  ? 7.345   -13.872 9.699   1.00 80.19  ?  8   DT C "O3'" 1 
ATOM   658 C "C2'" . DT C 3 7  ? 5.158   -12.948 9.055   1.00 86.90  ?  8   DT C "C2'" 1 
ATOM   659 C "C1'" . DT C 3 7  ? 3.965   -13.807 9.361   1.00 87.88  ?  8   DT C "C1'" 1 
ATOM   660 N N1    . DT C 3 7  ? 2.607   -13.329 9.058   1.00 76.65  ?  8   DT C N1    1 
ATOM   661 C C2    . DT C 3 7  ? 2.037   -13.715 7.870   1.00 78.96  ?  8   DT C C2    1 
ATOM   662 O O2    . DT C 3 7  ? 2.646   -14.299 6.994   1.00 92.24  ?  8   DT C O2    1 
ATOM   663 N N3    . DT C 3 7  ? 0.714   -13.407 7.748   1.00 89.68  ?  8   DT C N3    1 
ATOM   664 C C4    . DT C 3 7  ? -0.083  -12.771 8.676   1.00 96.42  ?  8   DT C C4    1 
ATOM   665 O O4    . DT C 3 7  ? -1.252  -12.509 8.408   1.00 102.16 ?  8   DT C O4    1 
ATOM   666 C C5    . DT C 3 7  ? 0.560   -12.441 9.910   1.00 87.57  ?  8   DT C C5    1 
ATOM   667 C C7    . DT C 3 7  ? -0.221  -11.701 10.948  1.00 103.56 ?  8   DT C C7    1 
ATOM   668 C C6    . DT C 3 7  ? 1.850   -12.760 10.053  1.00 79.58  ?  8   DT C C6    1 
ATOM   669 P P     . DG C 3 8  ? 8.485   -12.886 9.314   1.00 96.62  ?  9   DG C P     1 
ATOM   670 O OP1   . DG C 3 8  ? 9.660   -13.625 8.836   1.00 100.83 ?  9   DG C OP1   1 
ATOM   671 O OP2   . DG C 3 8  ? 8.646   -11.968 10.482  1.00 97.21  -1 9   DG C OP2   1 
ATOM   672 O "O5'" . DG C 3 8  ? 7.946   -12.237 7.949   1.00 81.95  ?  9   DG C "O5'" 1 
ATOM   673 C "C5'" . DG C 3 8  ? 8.487   -12.699 6.709   1.00 73.06  ?  9   DG C "C5'" 1 
ATOM   674 C "C4'" . DG C 3 8  ? 7.604   -12.342 5.534   1.00 82.55  ?  9   DG C "C4'" 1 
ATOM   675 O "O4'" . DG C 3 8  ? 6.208   -12.325 5.915   1.00 94.45  ?  9   DG C "O4'" 1 
ATOM   676 C "C3'" . DG C 3 8  ? 7.873   -10.983 4.865   1.00 88.96  ?  9   DG C "C3'" 1 
ATOM   677 O "O3'" . DG C 3 8  ? 7.859   -11.056 3.421   1.00 80.80  ?  9   DG C "O3'" 1 
ATOM   678 C "C2'" . DG C 3 8  ? 6.662   -10.164 5.235   1.00 89.31  ?  9   DG C "C2'" 1 
ATOM   679 C "C1'" . DG C 3 8  ? 5.616   -11.250 5.203   1.00 100.69 ?  9   DG C "C1'" 1 
ATOM   680 N N9    . DG C 3 8  ? 4.338   -10.911 5.817   1.00 83.39  ?  9   DG C N9    1 
ATOM   681 C C8    . DG C 3 8  ? 4.102   -10.285 7.017   1.00 86.63  ?  9   DG C C8    1 
ATOM   682 N N7    . DG C 3 8  ? 2.834   -10.109 7.258   1.00 80.80  ?  9   DG C N7    1 
ATOM   683 C C5    . DG C 3 8  ? 2.204   -10.658 6.156   1.00 70.97  ?  9   DG C C5    1 
ATOM   684 C C6    . DG C 3 8  ? 0.841   -10.766 5.858   1.00 73.35  ?  9   DG C C6    1 
ATOM   685 O O6    . DG C 3 8  ? -0.122  -10.384 6.524   1.00 66.00  ?  9   DG C O6    1 
ATOM   686 N N1    . DG C 3 8  ? 0.633   -11.435 4.658   1.00 81.13  ?  9   DG C N1    1 
ATOM   687 C C2    . DG C 3 8  ? 1.623   -11.915 3.849   1.00 81.75  ?  9   DG C C2    1 
ATOM   688 N N2    . DG C 3 8  ? 1.222   -12.481 2.713   1.00 104.36 ?  9   DG C N2    1 
ATOM   689 N N3    . DG C 3 8  ? 2.908   -11.773 4.095   1.00 79.04  ?  9   DG C N3    1 
ATOM   690 C C4    . DG C 3 8  ? 3.124   -11.102 5.236   1.00 66.70  ?  9   DG C C4    1 
ATOM   691 P P     . DA D 4 1  ? -9.272  8.958   -4.727  1.00 106.11 ?  10  DA D P     1 
ATOM   692 O OP1   . DA D 4 1  ? -10.623 9.548   -4.964  1.00 91.00  ?  10  DA D OP1   1 
ATOM   693 O OP2   . DA D 4 1  ? -8.696  7.944   -5.631  1.00 83.85  -1 10  DA D OP2   1 
ATOM   694 O "O5'" . DA D 4 1  ? -9.618  8.130   -3.424  1.00 95.45  ?  10  DA D "O5'" 1 
ATOM   695 C "C5'" . DA D 4 1  ? -9.962  8.819   -2.207  1.00 97.94  ?  10  DA D "C5'" 1 
ATOM   696 C "C4'" . DA D 4 1  ? -8.827  8.593   -1.247  1.00 93.39  ?  10  DA D "C4'" 1 
ATOM   697 O "O4'" . DA D 4 1  ? -7.987  7.635   -1.875  1.00 90.80  ?  10  DA D "O4'" 1 
ATOM   698 C "C3'" . DA D 4 1  ? -7.864  9.740   -1.080  1.00 107.01 ?  10  DA D "C3'" 1 
ATOM   699 O "O3'" . DA D 4 1  ? -8.452  10.756  -0.300  1.00 139.65 ?  10  DA D "O3'" 1 
ATOM   700 C "C2'" . DA D 4 1  ? -6.632  9.041   -0.544  1.00 77.18  ?  10  DA D "C2'" 1 
ATOM   701 C "C1'" . DA D 4 1  ? -6.728  7.728   -1.252  1.00 64.71  ?  10  DA D "C1'" 1 
ATOM   702 N N9    . DA D 4 1  ? -5.761  7.407   -2.242  1.00 66.33  ?  10  DA D N9    1 
ATOM   703 C C8    . DA D 4 1  ? -5.918  6.852   -3.490  1.00 77.01  ?  10  DA D C8    1 
ATOM   704 N N7    . DA D 4 1  ? -4.785  6.538   -4.073  1.00 67.91  ?  10  DA D N7    1 
ATOM   705 C C5    . DA D 4 1  ? -3.834  6.821   -3.106  1.00 86.12  ?  10  DA D C5    1 
ATOM   706 C C6    . DA D 4 1  ? -2.443  6.693   -3.093  1.00 94.87  ?  10  DA D C6    1 
ATOM   707 N N6    . DA D 4 1  ? -1.743  6.240   -4.128  1.00 109.19 ?  10  DA D N6    1 
ATOM   708 N N1    . DA D 4 1  ? -1.781  7.083   -1.975  1.00 99.50  ?  10  DA D N1    1 
ATOM   709 C C2    . DA D 4 1  ? -2.499  7.556   -0.935  1.00 108.46 ?  10  DA D C2    1 
ATOM   710 N N3    . DA D 4 1  ? -3.821  7.713   -0.827  1.00 86.61  ?  10  DA D N3    1 
ATOM   711 C C4    . DA D 4 1  ? -4.430  7.329   -1.962  1.00 87.61  ?  10  DA D C4    1 
ATOM   712 P P     . DG D 4 2  ? -8.425  12.201  -0.884  1.00 133.27 ?  11  DG D P     1 
ATOM   713 O OP1   . DG D 4 2  ? -9.487  12.961  -0.169  1.00 133.40 ?  11  DG D OP1   1 
ATOM   714 O OP2   . DG D 4 2  ? -8.386  12.112  -2.360  1.00 103.77 -1 11  DG D OP2   1 
ATOM   715 O "O5'" . DG D 4 2  ? -6.949  12.651  -0.546  1.00 105.71 ?  11  DG D "O5'" 1 
ATOM   716 C "C5'" . DG D 4 2  ? -6.609  12.817  0.845   1.00 105.68 ?  11  DG D "C5'" 1 
ATOM   717 C "C4'" . DG D 4 2  ? -5.133  12.562  0.921   1.00 104.27 ?  11  DG D "C4'" 1 
ATOM   718 O "O4'" . DG D 4 2  ? -4.844  11.749  -0.214  1.00 87.14  ?  11  DG D "O4'" 1 
ATOM   719 C "C3'" . DG D 4 2  ? -4.296  13.788  0.637   1.00 132.07 ?  11  DG D "C3'" 1 
ATOM   720 O "O3'" . DG D 4 2  ? -4.030  14.506  1.821   1.00 152.59 ?  11  DG D "O3'" 1 
ATOM   721 C "C2'" . DG D 4 2  ? -3.104  13.229  -0.127  1.00 124.81 ?  11  DG D "C2'" 1 
ATOM   722 C "C1'" . DG D 4 2  ? -3.460  11.766  -0.296  1.00 84.72  ?  11  DG D "C1'" 1 
ATOM   723 N N9    . DG D 4 2  ? -3.137  11.213  -1.580  1.00 73.59  ?  11  DG D N9    1 
ATOM   724 C C8    . DG D 4 2  ? -4.036  10.901  -2.572  1.00 83.61  ?  11  DG D C8    1 
ATOM   725 N N7    . DG D 4 2  ? -3.476  10.344  -3.612  1.00 80.90  ?  11  DG D N7    1 
ATOM   726 C C5    . DG D 4 2  ? -2.120  10.359  -3.315  1.00 82.45  ?  11  DG D C5    1 
ATOM   727 C C6    . DG D 4 2  ? -1.011  9.901   -4.079  1.00 102.29 ?  11  DG D C6    1 
ATOM   728 O O6    . DG D 4 2  ? -1.012  9.411   -5.218  1.00 99.66  ?  11  DG D O6    1 
ATOM   729 N N1    . DG D 4 2  ? 0.190   10.041  -3.381  1.00 80.74  ?  11  DG D N1    1 
ATOM   730 C C2    . DG D 4 2  ? 0.307   10.549  -2.110  1.00 100.81 ?  11  DG D C2    1 
ATOM   731 N N2    . DG D 4 2  ? 1.558   10.593  -1.617  1.00 102.97 ?  11  DG D N2    1 
ATOM   732 N N3    . DG D 4 2  ? -0.729  10.980  -1.378  1.00 86.63  ?  11  DG D N3    1 
ATOM   733 C C4    . DG D 4 2  ? -1.901  10.850  -2.042  1.00 78.43  ?  11  DG D C4    1 
ATOM   734 P P     . DG D 4 3  ? -3.701  16.030  1.668   1.00 155.52 ?  12  DG D P     1 
ATOM   735 O OP1   . DG D 4 3  ? -3.972  16.674  2.985   1.00 134.79 ?  12  DG D OP1   1 
ATOM   736 O OP2   . DG D 4 3  ? -4.414  16.512  0.471   1.00 167.96 -1 12  DG D OP2   1 
ATOM   737 O "O5'" . DG D 4 3  ? -2.172  15.988  1.222   1.00 121.45 ?  12  DG D "O5'" 1 
ATOM   738 C "C5'" . DG D 4 3  ? -1.170  15.711  2.209   1.00 133.10 ?  12  DG D "C5'" 1 
ATOM   739 C "C4'" . DG D 4 3  ? 0.171   15.525  1.544   1.00 139.72 ?  12  DG D "C4'" 1 
ATOM   740 O "O4'" . DG D 4 3  ? 0.035   14.534  0.515   1.00 134.45 ?  12  DG D "O4'" 1 
ATOM   741 C "C3'" . DG D 4 3  ? 0.703   16.779  0.856   1.00 167.86 ?  12  DG D "C3'" 1 
ATOM   742 O "O3'" . DG D 4 3  ? 1.816   17.295  1.588   1.00 176.60 ?  12  DG D "O3'" 1 
ATOM   743 C "C2'" . DG D 4 3  ? 0.994   16.335  -0.572  1.00 153.15 ?  12  DG D "C2'" 1 
ATOM   744 C "C1'" . DG D 4 3  ? 0.924   14.824  -0.520  1.00 119.83 ?  12  DG D "C1'" 1 
ATOM   745 N N9    . DG D 4 3  ? 0.342   14.287  -1.733  1.00 111.10 ?  12  DG D N9    1 
ATOM   746 C C8    . DG D 4 3  ? -0.992  14.296  -2.074  1.00 109.89 ?  12  DG D C8    1 
ATOM   747 N N7    . DG D 4 3  ? -1.223  13.790  -3.257  1.00 102.37 ?  12  DG D N7    1 
ATOM   748 C C5    . DG D 4 3  ? 0.036   13.451  -3.736  1.00 87.51  ?  12  DG D C5    1 
ATOM   749 C C6    . DG D 4 3  ? 0.418   12.848  -4.960  1.00 112.19 ?  12  DG D C6    1 
ATOM   750 O O6    . DG D 4 3  ? -0.306  12.501  -5.903  1.00 111.05 ?  12  DG D O6    1 
ATOM   751 N N1    . DG D 4 3  ? 1.799   12.657  -5.032  1.00 116.45 ?  12  DG D N1    1 
ATOM   752 C C2    . DG D 4 3  ? 2.699   13.006  -4.047  1.00 136.80 ?  12  DG D C2    1 
ATOM   753 N N2    . DG D 4 3  ? 3.996   12.747  -4.309  1.00 135.26 ?  12  DG D N2    1 
ATOM   754 N N3    . DG D 4 3  ? 2.353   13.587  -2.898  1.00 98.86  ?  12  DG D N3    1 
ATOM   755 C C4    . DG D 4 3  ? 1.017   13.772  -2.812  1.00 90.03  ?  12  DG D C4    1 
ATOM   756 P P     . DT D 4 4  ? 2.511   18.621  1.099   1.00 180.30 ?  13  DT D P     1 
ATOM   757 O OP1   . DT D 4 4  ? 3.413   19.061  2.186   1.00 177.54 ?  13  DT D OP1   1 
ATOM   758 O OP2   . DT D 4 4  ? 1.448   19.541  0.610   1.00 138.04 -1 13  DT D OP2   1 
ATOM   759 O "O5'" . DT D 4 4  ? 3.395   18.079  -0.107  1.00 141.07 ?  13  DT D "O5'" 1 
ATOM   760 C "C5'" . DT D 4 4  ? 4.259   16.961  0.154   1.00 146.40 ?  13  DT D "C5'" 1 
ATOM   761 C "C4'" . DT D 4 4  ? 5.280   16.874  -0.943  1.00 153.45 ?  13  DT D "C4'" 1 
ATOM   762 O "O4'" . DT D 4 4  ? 4.669   16.227  -2.080  1.00 174.35 ?  13  DT D "O4'" 1 
ATOM   763 C "C3'" . DT D 4 4  ? 5.743   18.240  -1.447  1.00 175.44 ?  13  DT D "C3'" 1 
ATOM   764 O "O3'" . DT D 4 4  ? 7.122   18.115  -1.809  1.00 207.52 ?  13  DT D "O3'" 1 
ATOM   765 C "C2'" . DT D 4 4  ? 4.852   18.479  -2.652  1.00 168.75 ?  13  DT D "C2'" 1 
ATOM   766 C "C1'" . DT D 4 4  ? 4.797   17.076  -3.215  1.00 159.58 ?  13  DT D "C1'" 1 
ATOM   767 N N1    . DT D 4 4  ? 3.685   16.774  -4.134  1.00 134.13 ?  13  DT D N1    1 
ATOM   768 C C2    . DT D 4 4  ? 3.951   16.066  -5.294  1.00 133.47 ?  13  DT D C2    1 
ATOM   769 O O2    . DT D 4 4  ? 5.076   15.721  -5.626  1.00 136.79 ?  13  DT D O2    1 
ATOM   770 N N3    . DT D 4 4  ? 2.842   15.776  -6.058  1.00 123.80 ?  13  DT D N3    1 
ATOM   771 C C4    . DT D 4 4  ? 1.526   16.103  -5.776  1.00 123.47 ?  13  DT D C4    1 
ATOM   772 O O4    . DT D 4 4  ? 0.633   15.781  -6.566  1.00 116.98 ?  13  DT D O4    1 
ATOM   773 C C5    . DT D 4 4  ? 1.319   16.817  -4.525  1.00 119.25 ?  13  DT D C5    1 
ATOM   774 C C7    . DT D 4 4  ? -0.072  17.212  -4.135  1.00 104.86 ?  13  DT D C7    1 
ATOM   775 C C6    . DT D 4 4  ? 2.394   17.105  -3.775  1.00 117.53 ?  13  DT D C6    1 
ATOM   776 P P     . DC D 4 5  ? 7.949   19.389  -2.302  1.00 185.96 ?  14  DC D P     1 
ATOM   777 O OP1   . DC D 4 5  ? 9.258   19.363  -1.612  1.00 198.89 ?  14  DC D OP1   1 
ATOM   778 O OP2   . DC D 4 5  ? 7.071   20.583  -2.149  1.00 159.65 -1 14  DC D OP2   1 
ATOM   779 O "O5'" . DC D 4 5  ? 8.248   19.055  -3.836  1.00 164.18 ?  14  DC D "O5'" 1 
ATOM   780 C "C5'" . DC D 4 5  ? 8.854   17.804  -4.223  1.00 156.24 ?  14  DC D "C5'" 1 
ATOM   781 C "C4'" . DC D 4 5  ? 9.031   17.717  -5.723  1.00 167.33 ?  14  DC D "C4'" 1 
ATOM   782 O "O4'" . DC D 4 5  ? 7.753   17.480  -6.367  1.00 165.33 ?  14  DC D "O4'" 1 
ATOM   783 C "C3'" . DC D 4 5  ? 9.592   18.973  -6.390  1.00 173.19 ?  14  DC D "C3'" 1 
ATOM   784 O "O3'" . DC D 4 5  ? 10.349  18.607  -7.548  1.00 183.47 ?  14  DC D "O3'" 1 
ATOM   785 C "C2'" . DC D 4 5  ? 8.338   19.712  -6.818  1.00 164.33 ?  14  DC D "C2'" 1 
ATOM   786 C "C1'" . DC D 4 5  ? 7.469   18.548  -7.271  1.00 153.21 ?  14  DC D "C1'" 1 
ATOM   787 N N1    . DC D 4 5  ? 6.004   18.776  -7.276  1.00 127.20 ?  14  DC D N1    1 
ATOM   788 C C2    . DC D 4 5  ? 5.231   18.200  -8.307  1.00 122.92 ?  14  DC D C2    1 
ATOM   789 O O2    . DC D 4 5  ? 5.802   17.539  -9.195  1.00 112.11 ?  14  DC D O2    1 
ATOM   790 N N3    . DC D 4 5  ? 3.886   18.395  -8.314  1.00 100.69 ?  14  DC D N3    1 
ATOM   791 C C4    . DC D 4 5  ? 3.310   19.114  -7.342  1.00 115.71 ?  14  DC D C4    1 
ATOM   792 N N4    . DC D 4 5  ? 1.982   19.276  -7.384  1.00 119.15 ?  14  DC D N4    1 
ATOM   793 C C5    . DC D 4 5  ? 4.070   19.693  -6.275  1.00 122.02 ?  14  DC D C5    1 
ATOM   794 C C6    . DC D 4 5  ? 5.400   19.512  -6.290  1.00 115.63 ?  14  DC D C6    1 
ATOM   795 P P     . DT D 4 6  ? 11.396  19.645  -8.148  1.00 186.31 ?  15  DT D P     1 
ATOM   796 O OP1   . DT D 4 6  ? 12.633  19.533  -7.341  1.00 182.85 ?  15  DT D OP1   1 
ATOM   797 O OP2   . DT D 4 6  ? 10.711  20.966  -8.271  1.00 146.45 -1 15  DT D OP2   1 
ATOM   798 O "O5'" . DT D 4 6  ? 11.811  19.043  -9.570  1.00 178.82 ?  15  DT D "O5'" 1 
ATOM   799 C "C5'" . DT D 4 6  ? 10.987  18.148  -10.343 1.00 184.83 ?  15  DT D "C5'" 1 
ATOM   800 C "C4'" . DT D 4 6  ? 10.299  18.864  -11.486 1.00 188.50 ?  15  DT D "C4'" 1 
ATOM   801 O "O4'" . DT D 4 6  ? 8.908   19.068  -11.164 1.00 170.57 ?  15  DT D "O4'" 1 
ATOM   802 C "C3'" . DT D 4 6  ? 10.831  20.253  -11.875 1.00 190.86 ?  15  DT D "C3'" 1 
ATOM   803 O "O3'" . DT D 4 6  ? 11.745  20.300  -12.993 1.00 199.17 ?  15  DT D "O3'" 1 
ATOM   804 C "C2'" . DT D 4 6  ? 9.580   21.082  -12.147 1.00 168.58 ?  15  DT D "C2'" 1 
ATOM   805 C "C1'" . DT D 4 6  ? 8.418   20.112  -11.985 1.00 149.28 ?  15  DT D "C1'" 1 
ATOM   806 N N1    . DT D 4 6  ? 7.182   20.641  -11.353 1.00 133.79 ?  15  DT D N1    1 
ATOM   807 C C2    . DT D 4 6  ? 5.967   20.310  -11.928 1.00 125.72 ?  15  DT D C2    1 
ATOM   808 O O2    . DT D 4 6  ? 5.873   19.654  -12.956 1.00 122.59 ?  15  DT D O2    1 
ATOM   809 N N3    . DT D 4 6  ? 4.861   20.799  -11.261 1.00 100.64 ?  15  DT D N3    1 
ATOM   810 C C4    . DT D 4 6  ? 4.854   21.559  -10.099 1.00 108.65 ?  15  DT D C4    1 
ATOM   811 O O4    . DT D 4 6  ? 3.784   21.927  -9.608  1.00 111.07 ?  15  DT D O4    1 
ATOM   812 C C5    . DT D 4 6  ? 6.160   21.845  -9.540  1.00 120.99 ?  15  DT D C5    1 
ATOM   813 C C7    . DT D 4 6  ? 6.245   22.645  -8.277  1.00 117.62 ?  15  DT D C7    1 
ATOM   814 C C6    . DT D 4 6  ? 7.244   21.372  -10.183 1.00 116.38 ?  15  DT D C6    1 
ATOM   815 P P     . DG D 4 7  ? 11.398  19.651  -14.442 1.00 201.27 ?  16  DG D P     1 
ATOM   816 O OP1   . DG D 4 7  ? 10.114  18.915  -14.365 1.00 210.12 ?  16  DG D OP1   1 
ATOM   817 O OP2   . DG D 4 7  ? 12.624  18.979  -14.935 1.00 176.58 -1 16  DG D OP2   1 
ATOM   818 O "O5'" . DG D 4 7  ? 11.093  20.904  -15.375 1.00 184.02 ?  16  DG D "O5'" 1 
ATOM   819 C "C5'" . DG D 4 7  ? 11.250  20.831  -16.811 1.00 167.26 ?  16  DG D "C5'" 1 
ATOM   820 C "C4'" . DG D 4 7  ? 10.110  20.095  -17.485 1.00 157.50 ?  16  DG D "C4'" 1 
ATOM   821 O "O4'" . DG D 4 7  ? 8.939   19.980  -16.634 1.00 158.82 ?  16  DG D "O4'" 1 
ATOM   822 C "C3'" . DG D 4 7  ? 9.594   20.801  -18.726 1.00 156.80 ?  16  DG D "C3'" 1 
ATOM   823 O "O3'" . DG D 4 7  ? 8.992   19.834  -19.579 1.00 158.37 ?  16  DG D "O3'" 1 
ATOM   824 C "C2'" . DG D 4 7  ? 8.581   21.756  -18.128 1.00 159.75 ?  16  DG D "C2'" 1 
ATOM   825 C "C1'" . DG D 4 7  ? 7.936   20.911  -17.045 1.00 138.92 ?  16  DG D "C1'" 1 
ATOM   826 N N9    . DG D 4 7  ? 7.558   21.689  -15.871 1.00 140.25 ?  16  DG D N9    1 
ATOM   827 C C8    . DG D 4 7  ? 8.423   22.298  -14.992 1.00 130.88 ?  16  DG D C8    1 
ATOM   828 N N7    . DG D 4 7  ? 7.814   22.914  -14.015 1.00 122.04 ?  16  DG D N7    1 
ATOM   829 C C5    . DG D 4 7  ? 6.466   22.705  -14.263 1.00 110.76 ?  16  DG D C5    1 
ATOM   830 C C6    . DG D 4 7  ? 5.320   23.146  -13.544 1.00 105.90 ?  16  DG D C6    1 
ATOM   831 O O6    . DG D 4 7  ? 5.276   23.809  -12.497 1.00 102.06 ?  16  DG D O6    1 
ATOM   832 N N1    . DG D 4 7  ? 4.139   22.714  -14.146 1.00 105.85 ?  16  DG D N1    1 
ATOM   833 C C2    . DG D 4 7  ? 4.070   21.951  -15.297 1.00 118.17 ?  16  DG D C2    1 
ATOM   834 N N2    . DG D 4 7  ? 2.835   21.619  -15.716 1.00 106.30 ?  16  DG D N2    1 
ATOM   835 N N3    . DG D 4 7  ? 5.134   21.553  -15.991 1.00 107.01 ?  16  DG D N3    1 
ATOM   836 C C4    . DG D 4 7  ? 6.290   21.951  -15.411 1.00 120.05 ?  16  DG D C4    1 
ATOM   837 P P     . DC D 4 8  ? 8.269   20.273  -20.942 1.00 209.08 ?  17  DC D P     1 
ATOM   838 O OP1   . DC D 4 8  ? 8.884   19.481  -22.043 1.00 186.77 ?  17  DC D OP1   1 
ATOM   839 O OP2   . DC D 4 8  ? 8.247   21.763  -21.035 1.00 193.61 -1 17  DC D OP2   1 
ATOM   840 O "O5'" . DC D 4 8  ? 6.765   19.793  -20.712 1.00 175.80 ?  17  DC D "O5'" 1 
ATOM   841 C "C5'" . DC D 4 8  ? 5.855   20.487  -19.838 1.00 155.85 ?  17  DC D "C5'" 1 
ATOM   842 C "C4'" . DC D 4 8  ? 4.693   21.029  -20.634 1.00 177.18 ?  17  DC D "C4'" 1 
ATOM   843 O "O4'" . DC D 4 8  ? 3.896   21.879  -19.782 1.00 170.53 ?  17  DC D "O4'" 1 
ATOM   844 C "C3'" . DC D 4 8  ? 5.057   21.882  -21.851 1.00 178.22 ?  17  DC D "C3'" 1 
ATOM   845 O "O3'" . DC D 4 8  ? 4.118   21.681  -22.913 1.00 202.86 ?  17  DC D "O3'" 1 
ATOM   846 C "C2'" . DC D 4 8  ? 5.015   23.306  -21.324 1.00 157.14 ?  17  DC D "C2'" 1 
ATOM   847 C "C1'" . DC D 4 8  ? 4.114   23.249  -20.085 1.00 145.81 ?  17  DC D "C1'" 1 
ATOM   848 N N1    . DC D 4 8  ? 4.611   23.903  -18.854 1.00 131.65 ?  17  DC D N1    1 
ATOM   849 C C2    . DC D 4 8  ? 3.676   24.372  -17.907 1.00 128.34 ?  17  DC D C2    1 
ATOM   850 O O2    . DC D 4 8  ? 2.463   24.241  -18.140 1.00 128.41 ?  17  DC D O2    1 
ATOM   851 N N3    . DC D 4 8  ? 4.120   24.958  -16.768 1.00 100.06 ?  17  DC D N3    1 
ATOM   852 C C4    . DC D 4 8  ? 5.435   25.078  -16.551 1.00 128.51 ?  17  DC D C4    1 
ATOM   853 N N4    . DC D 4 8  ? 5.831   25.661  -15.411 1.00 111.77 ?  17  DC D N4    1 
ATOM   854 C C5    . DC D 4 8  ? 6.406   24.612  -17.497 1.00 114.51 ?  17  DC D C5    1 
ATOM   855 C C6    . DC D 4 8  ? 5.953   24.018  -18.610 1.00 108.62 ?  17  DC D C6    1 
HETATM 856 C C1    . NT E 5 .  ? -0.472  -19.966 16.243  1.00 159.92 ?  101 NT C C1    1 
HETATM 857 N N1    . NT E 5 .  ? -0.434  -19.022 17.093  1.00 156.85 ?  101 NT C N1    1 
HETATM 858 N N2    . NT E 5 .  ? -1.501  -20.833 16.329  1.00 160.61 ?  101 NT C N2    1 
HETATM 859 N N3    . NT E 5 .  ? 0.531   -20.045 15.328  1.00 133.03 ?  101 NT C N3    1 
HETATM 860 C C2    . NT E 5 .  ? 1.637   -19.083 15.461  1.00 128.55 ?  101 NT C C2    1 
HETATM 861 C C3    . NT E 5 .  ? 2.816   -19.080 14.502  1.00 132.73 ?  101 NT C C3    1 
HETATM 862 O O1    . NT E 5 .  ? 3.705   -19.864 14.685  1.00 160.22 ?  101 NT C O1    1 
HETATM 863 N N4    . NT E 5 .  ? 2.846   -18.163 13.542  1.00 129.89 ?  101 NT C N4    1 
HETATM 864 C C4    . NT E 5 .  ? 3.887   -18.009 12.688  1.00 125.56 ?  101 NT C C4    1 
HETATM 865 C C5    . NT E 5 .  ? 3.856   -17.652 11.330  1.00 126.30 ?  101 NT C C5    1 
HETATM 866 C C6    . NT E 5 .  ? 5.100   -17.749 10.732  1.00 109.96 ?  101 NT C C6    1 
HETATM 867 N N5    . NT E 5 .  ? 5.867   -18.174 11.776  1.00 129.94 ?  101 NT C N5    1 
HETATM 868 C C8    . NT E 5 .  ? 7.316   -18.466 11.739  1.00 148.12 ?  101 NT C C8    1 
HETATM 869 C C7    . NT E 5 .  ? 5.188   -18.347 12.922  1.00 114.15 ?  101 NT C C7    1 
HETATM 870 C C9    . NT E 5 .  ? 5.492   -17.445 9.260   1.00 112.19 ?  101 NT C C9    1 
HETATM 871 O O2    . NT E 5 .  ? 6.690   -17.483 8.915   1.00 95.94  ?  101 NT C O2    1 
HETATM 872 N N6    . NT E 5 .  ? 4.598   -17.122 8.283   1.00 110.06 ?  101 NT C N6    1 
HETATM 873 C C10   . NT E 5 .  ? 4.964   -16.840 6.946   1.00 123.25 ?  101 NT C C10   1 
HETATM 874 C C11   . NT E 5 .  ? 4.174   -16.408 5.826   1.00 110.40 ?  101 NT C C11   1 
HETATM 875 C C12   . NT E 5 .  ? 4.951   -16.262 4.672   1.00 137.58 ?  101 NT C C12   1 
HETATM 876 N N7    . NT E 5 .  ? 6.202   -16.586 5.119   1.00 147.19 ?  101 NT C N7    1 
HETATM 877 C C14   . NT E 5 .  ? 7.463   -16.593 4.311   1.00 157.50 ?  101 NT C C14   1 
HETATM 878 C C13   . NT E 5 .  ? 6.244   -16.912 6.419   1.00 110.37 ?  101 NT C C13   1 
HETATM 879 C C15   . NT E 5 .  ? 4.634   -15.846 3.208   1.00 170.73 ?  101 NT C C15   1 
HETATM 880 O O3    . NT E 5 .  ? 5.615   -15.649 2.448   1.00 140.10 ?  101 NT C O3    1 
HETATM 881 N N8    . NT E 5 .  ? 3.409   -15.674 2.617   1.00 177.93 ?  101 NT C N8    1 
HETATM 882 C C16   . NT E 5 .  ? 3.379   -15.190 1.203   1.00 180.30 ?  101 NT C C16   1 
HETATM 883 C C17   . NT E 5 .  ? 2.139   -15.294 0.288   1.00 158.62 ?  101 NT C C17   1 
HETATM 884 C C18   . NT E 5 .  ? 2.453   -15.145 -1.220  1.00 142.00 ?  101 NT C C18   1 
HETATM 885 N N9    . NT E 5 .  ? 1.599   -15.549 -2.063  1.00 115.94 ?  101 NT C N9    1 
HETATM 886 N N10   . NT E 5 .  ? 3.593   -14.606 -1.685  1.00 156.96 ?  101 NT C N10   1 
# 
loop_
_pdbx_poly_seq_scheme.asym_id 
_pdbx_poly_seq_scheme.entity_id 
_pdbx_poly_seq_scheme.seq_id 
_pdbx_poly_seq_scheme.mon_id 
_pdbx_poly_seq_scheme.ndb_seq_num 
_pdbx_poly_seq_scheme.pdb_seq_num 
_pdbx_poly_seq_scheme.auth_seq_num 
_pdbx_poly_seq_scheme.pdb_mon_id 
_pdbx_poly_seq_scheme.auth_mon_id 
_pdbx_poly_seq_scheme.pdb_strand_id 
_pdbx_poly_seq_scheme.pdb_ins_code 
_pdbx_poly_seq_scheme.hetero 
A 1 1  DG 1  0  0  DG DG A . n 
A 1 2  DA 2  1  1  DA DA A . n 
A 1 3  DG 3  2  2  DG DG A . n 
A 1 4  DC 4  3  3  DC DC A . n 
A 1 5  DA 5  4  4  DA DA A . n 
A 1 6  DG 6  5  5  DG DG A . n 
A 1 7  DA 7  6  6  DA DA A . n 
A 1 8  DC 8  7  7  DC DC A . n 
A 1 9  DC 9  8  8  DC DC A . n 
A 1 10 DT 10 9  9  DT DT A . n 
A 1 11 DG 11 10 10 DG DG A . n 
A 1 12 DA 12 11 11 DA DA A . n 
A 1 13 DC 13 12 12 DC DC A . n 
A 1 14 DG 14 13 13 DG DG A . n 
A 1 15 DA 15 14 14 DA DA A . n 
A 1 16 DC 16 15 15 DC DC A . n 
A 1 17 DA 17 16 16 DA DA A . n 
A 1 18 DA 18 17 17 DA DA A . n 
A 1 19 DT 19 18 18 DT DT A . n 
A 1 20 DT 20 19 19 DT DT A . n 
A 1 21 DA 21 20 20 DA DA A . n 
B 2 1  DT 1  1  1  DT DT B . n 
B 2 2  DC 2  2  2  DC DC B . n 
B 2 3  DG 3  3  3  DG DG B . n 
B 2 4  DT 4  4  4  DT DT B . n 
B 2 5  DC 5  5  5  DC DC B . n 
C 3 1  DT 1  2  2  DT DT C . n 
C 3 2  DC 2  3  3  DC DC C . n 
C 3 3  DT 3  4  4  DT DT C . n 
C 3 4  DA 4  5  5  DA DA C . n 
C 3 5  DA 5  6  6  DA DA C . n 
C 3 6  DT 6  7  7  DT DT C . n 
C 3 7  DT 7  8  8  DT DT C . n 
C 3 8  DG 8  9  9  DG DG C . n 
D 4 1  DA 1  10 10 DA DA D . n 
D 4 2  DG 2  11 11 DG DG D . n 
D 4 3  DG 3  12 12 DG DG D . n 
D 4 4  DT 4  13 13 DT DT D . n 
D 4 5  DC 5  14 14 DC DC D . n 
D 4 6  DT 6  15 15 DT DT D . n 
D 4 7  DG 7  16 16 DG DG D . n 
D 4 8  DC 8  17 17 DC DC D . n 
# 
_pdbx_contact_author.id                 2 
_pdbx_contact_author.email              hao.yan@asu.edu 
_pdbx_contact_author.name_first         Hao 
_pdbx_contact_author.name_last          Yan 
_pdbx_contact_author.name_mi            ? 
_pdbx_contact_author.role               'principal investigator/group leader' 
_pdbx_contact_author.identifier_ORCID   0000-0001-7397-9852 
# 
_pdbx_nonpoly_scheme.asym_id         E 
_pdbx_nonpoly_scheme.entity_id       5 
_pdbx_nonpoly_scheme.mon_id          NT 
_pdbx_nonpoly_scheme.ndb_seq_num     1 
_pdbx_nonpoly_scheme.pdb_seq_num     101 
_pdbx_nonpoly_scheme.auth_seq_num    1 
_pdbx_nonpoly_scheme.pdb_mon_id      NT 
_pdbx_nonpoly_scheme.auth_mon_id     NT 
_pdbx_nonpoly_scheme.pdb_strand_id   C 
_pdbx_nonpoly_scheme.pdb_ins_code    . 
# 
_pdbx_struct_assembly.id                   1 
_pdbx_struct_assembly.details              author_defined_assembly 
_pdbx_struct_assembly.method_details       ? 
_pdbx_struct_assembly.oligomeric_details   tetrameric 
_pdbx_struct_assembly.oligomeric_count     4 
# 
_pdbx_struct_assembly_gen.assembly_id       1 
_pdbx_struct_assembly_gen.oper_expression   1 
_pdbx_struct_assembly_gen.asym_id_list      A,B,C,D,E 
# 
_pdbx_struct_oper_list.id                   1 
_pdbx_struct_oper_list.type                 'identity operation' 
_pdbx_struct_oper_list.name                 1_555 
_pdbx_struct_oper_list.symmetry_operation   x,y,z 
_pdbx_struct_oper_list.matrix[1][1]         1.0000000000 
_pdbx_struct_oper_list.matrix[1][2]         0.0000000000 
_pdbx_struct_oper_list.matrix[1][3]         0.0000000000 
_pdbx_struct_oper_list.vector[1]            0.0000000000 
_pdbx_struct_oper_list.matrix[2][1]         0.0000000000 
_pdbx_struct_oper_list.matrix[2][2]         1.0000000000 
_pdbx_struct_oper_list.matrix[2][3]         0.0000000000 
_pdbx_struct_oper_list.vector[2]            0.0000000000 
_pdbx_struct_oper_list.matrix[3][1]         0.0000000000 
_pdbx_struct_oper_list.matrix[3][2]         0.0000000000 
_pdbx_struct_oper_list.matrix[3][3]         1.0000000000 
_pdbx_struct_oper_list.vector[3]            0.0000000000 
# 
_pdbx_audit_revision_history.ordinal             1 
_pdbx_audit_revision_history.data_content_type   'Structure model' 
_pdbx_audit_revision_history.major_revision      1 
_pdbx_audit_revision_history.minor_revision      0 
_pdbx_audit_revision_history.revision_date       2023-12-20 
# 
_pdbx_audit_revision_details.ordinal             1 
_pdbx_audit_revision_details.revision_ordinal    1 
_pdbx_audit_revision_details.data_content_type   'Structure model' 
_pdbx_audit_revision_details.provider            repository 
_pdbx_audit_revision_details.type                'Initial release' 
_pdbx_audit_revision_details.description         ? 
_pdbx_audit_revision_details.details             ? 
# 
loop_
_software.citation_id 
_software.classification 
_software.compiler_name 
_software.compiler_version 
_software.contact_author 
_software.contact_author_email 
_software.date 
_software.description 
_software.dependencies 
_software.hardware 
_software.language 
_software.location 
_software.mods 
_software.name 
_software.os 
_software.os_version 
_software.type 
_software.version 
_software.pdbx_ordinal 
? refinement       ? ? ? ? ? ? ? ? ? ? ? REFMAC   ? ? ? 5.8.0131 1 
? 'data scaling'   ? ? ? ? ? ? ? ? ? ? ? HKL-2000 ? ? ? .        2 
? 'data reduction' ? ? ? ? ? ? ? ? ? ? ? HKL-2000 ? ? ? .        3 
? phasing          ? ? ? ? ? ? ? ? ? ? ? PHASER   ? ? ? .        4 
# 
_pdbx_entry_details.entry_id                 8TC2 
_pdbx_entry_details.has_ligand_of_interest   N 
_pdbx_entry_details.compound_details         ? 
_pdbx_entry_details.source_details           ? 
_pdbx_entry_details.nonpolymer_details       ? 
_pdbx_entry_details.sequence_details         ? 
# 
_pdbx_validate_symm_contact.id                1 
_pdbx_validate_symm_contact.PDB_model_num     1 
_pdbx_validate_symm_contact.auth_atom_id_1    "O3'" 
_pdbx_validate_symm_contact.auth_asym_id_1    C 
_pdbx_validate_symm_contact.auth_comp_id_1    DG 
_pdbx_validate_symm_contact.auth_seq_id_1     9 
_pdbx_validate_symm_contact.PDB_ins_code_1    ? 
_pdbx_validate_symm_contact.label_alt_id_1    ? 
_pdbx_validate_symm_contact.site_symmetry_1   1_555 
_pdbx_validate_symm_contact.auth_atom_id_2    OP1 
_pdbx_validate_symm_contact.auth_asym_id_2    D 
_pdbx_validate_symm_contact.auth_comp_id_2    DA 
_pdbx_validate_symm_contact.auth_seq_id_2     10 
_pdbx_validate_symm_contact.PDB_ins_code_2    ? 
_pdbx_validate_symm_contact.label_alt_id_2    ? 
_pdbx_validate_symm_contact.site_symmetry_2   2_554 
_pdbx_validate_symm_contact.dist              2.15 
# 
loop_
_pdbx_validate_rmsd_angle.id 
_pdbx_validate_rmsd_angle.PDB_model_num 
_pdbx_validate_rmsd_angle.auth_atom_id_1 
_pdbx_validate_rmsd_angle.auth_asym_id_1 
_pdbx_validate_rmsd_angle.auth_comp_id_1 
_pdbx_validate_rmsd_angle.auth_seq_id_1 
_pdbx_validate_rmsd_angle.PDB_ins_code_1 
_pdbx_validate_rmsd_angle.label_alt_id_1 
_pdbx_validate_rmsd_angle.auth_atom_id_2 
_pdbx_validate_rmsd_angle.auth_asym_id_2 
_pdbx_validate_rmsd_angle.auth_comp_id_2 
_pdbx_validate_rmsd_angle.auth_seq_id_2 
_pdbx_validate_rmsd_angle.PDB_ins_code_2 
_pdbx_validate_rmsd_angle.label_alt_id_2 
_pdbx_validate_rmsd_angle.auth_atom_id_3 
_pdbx_validate_rmsd_angle.auth_asym_id_3 
_pdbx_validate_rmsd_angle.auth_comp_id_3 
_pdbx_validate_rmsd_angle.auth_seq_id_3 
_pdbx_validate_rmsd_angle.PDB_ins_code_3 
_pdbx_validate_rmsd_angle.label_alt_id_3 
_pdbx_validate_rmsd_angle.angle_value 
_pdbx_validate_rmsd_angle.angle_target_value 
_pdbx_validate_rmsd_angle.angle_deviation 
_pdbx_validate_rmsd_angle.angle_standard_deviation 
_pdbx_validate_rmsd_angle.linker_flag 
1 1 "O5'" A DT 9  ? ? P     A DT 9  ? ? OP1   A DT 9  ? ? 99.23  105.70 -6.47 0.90 N 
2 1 "C1'" A DG 13 ? ? "O4'" A DG 13 ? ? "C4'" A DG 13 ? ? 103.23 110.10 -6.87 1.00 N 
3 1 "O5'" D DA 10 ? ? P     D DA 10 ? ? OP1   D DA 10 ? ? 98.04  105.70 -7.66 0.90 N 
4 1 "O4'" D DA 10 ? ? "C4'" D DA 10 ? ? "C3'" D DA 10 ? ? 100.61 104.50 -3.89 0.40 N 
5 1 "O4'" D DG 11 ? ? "C4'" D DG 11 ? ? "C3'" D DG 11 ? ? 101.57 104.50 -2.93 0.40 N 
6 1 "C1'" D DG 11 ? ? "O4'" D DG 11 ? ? "C4'" D DG 11 ? ? 104.00 110.10 -6.10 1.00 N 
# 
loop_
_chem_comp_atom.comp_id 
_chem_comp_atom.atom_id 
_chem_comp_atom.type_symbol 
_chem_comp_atom.pdbx_aromatic_flag 
_chem_comp_atom.pdbx_stereo_config 
_chem_comp_atom.pdbx_ordinal 
DA OP3    O N N 1   
DA P      P N N 2   
DA OP1    O N N 3   
DA OP2    O N N 4   
DA "O5'"  O N N 5   
DA "C5'"  C N N 6   
DA "C4'"  C N R 7   
DA "O4'"  O N N 8   
DA "C3'"  C N S 9   
DA "O3'"  O N N 10  
DA "C2'"  C N N 11  
DA "C1'"  C N R 12  
DA N9     N Y N 13  
DA C8     C Y N 14  
DA N7     N Y N 15  
DA C5     C Y N 16  
DA C6     C Y N 17  
DA N6     N N N 18  
DA N1     N Y N 19  
DA C2     C Y N 20  
DA N3     N Y N 21  
DA C4     C Y N 22  
DA HOP3   H N N 23  
DA HOP2   H N N 24  
DA "H5'"  H N N 25  
DA "H5''" H N N 26  
DA "H4'"  H N N 27  
DA "H3'"  H N N 28  
DA "HO3'" H N N 29  
DA "H2'"  H N N 30  
DA "H2''" H N N 31  
DA "H1'"  H N N 32  
DA H8     H N N 33  
DA H61    H N N 34  
DA H62    H N N 35  
DA H2     H N N 36  
DC OP3    O N N 37  
DC P      P N N 38  
DC OP1    O N N 39  
DC OP2    O N N 40  
DC "O5'"  O N N 41  
DC "C5'"  C N N 42  
DC "C4'"  C N R 43  
DC "O4'"  O N N 44  
DC "C3'"  C N S 45  
DC "O3'"  O N N 46  
DC "C2'"  C N N 47  
DC "C1'"  C N R 48  
DC N1     N N N 49  
DC C2     C N N 50  
DC O2     O N N 51  
DC N3     N N N 52  
DC C4     C N N 53  
DC N4     N N N 54  
DC C5     C N N 55  
DC C6     C N N 56  
DC HOP3   H N N 57  
DC HOP2   H N N 58  
DC "H5'"  H N N 59  
DC "H5''" H N N 60  
DC "H4'"  H N N 61  
DC "H3'"  H N N 62  
DC "HO3'" H N N 63  
DC "H2'"  H N N 64  
DC "H2''" H N N 65  
DC "H1'"  H N N 66  
DC H41    H N N 67  
DC H42    H N N 68  
DC H5     H N N 69  
DC H6     H N N 70  
DG OP3    O N N 71  
DG P      P N N 72  
DG OP1    O N N 73  
DG OP2    O N N 74  
DG "O5'"  O N N 75  
DG "C5'"  C N N 76  
DG "C4'"  C N R 77  
DG "O4'"  O N N 78  
DG "C3'"  C N S 79  
DG "O3'"  O N N 80  
DG "C2'"  C N N 81  
DG "C1'"  C N R 82  
DG N9     N Y N 83  
DG C8     C Y N 84  
DG N7     N Y N 85  
DG C5     C Y N 86  
DG C6     C N N 87  
DG O6     O N N 88  
DG N1     N N N 89  
DG C2     C N N 90  
DG N2     N N N 91  
DG N3     N N N 92  
DG C4     C Y N 93  
DG HOP3   H N N 94  
DG HOP2   H N N 95  
DG "H5'"  H N N 96  
DG "H5''" H N N 97  
DG "H4'"  H N N 98  
DG "H3'"  H N N 99  
DG "HO3'" H N N 100 
DG "H2'"  H N N 101 
DG "H2''" H N N 102 
DG "H1'"  H N N 103 
DG H8     H N N 104 
DG H1     H N N 105 
DG H21    H N N 106 
DG H22    H N N 107 
DT OP3    O N N 108 
DT P      P N N 109 
DT OP1    O N N 110 
DT OP2    O N N 111 
DT "O5'"  O N N 112 
DT "C5'"  C N N 113 
DT "C4'"  C N R 114 
DT "O4'"  O N N 115 
DT "C3'"  C N S 116 
DT "O3'"  O N N 117 
DT "C2'"  C N N 118 
DT "C1'"  C N R 119 
DT N1     N N N 120 
DT C2     C N N 121 
DT O2     O N N 122 
DT N3     N N N 123 
DT C4     C N N 124 
DT O4     O N N 125 
DT C5     C N N 126 
DT C7     C N N 127 
DT C6     C N N 128 
DT HOP3   H N N 129 
DT HOP2   H N N 130 
DT "H5'"  H N N 131 
DT "H5''" H N N 132 
DT "H4'"  H N N 133 
DT "H3'"  H N N 134 
DT "HO3'" H N N 135 
DT "H2'"  H N N 136 
DT "H2''" H N N 137 
DT "H1'"  H N N 138 
DT H3     H N N 139 
DT H71    H N N 140 
DT H72    H N N 141 
DT H73    H N N 142 
DT H6     H N N 143 
NT C1     C N N 144 
NT N1     N N N 145 
NT N2     N N N 146 
NT N3     N N N 147 
NT C2     C N N 148 
NT C3     C N N 149 
NT O1     O N N 150 
NT N4     N N N 151 
NT C4     C Y N 152 
NT C5     C Y N 153 
NT C6     C Y N 154 
NT N5     N Y N 155 
NT C8     C N N 156 
NT C7     C Y N 157 
NT C9     C N N 158 
NT O2     O N N 159 
NT N6     N N N 160 
NT C10    C Y N 161 
NT C11    C Y N 162 
NT C12    C Y N 163 
NT N7     N Y N 164 
NT C14    C N N 165 
NT C13    C Y N 166 
NT C15    C N N 167 
NT O3     O N N 168 
NT N8     N N N 169 
NT C16    C N N 170 
NT C17    C N N 171 
NT C18    C N N 172 
NT N9     N N N 173 
NT N10    N N N 174 
NT HN1    H N N 175 
NT HN21   H N N 176 
NT HN22   H N N 177 
NT HN3    H N N 178 
NT H21    H N N 179 
NT H22    H N N 180 
NT HN4    H N N 181 
NT H5     H N N 182 
NT H81    H N N 183 
NT H82    H N N 184 
NT H83    H N N 185 
NT H7     H N N 186 
NT HN6    H N N 187 
NT H11    H N N 188 
NT H141   H N N 189 
NT H142   H N N 190 
NT H143   H N N 191 
NT H13    H N N 192 
NT HN8    H N N 193 
NT H161   H N N 194 
NT H162   H N N 195 
NT H171   H N N 196 
NT H172   H N N 197 
NT HN9    H N N 198 
NT HN01   H N N 199 
NT HN02   H N N 200 
# 
loop_
_chem_comp_bond.comp_id 
_chem_comp_bond.atom_id_1 
_chem_comp_bond.atom_id_2 
_chem_comp_bond.value_order 
_chem_comp_bond.pdbx_aromatic_flag 
_chem_comp_bond.pdbx_stereo_config 
_chem_comp_bond.pdbx_ordinal 
DA OP3   P      sing N N 1   
DA OP3   HOP3   sing N N 2   
DA P     OP1    doub N N 3   
DA P     OP2    sing N N 4   
DA P     "O5'"  sing N N 5   
DA OP2   HOP2   sing N N 6   
DA "O5'" "C5'"  sing N N 7   
DA "C5'" "C4'"  sing N N 8   
DA "C5'" "H5'"  sing N N 9   
DA "C5'" "H5''" sing N N 10  
DA "C4'" "O4'"  sing N N 11  
DA "C4'" "C3'"  sing N N 12  
DA "C4'" "H4'"  sing N N 13  
DA "O4'" "C1'"  sing N N 14  
DA "C3'" "O3'"  sing N N 15  
DA "C3'" "C2'"  sing N N 16  
DA "C3'" "H3'"  sing N N 17  
DA "O3'" "HO3'" sing N N 18  
DA "C2'" "C1'"  sing N N 19  
DA "C2'" "H2'"  sing N N 20  
DA "C2'" "H2''" sing N N 21  
DA "C1'" N9     sing N N 22  
DA "C1'" "H1'"  sing N N 23  
DA N9    C8     sing Y N 24  
DA N9    C4     sing Y N 25  
DA C8    N7     doub Y N 26  
DA C8    H8     sing N N 27  
DA N7    C5     sing Y N 28  
DA C5    C6     sing Y N 29  
DA C5    C4     doub Y N 30  
DA C6    N6     sing N N 31  
DA C6    N1     doub Y N 32  
DA N6    H61    sing N N 33  
DA N6    H62    sing N N 34  
DA N1    C2     sing Y N 35  
DA C2    N3     doub Y N 36  
DA C2    H2     sing N N 37  
DA N3    C4     sing Y N 38  
DC OP3   P      sing N N 39  
DC OP3   HOP3   sing N N 40  
DC P     OP1    doub N N 41  
DC P     OP2    sing N N 42  
DC P     "O5'"  sing N N 43  
DC OP2   HOP2   sing N N 44  
DC "O5'" "C5'"  sing N N 45  
DC "C5'" "C4'"  sing N N 46  
DC "C5'" "H5'"  sing N N 47  
DC "C5'" "H5''" sing N N 48  
DC "C4'" "O4'"  sing N N 49  
DC "C4'" "C3'"  sing N N 50  
DC "C4'" "H4'"  sing N N 51  
DC "O4'" "C1'"  sing N N 52  
DC "C3'" "O3'"  sing N N 53  
DC "C3'" "C2'"  sing N N 54  
DC "C3'" "H3'"  sing N N 55  
DC "O3'" "HO3'" sing N N 56  
DC "C2'" "C1'"  sing N N 57  
DC "C2'" "H2'"  sing N N 58  
DC "C2'" "H2''" sing N N 59  
DC "C1'" N1     sing N N 60  
DC "C1'" "H1'"  sing N N 61  
DC N1    C2     sing N N 62  
DC N1    C6     sing N N 63  
DC C2    O2     doub N N 64  
DC C2    N3     sing N N 65  
DC N3    C4     doub N N 66  
DC C4    N4     sing N N 67  
DC C4    C5     sing N N 68  
DC N4    H41    sing N N 69  
DC N4    H42    sing N N 70  
DC C5    C6     doub N N 71  
DC C5    H5     sing N N 72  
DC C6    H6     sing N N 73  
DG OP3   P      sing N N 74  
DG OP3   HOP3   sing N N 75  
DG P     OP1    doub N N 76  
DG P     OP2    sing N N 77  
DG P     "O5'"  sing N N 78  
DG OP2   HOP2   sing N N 79  
DG "O5'" "C5'"  sing N N 80  
DG "C5'" "C4'"  sing N N 81  
DG "C5'" "H5'"  sing N N 82  
DG "C5'" "H5''" sing N N 83  
DG "C4'" "O4'"  sing N N 84  
DG "C4'" "C3'"  sing N N 85  
DG "C4'" "H4'"  sing N N 86  
DG "O4'" "C1'"  sing N N 87  
DG "C3'" "O3'"  sing N N 88  
DG "C3'" "C2'"  sing N N 89  
DG "C3'" "H3'"  sing N N 90  
DG "O3'" "HO3'" sing N N 91  
DG "C2'" "C1'"  sing N N 92  
DG "C2'" "H2'"  sing N N 93  
DG "C2'" "H2''" sing N N 94  
DG "C1'" N9     sing N N 95  
DG "C1'" "H1'"  sing N N 96  
DG N9    C8     sing Y N 97  
DG N9    C4     sing Y N 98  
DG C8    N7     doub Y N 99  
DG C8    H8     sing N N 100 
DG N7    C5     sing Y N 101 
DG C5    C6     sing N N 102 
DG C5    C4     doub Y N 103 
DG C6    O6     doub N N 104 
DG C6    N1     sing N N 105 
DG N1    C2     sing N N 106 
DG N1    H1     sing N N 107 
DG C2    N2     sing N N 108 
DG C2    N3     doub N N 109 
DG N2    H21    sing N N 110 
DG N2    H22    sing N N 111 
DG N3    C4     sing N N 112 
DT OP3   P      sing N N 113 
DT OP3   HOP3   sing N N 114 
DT P     OP1    doub N N 115 
DT P     OP2    sing N N 116 
DT P     "O5'"  sing N N 117 
DT OP2   HOP2   sing N N 118 
DT "O5'" "C5'"  sing N N 119 
DT "C5'" "C4'"  sing N N 120 
DT "C5'" "H5'"  sing N N 121 
DT "C5'" "H5''" sing N N 122 
DT "C4'" "O4'"  sing N N 123 
DT "C4'" "C3'"  sing N N 124 
DT "C4'" "H4'"  sing N N 125 
DT "O4'" "C1'"  sing N N 126 
DT "C3'" "O3'"  sing N N 127 
DT "C3'" "C2'"  sing N N 128 
DT "C3'" "H3'"  sing N N 129 
DT "O3'" "HO3'" sing N N 130 
DT "C2'" "C1'"  sing N N 131 
DT "C2'" "H2'"  sing N N 132 
DT "C2'" "H2''" sing N N 133 
DT "C1'" N1     sing N N 134 
DT "C1'" "H1'"  sing N N 135 
DT N1    C2     sing N N 136 
DT N1    C6     sing N N 137 
DT C2    O2     doub N N 138 
DT C2    N3     sing N N 139 
DT N3    C4     sing N N 140 
DT N3    H3     sing N N 141 
DT C4    O4     doub N N 142 
DT C4    C5     sing N N 143 
DT C5    C7     sing N N 144 
DT C5    C6     doub N N 145 
DT C7    H71    sing N N 146 
DT C7    H72    sing N N 147 
DT C7    H73    sing N N 148 
DT C6    H6     sing N N 149 
NT C1    N1     doub N N 150 
NT C1    N2     sing N N 151 
NT C1    N3     sing N N 152 
NT N1    HN1    sing N N 153 
NT N2    HN21   sing N N 154 
NT N2    HN22   sing N N 155 
NT N3    C2     sing N N 156 
NT N3    HN3    sing N N 157 
NT C2    C3     sing N N 158 
NT C2    H21    sing N N 159 
NT C2    H22    sing N N 160 
NT C3    O1     doub N N 161 
NT C3    N4     sing N N 162 
NT N4    C4     sing N N 163 
NT N4    HN4    sing N N 164 
NT C4    C5     sing Y N 165 
NT C4    C7     doub Y N 166 
NT C5    C6     doub Y N 167 
NT C5    H5     sing N N 168 
NT C6    N5     sing Y N 169 
NT C6    C9     sing N N 170 
NT N5    C8     sing N N 171 
NT N5    C7     sing Y N 172 
NT C8    H81    sing N N 173 
NT C8    H82    sing N N 174 
NT C8    H83    sing N N 175 
NT C7    H7     sing N N 176 
NT C9    O2     doub N N 177 
NT C9    N6     sing N N 178 
NT N6    C10    sing N N 179 
NT N6    HN6    sing N N 180 
NT C10   C11    sing Y N 181 
NT C10   C13    doub Y N 182 
NT C11   C12    doub Y N 183 
NT C11   H11    sing N N 184 
NT C12   N7     sing Y N 185 
NT C12   C15    sing N N 186 
NT N7    C14    sing N N 187 
NT N7    C13    sing Y N 188 
NT C14   H141   sing N N 189 
NT C14   H142   sing N N 190 
NT C14   H143   sing N N 191 
NT C13   H13    sing N N 192 
NT C15   O3     doub N N 193 
NT C15   N8     sing N N 194 
NT N8    C16    sing N N 195 
NT N8    HN8    sing N N 196 
NT C16   C17    sing N N 197 
NT C16   H161   sing N N 198 
NT C16   H162   sing N N 199 
NT C17   C18    sing N N 200 
NT C17   H171   sing N N 201 
NT C17   H172   sing N N 202 
NT C18   N9     doub N N 203 
NT C18   N10    sing N N 204 
NT N9    HN9    sing N N 205 
NT N10   HN01   sing N N 206 
NT N10   HN02   sing N N 207 
# 
loop_
_ndb_struct_conf_na.entry_id 
_ndb_struct_conf_na.feature 
8TC2 'double helix'        
8TC2 'a-form double helix' 
8TC2 'b-form double helix' 
# 
loop_
_ndb_struct_na_base_pair.model_number 
_ndb_struct_na_base_pair.i_label_asym_id 
_ndb_struct_na_base_pair.i_label_comp_id 
_ndb_struct_na_base_pair.i_label_seq_id 
_ndb_struct_na_base_pair.i_symmetry 
_ndb_struct_na_base_pair.j_label_asym_id 
_ndb_struct_na_base_pair.j_label_comp_id 
_ndb_struct_na_base_pair.j_label_seq_id 
_ndb_struct_na_base_pair.j_symmetry 
_ndb_struct_na_base_pair.shear 
_ndb_struct_na_base_pair.stretch 
_ndb_struct_na_base_pair.stagger 
_ndb_struct_na_base_pair.buckle 
_ndb_struct_na_base_pair.propeller 
_ndb_struct_na_base_pair.opening 
_ndb_struct_na_base_pair.pair_number 
_ndb_struct_na_base_pair.pair_name 
_ndb_struct_na_base_pair.i_auth_asym_id 
_ndb_struct_na_base_pair.i_auth_seq_id 
_ndb_struct_na_base_pair.i_PDB_ins_code 
_ndb_struct_na_base_pair.j_auth_asym_id 
_ndb_struct_na_base_pair.j_auth_seq_id 
_ndb_struct_na_base_pair.j_PDB_ins_code 
_ndb_struct_na_base_pair.hbond_type_28 
_ndb_struct_na_base_pair.hbond_type_12 
1 A DG 3  1_555 D DC 8 1_555 0.062  -0.374 0.032  -6.229  -6.604  -3.833 1  A_DG2:DC17_D A 2  ? D 17 ? 19 1 
1 A DC 4  1_555 D DG 7 1_555 0.170  -0.158 0.250  1.463   -5.959  -2.785 2  A_DC3:DG16_D A 3  ? D 16 ? 19 1 
1 A DA 5  1_555 D DT 6 1_555 0.322  0.213  0.731  2.702   -4.847  -3.285 3  A_DA4:DT15_D A 4  ? D 15 ? 20 1 
1 A DG 6  1_555 D DC 5 1_555 -0.069 0.200  0.421  8.094   -8.807  2.770  4  A_DG5:DC14_D A 5  ? D 14 ? 19 1 
1 A DA 7  1_555 D DT 4 1_555 0.426  -0.014 0.351  2.605   -5.042  -8.900 5  A_DA6:DT13_D A 6  ? D 13 ? 20 1 
1 A DC 8  1_555 D DG 3 1_555 0.026  -0.423 0.315  7.799   -3.674  -1.963 6  A_DC7:DG12_D A 7  ? D 12 ? 19 1 
1 A DC 9  1_555 D DG 2 1_555 -0.003 -0.381 0.539  1.245   -8.300  -1.490 7  A_DC8:DG11_D A 8  ? D 11 ? 19 1 
1 A DT 10 1_555 D DA 1 1_555 -0.292 -0.375 0.276  -0.448  -10.624 0.869  8  A_DT9:DA10_D A 9  ? D 10 ? 20 1 
1 A DG 11 1_555 B DC 5 1_555 0.076  -0.105 0.429  -0.631  -4.011  3.421  9  A_DG10:DC5_B A 10 ? B 5  ? 19 1 
1 A DA 12 1_555 B DT 4 1_555 0.494  -0.132 0.595  6.980   -9.090  -3.787 10 A_DA11:DT4_B A 11 ? B 4  ? 20 1 
1 A DC 13 1_555 B DG 3 1_555 0.099  -0.193 0.618  -5.459  -8.092  3.746  11 A_DC12:DG3_B A 12 ? B 3  ? 19 1 
1 A DG 14 1_555 B DC 2 1_555 -0.245 -0.181 0.305  -0.934  -1.533  -2.375 12 A_DG13:DC2_B A 13 ? B 2  ? 19 1 
1 A DA 15 1_555 B DT 1 1_555 0.247  -0.122 0.472  12.347  -12.311 -2.447 13 A_DA14:DT1_B A 14 ? B 1  ? 20 1 
1 A DC 16 1_555 C DG 8 1_555 0.051  -0.085 0.214  -2.475  -4.268  -1.588 14 A_DC15:DG9_C A 15 ? C 9  ? 19 1 
1 A DA 17 1_555 C DT 7 1_555 -0.092 -0.405 0.923  10.177  -5.350  1.869  15 A_DA16:DT8_C A 16 ? C 8  ? 20 1 
1 A DA 18 1_555 C DT 6 1_555 0.103  -0.201 -0.055 -7.586  -9.900  3.643  16 A_DA17:DT7_C A 17 ? C 7  ? 20 1 
1 A DT 19 1_555 C DA 5 1_555 -0.419 -0.251 0.333  -12.649 -10.672 1.982  17 A_DT18:DA6_C A 18 ? C 6  ? 20 1 
1 A DT 20 1_555 C DA 4 1_555 -0.183 -0.366 0.283  -10.973 -10.971 -2.786 18 A_DT19:DA5_C A 19 ? C 5  ? 20 1 
1 A DA 21 1_555 C DT 3 1_555 0.101  0.081  0.165  -1.469  -10.970 -0.570 19 A_DA20:DT4_C A 20 ? C 4  ? 20 1 
# 
loop_
_ndb_struct_na_base_pair_step.model_number 
_ndb_struct_na_base_pair_step.i_label_asym_id_1 
_ndb_struct_na_base_pair_step.i_label_comp_id_1 
_ndb_struct_na_base_pair_step.i_label_seq_id_1 
_ndb_struct_na_base_pair_step.i_symmetry_1 
_ndb_struct_na_base_pair_step.j_label_asym_id_1 
_ndb_struct_na_base_pair_step.j_label_comp_id_1 
_ndb_struct_na_base_pair_step.j_label_seq_id_1 
_ndb_struct_na_base_pair_step.j_symmetry_1 
_ndb_struct_na_base_pair_step.i_label_asym_id_2 
_ndb_struct_na_base_pair_step.i_label_comp_id_2 
_ndb_struct_na_base_pair_step.i_label_seq_id_2 
_ndb_struct_na_base_pair_step.i_symmetry_2 
_ndb_struct_na_base_pair_step.j_label_asym_id_2 
_ndb_struct_na_base_pair_step.j_label_comp_id_2 
_ndb_struct_na_base_pair_step.j_label_seq_id_2 
_ndb_struct_na_base_pair_step.j_symmetry_2 
_ndb_struct_na_base_pair_step.shift 
_ndb_struct_na_base_pair_step.slide 
_ndb_struct_na_base_pair_step.rise 
_ndb_struct_na_base_pair_step.tilt 
_ndb_struct_na_base_pair_step.roll 
_ndb_struct_na_base_pair_step.twist 
_ndb_struct_na_base_pair_step.x_displacement 
_ndb_struct_na_base_pair_step.y_displacement 
_ndb_struct_na_base_pair_step.helical_rise 
_ndb_struct_na_base_pair_step.inclination 
_ndb_struct_na_base_pair_step.tip 
_ndb_struct_na_base_pair_step.helical_twist 
_ndb_struct_na_base_pair_step.step_number 
_ndb_struct_na_base_pair_step.step_name 
_ndb_struct_na_base_pair_step.i_auth_asym_id_1 
_ndb_struct_na_base_pair_step.i_auth_seq_id_1 
_ndb_struct_na_base_pair_step.i_PDB_ins_code_1 
_ndb_struct_na_base_pair_step.j_auth_asym_id_1 
_ndb_struct_na_base_pair_step.j_auth_seq_id_1 
_ndb_struct_na_base_pair_step.j_PDB_ins_code_1 
_ndb_struct_na_base_pair_step.i_auth_asym_id_2 
_ndb_struct_na_base_pair_step.i_auth_seq_id_2 
_ndb_struct_na_base_pair_step.i_PDB_ins_code_2 
_ndb_struct_na_base_pair_step.j_auth_asym_id_2 
_ndb_struct_na_base_pair_step.j_auth_seq_id_2 
_ndb_struct_na_base_pair_step.j_PDB_ins_code_2 
1 A DG 3  1_555 D DC 8 1_555 A DC 4  1_555 D DG 7 1_555 0.568  -0.480 3.185 2.484  4.910  34.916 -1.495 -0.580 3.122 8.120  -4.107 
35.333 1  AA_DG2DC3:DG16DC17_DD A 2  ? D 17 ? A 3  ? D 16 ? 
1 A DC 4  1_555 D DG 7 1_555 A DA 5  1_555 D DT 6 1_555 0.061  1.577  3.301 -1.299 0.850  42.784 2.075  -0.216 3.327 1.165  1.780  
42.811 2  AA_DC3DA4:DT15DG16_DD A 3  ? D 16 ? A 4  ? D 15 ? 
1 A DA 5  1_555 D DT 6 1_555 A DG 6  1_555 D DC 5 1_555 0.250  0.199  3.362 1.094  2.351  30.665 -0.099 -0.250 3.374 4.435  -2.064 
30.771 3  AA_DA4DG5:DC14DT15_DD A 4  ? D 15 ? A 5  ? D 14 ? 
1 A DG 6  1_555 D DC 5 1_555 A DA 7  1_555 D DT 4 1_555 -0.640 0.066  3.395 -3.700 1.487  38.915 -0.089 0.490  3.440 2.225  5.537  
39.111 4  AA_DG5DA6:DT13DC14_DD A 5  ? D 14 ? A 6  ? D 13 ? 
1 A DA 7  1_555 D DT 4 1_555 A DC 8  1_555 D DG 3 1_555 0.559  -1.206 3.189 -1.350 2.841  29.486 -2.929 -1.364 3.034 5.562  2.642  
29.650 5  AA_DA6DC7:DG12DT13_DD A 6  ? D 13 ? A 7  ? D 12 ? 
1 A DC 8  1_555 D DG 3 1_555 A DC 9  1_555 D DG 2 1_555 0.429  -0.671 3.339 -1.609 0.793  36.071 -1.197 -0.922 3.303 1.280  2.597  
36.115 6  AA_DC7DC8:DG11DG12_DD A 7  ? D 12 ? A 8  ? D 11 ? 
1 A DC 9  1_555 D DG 2 1_555 A DT 10 1_555 D DA 1 1_555 -0.113 -1.356 3.331 0.925  -0.023 35.663 -2.210 0.320  3.328 -0.038 -1.510 
35.675 7  AA_DC8DT9:DA10DG11_DD A 8  ? D 11 ? A 9  ? D 10 ? 
1 A DT 10 1_555 D DA 1 1_555 A DG 11 1_555 B DC 5 1_555 -0.682 0.092  3.282 0.427  2.615  30.449 -0.346 1.379  3.269 4.968  -0.812 
30.561 8  AA_DT9DG10:DC5DA10_BD A 9  ? D 10 ? A 10 ? B 5  ? 
1 A DG 11 1_555 B DC 5 1_555 A DA 12 1_555 B DT 4 1_555 -1.076 0.224  3.237 -1.330 5.669  33.732 -0.515 1.619  3.269 9.680  2.271  
34.217 9  AA_DG10DA11:DT4DC5_BB A 10 ? B 5  ? A 11 ? B 4  ? 
1 A DA 12 1_555 B DT 4 1_555 A DC 13 1_555 B DG 3 1_555 0.900  -0.621 3.636 1.533  -1.817 26.290 -0.815 -1.512 3.715 -3.985 -3.362 
26.396 10 AA_DA11DC12:DG3DT4_BB A 11 ? B 4  ? A 12 ? B 3  ? 
1 A DC 13 1_555 B DG 3 1_555 A DG 14 1_555 B DC 2 1_555 0.548  -0.378 3.076 3.019  2.707  33.049 -1.086 -0.482 3.073 4.737  -5.282 
33.290 11 AA_DC12DG13:DC2DG3_BB A 12 ? B 3  ? A 13 ? B 2  ? 
1 A DG 14 1_555 B DC 2 1_555 A DA 15 1_555 B DT 1 1_555 -0.347 -0.201 2.917 -2.465 1.039  43.938 -0.356 0.255  2.926 1.387  3.291  
44.015 12 AA_DG13DA14:DT1DC2_BB A 13 ? B 2  ? A 14 ? B 1  ? 
1 A DA 15 1_555 B DT 1 1_555 A DC 16 1_555 C DG 8 1_555 -0.738 -0.876 3.503 -0.841 4.091  28.253 -2.758 1.294  3.366 8.322  1.711  
28.554 13 AA_DA14DC15:DG9DT1_CB A 14 ? B 1  ? A 15 ? C 9  ? 
1 A DC 16 1_555 C DG 8 1_555 A DA 17 1_555 C DT 7 1_555 0.014  0.222  3.083 -5.488 5.433  31.290 -0.520 -0.954 3.032 9.885  9.986  
32.205 14 AA_DC15DA16:DT8DG9_CC A 15 ? C 9  ? A 16 ? C 8  ? 
1 A DA 17 1_555 C DT 7 1_555 A DA 18 1_555 C DT 6 1_555 -0.386 -0.138 3.770 2.287  2.857  37.767 -0.631 0.929  3.722 4.402  -3.522 
37.938 15 AA_DA16DA17:DT7DT8_CC A 16 ? C 8  ? A 17 ? C 7  ? 
1 A DA 18 1_555 C DT 6 1_555 A DT 19 1_555 C DA 5 1_555 -0.237 -0.843 3.341 -4.942 -3.088 32.028 -0.943 -0.474 3.403 -5.540 8.865  
32.540 16 AA_DA17DT18:DA6DT7_CC A 17 ? C 7  ? A 18 ? C 6  ? 
1 A DT 19 1_555 C DA 5 1_555 A DT 20 1_555 C DA 4 1_555 0.362  -0.087 3.166 0.798  -4.153 38.651 0.360  -0.449 3.164 -6.251 -1.202 
38.873 17 AA_DT18DT19:DA5DA6_CC A 18 ? C 6  ? A 19 ? C 5  ? 
1 A DT 20 1_555 C DA 4 1_555 A DA 21 1_555 C DT 3 1_555 -0.816 0.065  3.093 0.574  -1.074 40.046 0.211  1.253  3.079 -1.568 -0.839 
40.064 18 AA_DT19DA20:DT4DA5_CC A 19 ? C 5  ? A 20 ? C 4  ? 
# 
loop_
_pdbx_audit_support.funding_organization 
_pdbx_audit_support.country 
_pdbx_audit_support.grant_number 
_pdbx_audit_support.ordinal 
'National Science Foundation (NSF, United States)'                                         'United States' 1360635     1 
'National Institutes of Health/National Institute of General Medical Sciences (NIH/NIGMS)' 'United States' R01GM104960 2 
'National Science Foundation (NSF, United States)'                                         'United States' NSF2004250  3 
# 
_pdbx_entity_nonpoly.entity_id   5 
_pdbx_entity_nonpoly.name        NETROPSIN 
_pdbx_entity_nonpoly.comp_id     NT 
# 
_pdbx_initial_refinement_model.id               1 
_pdbx_initial_refinement_model.entity_id_list   ? 
_pdbx_initial_refinement_model.type             'experimental model' 
_pdbx_initial_refinement_model.source_name      PDB 
_pdbx_initial_refinement_model.accession_code   5KEK 
_pdbx_initial_refinement_model.details          ? 
# 
